data_3KT9
# 
_entry.id   3KT9 
# 
_audit_conform.dict_name       mmcif_pdbx.dic 
_audit_conform.dict_version    5.387 
_audit_conform.dict_location   http://mmcif.pdb.org/dictionaries/ascii/mmcif_pdbx.dic 
# 
loop_
_database_2.database_id 
_database_2.database_code 
_database_2.pdbx_database_accession 
_database_2.pdbx_DOI 
PDB   3KT9         pdb_00003kt9 10.2210/pdb3kt9/pdb 
RCSB  RCSB056419   ?            ?                   
WWPDB D_1000056419 ?            ?                   
# 
loop_
_pdbx_audit_revision_history.ordinal 
_pdbx_audit_revision_history.data_content_type 
_pdbx_audit_revision_history.major_revision 
_pdbx_audit_revision_history.minor_revision 
_pdbx_audit_revision_history.revision_date 
1 'Structure model' 1 0 2010-01-26 
2 'Structure model' 1 1 2011-07-13 
3 'Structure model' 1 2 2017-11-01 
4 'Structure model' 1 3 2024-02-21 
# 
_pdbx_audit_revision_details.ordinal             1 
_pdbx_audit_revision_details.revision_ordinal    1 
_pdbx_audit_revision_details.data_content_type   'Structure model' 
_pdbx_audit_revision_details.provider            repository 
_pdbx_audit_revision_details.type                'Initial release' 
_pdbx_audit_revision_details.description         ? 
_pdbx_audit_revision_details.details             ? 
# 
loop_
_pdbx_audit_revision_group.ordinal 
_pdbx_audit_revision_group.revision_ordinal 
_pdbx_audit_revision_group.data_content_type 
_pdbx_audit_revision_group.group 
1 2 'Structure model' 'Version format compliance' 
2 3 'Structure model' 'Refinement description'    
3 4 'Structure model' 'Data collection'           
4 4 'Structure model' 'Database references'       
# 
loop_
_pdbx_audit_revision_category.ordinal 
_pdbx_audit_revision_category.revision_ordinal 
_pdbx_audit_revision_category.data_content_type 
_pdbx_audit_revision_category.category 
1 3 'Structure model' software       
2 4 'Structure model' chem_comp_atom 
3 4 'Structure model' chem_comp_bond 
4 4 'Structure model' database_2     
# 
loop_
_pdbx_audit_revision_item.ordinal 
_pdbx_audit_revision_item.revision_ordinal 
_pdbx_audit_revision_item.data_content_type 
_pdbx_audit_revision_item.item 
1 4 'Structure model' '_database_2.pdbx_DOI'                
2 4 'Structure model' '_database_2.pdbx_database_accession' 
# 
_pdbx_database_status.entry_id                        3KT9 
_pdbx_database_status.deposit_site                    RCSB 
_pdbx_database_status.process_site                    RCSB 
_pdbx_database_status.recvd_initial_deposition_date   2009-11-24 
_pdbx_database_status.status_code                     REL 
_pdbx_database_status.status_code_sf                  REL 
_pdbx_database_status.status_code_mr                  ? 
_pdbx_database_status.SG_entry                        ? 
_pdbx_database_status.pdb_format_compatible           Y 
_pdbx_database_status.status_code_cs                  ? 
_pdbx_database_status.methods_development_category    ? 
_pdbx_database_status.status_code_nmr_data            ? 
# 
loop_
_audit_author.name 
_audit_author.pdbx_ordinal 
'Cherry, A.L.'  1 
'Smerdon, S.J.' 2 
# 
_citation.id                        primary 
_citation.title                     
'CK2 phosphorylation-dependent interaction between aprataxin and MDC1 in the DNA damage response.' 
_citation.journal_abbrev            'Nucleic Acids Res.' 
_citation.journal_volume            38 
_citation.page_first                1489 
_citation.page_last                 1503 
_citation.year                      2010 
_citation.journal_id_ASTM           NARHAD 
_citation.country                   UK 
_citation.journal_id_ISSN           0305-1048 
_citation.journal_id_CSD            0389 
_citation.book_publisher            ? 
_citation.pdbx_database_id_PubMed   20008512 
_citation.pdbx_database_id_DOI      10.1093/nar/gkp1149 
# 
loop_
_citation_author.citation_id 
_citation_author.name 
_citation_author.ordinal 
_citation_author.identifier_ORCID 
primary 'Becherel, O.J.'     1  ? 
primary 'Jakob, B.'          2  ? 
primary 'Cherry, A.L.'       3  ? 
primary 'Gueven, N.'         4  ? 
primary 'Fusser, M.'         5  ? 
primary 'Kijas, A.W.'        6  ? 
primary 'Peng, C.'           7  ? 
primary 'Katyal, S.'         8  ? 
primary 'McKinnon, P.J.'     9  ? 
primary 'Chen, J.'           10 ? 
primary 'Epe, B.'            11 ? 
primary 'Smerdon, S.J.'      12 ? 
primary 'Taucher-Scholz, G.' 13 ? 
primary 'Lavin, M.F.'        14 ? 
# 
loop_
_entity.id 
_entity.type 
_entity.src_method 
_entity.pdbx_description 
_entity.formula_weight 
_entity.pdbx_number_of_molecules 
_entity.pdbx_ec 
_entity.pdbx_mutation 
_entity.pdbx_fragment 
_entity.details 
1 polymer man Aprataxin 11789.759 1   3.-.-.- ? 'FHA domain' ? 
2 water   nat water     18.015    165 ?       ? ?            ? 
# 
_entity_name_com.entity_id   1 
_entity_name_com.name        'Forkhead-associated domain histidine triad-like protein, FHA-HIT' 
# 
_entity_poly.entity_id                      1 
_entity_poly.type                           'polypeptide(L)' 
_entity_poly.nstd_linkage                   no 
_entity_poly.nstd_monomer                   no 
_entity_poly.pdbx_seq_one_letter_code       
;MMRVCWLVRQDSRHQRIRLPHLEAVVIGRGPETKITDKKCSRQQVQLKAECNKGYVKVKQVGVNPTSIDSVVIGKDQEVK
LQPGQVLHMVNELYPYIVEFEE
;
_entity_poly.pdbx_seq_one_letter_code_can   
;MMRVCWLVRQDSRHQRIRLPHLEAVVIGRGPETKITDKKCSRQQVQLKAECNKGYVKVKQVGVNPTSIDSVVIGKDQEVK
LQPGQVLHMVNELYPYIVEFEE
;
_entity_poly.pdbx_strand_id                 A 
_entity_poly.pdbx_target_identifier         ? 
# 
_pdbx_entity_nonpoly.entity_id   2 
_pdbx_entity_nonpoly.name        water 
_pdbx_entity_nonpoly.comp_id     HOH 
# 
loop_
_entity_poly_seq.entity_id 
_entity_poly_seq.num 
_entity_poly_seq.mon_id 
_entity_poly_seq.hetero 
1 1   MET n 
1 2   MET n 
1 3   ARG n 
1 4   VAL n 
1 5   CYS n 
1 6   TRP n 
1 7   LEU n 
1 8   VAL n 
1 9   ARG n 
1 10  GLN n 
1 11  ASP n 
1 12  SER n 
1 13  ARG n 
1 14  HIS n 
1 15  GLN n 
1 16  ARG n 
1 17  ILE n 
1 18  ARG n 
1 19  LEU n 
1 20  PRO n 
1 21  HIS n 
1 22  LEU n 
1 23  GLU n 
1 24  ALA n 
1 25  VAL n 
1 26  VAL n 
1 27  ILE n 
1 28  GLY n 
1 29  ARG n 
1 30  GLY n 
1 31  PRO n 
1 32  GLU n 
1 33  THR n 
1 34  LYS n 
1 35  ILE n 
1 36  THR n 
1 37  ASP n 
1 38  LYS n 
1 39  LYS n 
1 40  CYS n 
1 41  SER n 
1 42  ARG n 
1 43  GLN n 
1 44  GLN n 
1 45  VAL n 
1 46  GLN n 
1 47  LEU n 
1 48  LYS n 
1 49  ALA n 
1 50  GLU n 
1 51  CYS n 
1 52  ASN n 
1 53  LYS n 
1 54  GLY n 
1 55  TYR n 
1 56  VAL n 
1 57  LYS n 
1 58  VAL n 
1 59  LYS n 
1 60  GLN n 
1 61  VAL n 
1 62  GLY n 
1 63  VAL n 
1 64  ASN n 
1 65  PRO n 
1 66  THR n 
1 67  SER n 
1 68  ILE n 
1 69  ASP n 
1 70  SER n 
1 71  VAL n 
1 72  VAL n 
1 73  ILE n 
1 74  GLY n 
1 75  LYS n 
1 76  ASP n 
1 77  GLN n 
1 78  GLU n 
1 79  VAL n 
1 80  LYS n 
1 81  LEU n 
1 82  GLN n 
1 83  PRO n 
1 84  GLY n 
1 85  GLN n 
1 86  VAL n 
1 87  LEU n 
1 88  HIS n 
1 89  MET n 
1 90  VAL n 
1 91  ASN n 
1 92  GLU n 
1 93  LEU n 
1 94  TYR n 
1 95  PRO n 
1 96  TYR n 
1 97  ILE n 
1 98  VAL n 
1 99  GLU n 
1 100 PHE n 
1 101 GLU n 
1 102 GLU n 
# 
_entity_src_gen.entity_id                          1 
_entity_src_gen.pdbx_src_id                        1 
_entity_src_gen.pdbx_alt_source_flag               sample 
_entity_src_gen.pdbx_seq_type                      ? 
_entity_src_gen.pdbx_beg_seq_num                   ? 
_entity_src_gen.pdbx_end_seq_num                   ? 
_entity_src_gen.gene_src_common_name               human 
_entity_src_gen.gene_src_genus                     ? 
_entity_src_gen.pdbx_gene_src_gene                 'APTX, AXA1' 
_entity_src_gen.gene_src_species                   ? 
_entity_src_gen.gene_src_strain                    ? 
_entity_src_gen.gene_src_tissue                    ? 
_entity_src_gen.gene_src_tissue_fraction           ? 
_entity_src_gen.gene_src_details                   ? 
_entity_src_gen.pdbx_gene_src_fragment             ? 
_entity_src_gen.pdbx_gene_src_scientific_name      'Homo sapiens' 
_entity_src_gen.pdbx_gene_src_ncbi_taxonomy_id     9606 
_entity_src_gen.pdbx_gene_src_variant              ? 
_entity_src_gen.pdbx_gene_src_cell_line            ? 
_entity_src_gen.pdbx_gene_src_atcc                 ? 
_entity_src_gen.pdbx_gene_src_organ                ? 
_entity_src_gen.pdbx_gene_src_organelle            ? 
_entity_src_gen.pdbx_gene_src_cell                 ? 
_entity_src_gen.pdbx_gene_src_cellular_location    ? 
_entity_src_gen.host_org_common_name               ? 
_entity_src_gen.pdbx_host_org_scientific_name      'Escherichia coli' 
_entity_src_gen.pdbx_host_org_ncbi_taxonomy_id     469008 
_entity_src_gen.host_org_genus                     ? 
_entity_src_gen.pdbx_host_org_gene                 ? 
_entity_src_gen.pdbx_host_org_organ                ? 
_entity_src_gen.host_org_species                   ? 
_entity_src_gen.pdbx_host_org_tissue               ? 
_entity_src_gen.pdbx_host_org_tissue_fraction      ? 
_entity_src_gen.pdbx_host_org_strain               'BL21 (DE3)' 
_entity_src_gen.pdbx_host_org_variant              ? 
_entity_src_gen.pdbx_host_org_cell_line            ? 
_entity_src_gen.pdbx_host_org_atcc                 ? 
_entity_src_gen.pdbx_host_org_culture_collection   ? 
_entity_src_gen.pdbx_host_org_cell                 ? 
_entity_src_gen.pdbx_host_org_organelle            ? 
_entity_src_gen.pdbx_host_org_cellular_location    ? 
_entity_src_gen.pdbx_host_org_vector_type          plasmid 
_entity_src_gen.pdbx_host_org_vector               ? 
_entity_src_gen.host_org_details                   ? 
_entity_src_gen.expression_system_id               ? 
_entity_src_gen.plasmid_name                       pGEX-6P 
_entity_src_gen.plasmid_details                    ? 
_entity_src_gen.pdbx_description                   ? 
# 
loop_
_chem_comp.id 
_chem_comp.type 
_chem_comp.mon_nstd_flag 
_chem_comp.name 
_chem_comp.pdbx_synonyms 
_chem_comp.formula 
_chem_comp.formula_weight 
ALA 'L-peptide linking' y ALANINE         ? 'C3 H7 N O2'     89.093  
ARG 'L-peptide linking' y ARGININE        ? 'C6 H15 N4 O2 1' 175.209 
ASN 'L-peptide linking' y ASPARAGINE      ? 'C4 H8 N2 O3'    132.118 
ASP 'L-peptide linking' y 'ASPARTIC ACID' ? 'C4 H7 N O4'     133.103 
CYS 'L-peptide linking' y CYSTEINE        ? 'C3 H7 N O2 S'   121.158 
GLN 'L-peptide linking' y GLUTAMINE       ? 'C5 H10 N2 O3'   146.144 
GLU 'L-peptide linking' y 'GLUTAMIC ACID' ? 'C5 H9 N O4'     147.129 
GLY 'peptide linking'   y GLYCINE         ? 'C2 H5 N O2'     75.067  
HIS 'L-peptide linking' y HISTIDINE       ? 'C6 H10 N3 O2 1' 156.162 
HOH non-polymer         . WATER           ? 'H2 O'           18.015  
ILE 'L-peptide linking' y ISOLEUCINE      ? 'C6 H13 N O2'    131.173 
LEU 'L-peptide linking' y LEUCINE         ? 'C6 H13 N O2'    131.173 
LYS 'L-peptide linking' y LYSINE          ? 'C6 H15 N2 O2 1' 147.195 
MET 'L-peptide linking' y METHIONINE      ? 'C5 H11 N O2 S'  149.211 
PHE 'L-peptide linking' y PHENYLALANINE   ? 'C9 H11 N O2'    165.189 
PRO 'L-peptide linking' y PROLINE         ? 'C5 H9 N O2'     115.130 
SER 'L-peptide linking' y SERINE          ? 'C3 H7 N O3'     105.093 
THR 'L-peptide linking' y THREONINE       ? 'C4 H9 N O3'     119.119 
TRP 'L-peptide linking' y TRYPTOPHAN      ? 'C11 H12 N2 O2'  204.225 
TYR 'L-peptide linking' y TYROSINE        ? 'C9 H11 N O3'    181.189 
VAL 'L-peptide linking' y VALINE          ? 'C5 H11 N O2'    117.146 
# 
loop_
_pdbx_poly_seq_scheme.asym_id 
_pdbx_poly_seq_scheme.entity_id 
_pdbx_poly_seq_scheme.seq_id 
_pdbx_poly_seq_scheme.mon_id 
_pdbx_poly_seq_scheme.ndb_seq_num 
_pdbx_poly_seq_scheme.pdb_seq_num 
_pdbx_poly_seq_scheme.auth_seq_num 
_pdbx_poly_seq_scheme.pdb_mon_id 
_pdbx_poly_seq_scheme.auth_mon_id 
_pdbx_poly_seq_scheme.pdb_strand_id 
_pdbx_poly_seq_scheme.pdb_ins_code 
_pdbx_poly_seq_scheme.hetero 
A 1 1   MET 1   1   1   MET MET A . n 
A 1 2   MET 2   2   2   MET MET A . n 
A 1 3   ARG 3   3   3   ARG ARG A . n 
A 1 4   VAL 4   4   4   VAL VAL A . n 
A 1 5   CYS 5   5   5   CYS CYS A . n 
A 1 6   TRP 6   6   6   TRP TRP A . n 
A 1 7   LEU 7   7   7   LEU LEU A . n 
A 1 8   VAL 8   8   8   VAL VAL A . n 
A 1 9   ARG 9   9   9   ARG ARG A . n 
A 1 10  GLN 10  10  10  GLN GLN A . n 
A 1 11  ASP 11  11  11  ASP ASP A . n 
A 1 12  SER 12  12  12  SER SER A . n 
A 1 13  ARG 13  13  13  ARG ARG A . n 
A 1 14  HIS 14  14  14  HIS HIS A . n 
A 1 15  GLN 15  15  15  GLN GLN A . n 
A 1 16  ARG 16  16  16  ARG ARG A . n 
A 1 17  ILE 17  17  17  ILE ILE A . n 
A 1 18  ARG 18  18  18  ARG ARG A . n 
A 1 19  LEU 19  19  19  LEU LEU A . n 
A 1 20  PRO 20  20  20  PRO PRO A . n 
A 1 21  HIS 21  21  21  HIS HIS A . n 
A 1 22  LEU 22  22  22  LEU LEU A . n 
A 1 23  GLU 23  23  23  GLU GLU A . n 
A 1 24  ALA 24  24  24  ALA ALA A . n 
A 1 25  VAL 25  25  25  VAL VAL A . n 
A 1 26  VAL 26  26  26  VAL VAL A . n 
A 1 27  ILE 27  27  27  ILE ILE A . n 
A 1 28  GLY 28  28  28  GLY GLY A . n 
A 1 29  ARG 29  29  29  ARG ARG A . n 
A 1 30  GLY 30  30  30  GLY GLY A . n 
A 1 31  PRO 31  31  31  PRO PRO A . n 
A 1 32  GLU 32  32  32  GLU GLU A . n 
A 1 33  THR 33  33  33  THR THR A . n 
A 1 34  LYS 34  34  34  LYS LYS A . n 
A 1 35  ILE 35  35  35  ILE ILE A . n 
A 1 36  THR 36  36  36  THR THR A . n 
A 1 37  ASP 37  37  37  ASP ASP A . n 
A 1 38  LYS 38  38  38  LYS LYS A . n 
A 1 39  LYS 39  39  39  LYS LYS A . n 
A 1 40  CYS 40  40  40  CYS CYS A . n 
A 1 41  SER 41  41  41  SER SER A . n 
A 1 42  ARG 42  42  42  ARG ARG A . n 
A 1 43  GLN 43  43  43  GLN GLN A . n 
A 1 44  GLN 44  44  44  GLN GLN A . n 
A 1 45  VAL 45  45  45  VAL VAL A . n 
A 1 46  GLN 46  46  46  GLN GLN A . n 
A 1 47  LEU 47  47  47  LEU LEU A . n 
A 1 48  LYS 48  48  48  LYS LYS A . n 
A 1 49  ALA 49  49  49  ALA ALA A . n 
A 1 50  GLU 50  50  50  GLU GLU A . n 
A 1 51  CYS 51  51  51  CYS CYS A . n 
A 1 52  ASN 52  52  52  ASN ASN A . n 
A 1 53  LYS 53  53  53  LYS LYS A . n 
A 1 54  GLY 54  54  54  GLY GLY A . n 
A 1 55  TYR 55  55  55  TYR TYR A . n 
A 1 56  VAL 56  56  56  VAL VAL A . n 
A 1 57  LYS 57  57  57  LYS LYS A . n 
A 1 58  VAL 58  58  58  VAL VAL A . n 
A 1 59  LYS 59  59  59  LYS LYS A . n 
A 1 60  GLN 60  60  60  GLN GLN A . n 
A 1 61  VAL 61  61  61  VAL VAL A . n 
A 1 62  GLY 62  62  62  GLY GLY A . n 
A 1 63  VAL 63  63  63  VAL VAL A . n 
A 1 64  ASN 64  64  64  ASN ASN A . n 
A 1 65  PRO 65  65  65  PRO PRO A . n 
A 1 66  THR 66  66  66  THR THR A . n 
A 1 67  SER 67  67  67  SER SER A . n 
A 1 68  ILE 68  68  68  ILE ILE A . n 
A 1 69  ASP 69  69  69  ASP ASP A . n 
A 1 70  SER 70  70  70  SER SER A . n 
A 1 71  VAL 71  71  71  VAL VAL A . n 
A 1 72  VAL 72  72  72  VAL VAL A . n 
A 1 73  ILE 73  73  73  ILE ILE A . n 
A 1 74  GLY 74  74  74  GLY GLY A . n 
A 1 75  LYS 75  75  75  LYS LYS A . n 
A 1 76  ASP 76  76  76  ASP ASP A . n 
A 1 77  GLN 77  77  77  GLN GLN A . n 
A 1 78  GLU 78  78  78  GLU GLU A . n 
A 1 79  VAL 79  79  79  VAL VAL A . n 
A 1 80  LYS 80  80  80  LYS LYS A . n 
A 1 81  LEU 81  81  81  LEU LEU A . n 
A 1 82  GLN 82  82  82  GLN GLN A . n 
A 1 83  PRO 83  83  83  PRO PRO A . n 
A 1 84  GLY 84  84  84  GLY GLY A . n 
A 1 85  GLN 85  85  85  GLN GLN A . n 
A 1 86  VAL 86  86  86  VAL VAL A . n 
A 1 87  LEU 87  87  87  LEU LEU A . n 
A 1 88  HIS 88  88  88  HIS HIS A . n 
A 1 89  MET 89  89  89  MET MET A . n 
A 1 90  VAL 90  90  90  VAL VAL A . n 
A 1 91  ASN 91  91  91  ASN ASN A . n 
A 1 92  GLU 92  92  92  GLU GLU A . n 
A 1 93  LEU 93  93  93  LEU LEU A . n 
A 1 94  TYR 94  94  94  TYR TYR A . n 
A 1 95  PRO 95  95  95  PRO PRO A . n 
A 1 96  TYR 96  96  96  TYR TYR A . n 
A 1 97  ILE 97  97  97  ILE ILE A . n 
A 1 98  VAL 98  98  98  VAL VAL A . n 
A 1 99  GLU 99  99  99  GLU GLU A . n 
A 1 100 PHE 100 100 100 PHE PHE A . n 
A 1 101 GLU 101 101 101 GLU GLU A . n 
A 1 102 GLU 102 102 102 GLU GLU A . n 
# 
loop_
_pdbx_nonpoly_scheme.asym_id 
_pdbx_nonpoly_scheme.entity_id 
_pdbx_nonpoly_scheme.mon_id 
_pdbx_nonpoly_scheme.ndb_seq_num 
_pdbx_nonpoly_scheme.pdb_seq_num 
_pdbx_nonpoly_scheme.auth_seq_num 
_pdbx_nonpoly_scheme.pdb_mon_id 
_pdbx_nonpoly_scheme.auth_mon_id 
_pdbx_nonpoly_scheme.pdb_strand_id 
_pdbx_nonpoly_scheme.pdb_ins_code 
B 2 HOH 1   103 103 HOH HOH A . 
B 2 HOH 2   104 104 HOH HOH A . 
B 2 HOH 3   105 105 HOH HOH A . 
B 2 HOH 4   106 106 HOH HOH A . 
B 2 HOH 5   107 107 HOH HOH A . 
B 2 HOH 6   108 108 HOH HOH A . 
B 2 HOH 7   109 109 HOH HOH A . 
B 2 HOH 8   110 110 HOH HOH A . 
B 2 HOH 9   111 1   HOH HOH A . 
B 2 HOH 10  112 112 HOH HOH A . 
B 2 HOH 11  113 113 HOH HOH A . 
B 2 HOH 12  114 114 HOH HOH A . 
B 2 HOH 13  115 115 HOH HOH A . 
B 2 HOH 14  116 116 HOH HOH A . 
B 2 HOH 15  117 117 HOH HOH A . 
B 2 HOH 16  118 118 HOH HOH A . 
B 2 HOH 17  119 119 HOH HOH A . 
B 2 HOH 18  120 120 HOH HOH A . 
B 2 HOH 19  121 121 HOH HOH A . 
B 2 HOH 20  122 122 HOH HOH A . 
B 2 HOH 21  123 123 HOH HOH A . 
B 2 HOH 22  124 124 HOH HOH A . 
B 2 HOH 23  125 125 HOH HOH A . 
B 2 HOH 24  126 126 HOH HOH A . 
B 2 HOH 25  127 2   HOH HOH A . 
B 2 HOH 26  128 3   HOH HOH A . 
B 2 HOH 27  129 4   HOH HOH A . 
B 2 HOH 28  130 130 HOH HOH A . 
B 2 HOH 29  131 131 HOH HOH A . 
B 2 HOH 30  132 5   HOH HOH A . 
B 2 HOH 31  133 133 HOH HOH A . 
B 2 HOH 32  134 134 HOH HOH A . 
B 2 HOH 33  135 135 HOH HOH A . 
B 2 HOH 34  136 136 HOH HOH A . 
B 2 HOH 35  137 6   HOH HOH A . 
B 2 HOH 36  138 7   HOH HOH A . 
B 2 HOH 37  139 8   HOH HOH A . 
B 2 HOH 38  140 140 HOH HOH A . 
B 2 HOH 39  141 9   HOH HOH A . 
B 2 HOH 40  142 10  HOH HOH A . 
B 2 HOH 41  143 143 HOH HOH A . 
B 2 HOH 42  144 144 HOH HOH A . 
B 2 HOH 43  145 11  HOH HOH A . 
B 2 HOH 44  146 146 HOH HOH A . 
B 2 HOH 45  147 147 HOH HOH A . 
B 2 HOH 46  148 12  HOH HOH A . 
B 2 HOH 47  149 13  HOH HOH A . 
B 2 HOH 48  150 150 HOH HOH A . 
B 2 HOH 49  151 151 HOH HOH A . 
B 2 HOH 50  152 152 HOH HOH A . 
B 2 HOH 51  153 14  HOH HOH A . 
B 2 HOH 52  154 154 HOH HOH A . 
B 2 HOH 53  155 155 HOH HOH A . 
B 2 HOH 54  156 156 HOH HOH A . 
B 2 HOH 55  157 157 HOH HOH A . 
B 2 HOH 56  158 158 HOH HOH A . 
B 2 HOH 57  159 159 HOH HOH A . 
B 2 HOH 58  160 160 HOH HOH A . 
B 2 HOH 59  161 15  HOH HOH A . 
B 2 HOH 60  162 16  HOH HOH A . 
B 2 HOH 61  163 163 HOH HOH A . 
B 2 HOH 62  164 17  HOH HOH A . 
B 2 HOH 63  165 18  HOH HOH A . 
B 2 HOH 64  166 19  HOH HOH A . 
B 2 HOH 65  167 167 HOH HOH A . 
B 2 HOH 66  168 168 HOH HOH A . 
B 2 HOH 67  169 20  HOH HOH A . 
B 2 HOH 68  170 170 HOH HOH A . 
B 2 HOH 69  171 171 HOH HOH A . 
B 2 HOH 70  172 172 HOH HOH A . 
B 2 HOH 71  173 173 HOH HOH A . 
B 2 HOH 72  174 174 HOH HOH A . 
B 2 HOH 73  175 175 HOH HOH A . 
B 2 HOH 74  176 176 HOH HOH A . 
B 2 HOH 75  177 21  HOH HOH A . 
B 2 HOH 76  178 22  HOH HOH A . 
B 2 HOH 77  179 23  HOH HOH A . 
B 2 HOH 78  180 24  HOH HOH A . 
B 2 HOH 79  181 181 HOH HOH A . 
B 2 HOH 80  182 25  HOH HOH A . 
B 2 HOH 81  183 183 HOH HOH A . 
B 2 HOH 82  184 184 HOH HOH A . 
B 2 HOH 83  185 26  HOH HOH A . 
B 2 HOH 84  186 186 HOH HOH A . 
B 2 HOH 85  187 187 HOH HOH A . 
B 2 HOH 86  188 188 HOH HOH A . 
B 2 HOH 87  189 27  HOH HOH A . 
B 2 HOH 88  190 190 HOH HOH A . 
B 2 HOH 89  191 28  HOH HOH A . 
B 2 HOH 90  192 29  HOH HOH A . 
B 2 HOH 91  193 193 HOH HOH A . 
B 2 HOH 92  194 194 HOH HOH A . 
B 2 HOH 93  195 195 HOH HOH A . 
B 2 HOH 94  196 30  HOH HOH A . 
B 2 HOH 95  197 31  HOH HOH A . 
B 2 HOH 96  198 32  HOH HOH A . 
B 2 HOH 97  199 33  HOH HOH A . 
B 2 HOH 98  200 34  HOH HOH A . 
B 2 HOH 99  201 35  HOH HOH A . 
B 2 HOH 100 202 36  HOH HOH A . 
B 2 HOH 101 203 37  HOH HOH A . 
B 2 HOH 102 204 38  HOH HOH A . 
B 2 HOH 103 205 39  HOH HOH A . 
B 2 HOH 104 206 40  HOH HOH A . 
B 2 HOH 105 207 41  HOH HOH A . 
B 2 HOH 106 208 42  HOH HOH A . 
B 2 HOH 107 209 43  HOH HOH A . 
B 2 HOH 108 210 44  HOH HOH A . 
B 2 HOH 109 211 45  HOH HOH A . 
B 2 HOH 110 212 46  HOH HOH A . 
B 2 HOH 111 213 47  HOH HOH A . 
B 2 HOH 112 214 48  HOH HOH A . 
B 2 HOH 113 215 49  HOH HOH A . 
B 2 HOH 114 216 50  HOH HOH A . 
B 2 HOH 115 217 51  HOH HOH A . 
B 2 HOH 116 218 52  HOH HOH A . 
B 2 HOH 117 219 53  HOH HOH A . 
B 2 HOH 118 220 54  HOH HOH A . 
B 2 HOH 119 221 55  HOH HOH A . 
B 2 HOH 120 222 56  HOH HOH A . 
B 2 HOH 121 223 57  HOH HOH A . 
B 2 HOH 122 224 58  HOH HOH A . 
B 2 HOH 123 225 59  HOH HOH A . 
B 2 HOH 124 226 60  HOH HOH A . 
B 2 HOH 125 227 61  HOH HOH A . 
B 2 HOH 126 228 62  HOH HOH A . 
B 2 HOH 127 229 63  HOH HOH A . 
B 2 HOH 128 230 64  HOH HOH A . 
B 2 HOH 129 231 65  HOH HOH A . 
B 2 HOH 130 232 66  HOH HOH A . 
B 2 HOH 131 233 67  HOH HOH A . 
B 2 HOH 132 234 68  HOH HOH A . 
B 2 HOH 133 235 69  HOH HOH A . 
B 2 HOH 134 236 70  HOH HOH A . 
B 2 HOH 135 237 71  HOH HOH A . 
B 2 HOH 136 238 72  HOH HOH A . 
B 2 HOH 137 239 73  HOH HOH A . 
B 2 HOH 138 240 74  HOH HOH A . 
B 2 HOH 139 241 75  HOH HOH A . 
B 2 HOH 140 242 76  HOH HOH A . 
B 2 HOH 141 243 77  HOH HOH A . 
B 2 HOH 142 244 78  HOH HOH A . 
B 2 HOH 143 245 79  HOH HOH A . 
B 2 HOH 144 246 80  HOH HOH A . 
B 2 HOH 145 247 81  HOH HOH A . 
B 2 HOH 146 248 82  HOH HOH A . 
B 2 HOH 147 249 83  HOH HOH A . 
B 2 HOH 148 250 84  HOH HOH A . 
B 2 HOH 149 251 85  HOH HOH A . 
B 2 HOH 150 252 86  HOH HOH A . 
B 2 HOH 151 253 87  HOH HOH A . 
B 2 HOH 152 254 88  HOH HOH A . 
B 2 HOH 153 255 89  HOH HOH A . 
B 2 HOH 154 256 90  HOH HOH A . 
B 2 HOH 155 257 91  HOH HOH A . 
B 2 HOH 156 258 92  HOH HOH A . 
B 2 HOH 157 259 93  HOH HOH A . 
B 2 HOH 158 260 94  HOH HOH A . 
B 2 HOH 159 261 95  HOH HOH A . 
B 2 HOH 160 262 96  HOH HOH A . 
B 2 HOH 161 263 97  HOH HOH A . 
B 2 HOH 162 264 99  HOH HOH A . 
B 2 HOH 163 265 100 HOH HOH A . 
B 2 HOH 164 266 101 HOH HOH A . 
B 2 HOH 165 267 102 HOH HOH A . 
# 
loop_
_software.pdbx_ordinal 
_software.name 
_software.version 
_software.date 
_software.type 
_software.contact_author 
_software.contact_author_email 
_software.classification 
_software.location 
_software.language 
_software.citation_id 
1 DENZO       .     ?               package 'Zbyszek Otwinowski' hkl@hkl-xray.com      'data reduction'  http://www.hkl-xray.com/ 
?          ? 
2 SCALEPACK   .     ?               package 'Zbyszek Otwinowski' hkl@hkl-xray.com      'data scaling'    http://www.hkl-xray.com/ 
?          ? 
3 AMoRE       .     ?               program 'Jorge Navaza'       ccp4@ccp4.ac.uk       phasing           http://www.ccp4.ac.uk/ 
Fortran_77 ? 
4 REFMAC      .     ?               program 'Garib N. Murshudov' garib@ysbl.york.ac.uk refinement        
http://www.ccp4.ac.uk/dist/html/refmac5.html Fortran_77 ? 
5 PDB_EXTRACT 3.005 'June 11, 2008' package PDB                  help@deposit.rcsb.org 'data extraction' 
http://sw-tools.pdb.org/apps/PDB_EXTRACT/    C++        ? 
# 
_cell.length_a           65.949 
_cell.length_b           40.554 
_cell.length_c           42.477 
_cell.angle_alpha        90.000 
_cell.angle_beta         110.240 
_cell.angle_gamma        90.000 
_cell.entry_id           3KT9 
_cell.pdbx_unique_axis   ? 
_cell.Z_PDB              4 
_cell.length_a_esd       ? 
_cell.length_b_esd       ? 
_cell.length_c_esd       ? 
_cell.angle_alpha_esd    ? 
_cell.angle_beta_esd     ? 
_cell.angle_gamma_esd    ? 
# 
_symmetry.space_group_name_H-M             'C 1 2 1' 
_symmetry.entry_id                         3KT9 
_symmetry.Int_Tables_number                5 
_symmetry.pdbx_full_space_group_name_H-M   ? 
_symmetry.cell_setting                     ? 
_symmetry.space_group_name_Hall            ? 
# 
_exptl.crystals_number   1 
_exptl.entry_id          3KT9 
_exptl.method            'X-RAY DIFFRACTION' 
# 
_exptl_crystal.id                    1 
_exptl_crystal.density_Matthews      2.26 
_exptl_crystal.density_meas          ? 
_exptl_crystal.density_percent_sol   45.58 
_exptl_crystal.description           ? 
_exptl_crystal.F_000                 ? 
_exptl_crystal.preparation           ? 
# 
_exptl_crystal_grow.crystal_id      1 
_exptl_crystal_grow.method          'VAPOR DIFFUSION, HANGING DROP' 
_exptl_crystal_grow.pH              7.5 
_exptl_crystal_grow.temp            291 
_exptl_crystal_grow.pdbx_details    'Ammonium fluoride, PEG 3350, pH 7.5, vapor diffusion, hanging drop, temperature 291K' 
_exptl_crystal_grow.temp_details    ? 
_exptl_crystal_grow.pdbx_pH_range   ? 
# 
_diffrn.id                     1 
_diffrn.ambient_temp           100 
_diffrn.ambient_temp_details   ? 
_diffrn.crystal_id             1 
# 
_diffrn_detector.diffrn_id              1 
_diffrn_detector.detector               'IMAGE PLATE' 
_diffrn_detector.type                   'RIGAKU RAXIS IV++' 
_diffrn_detector.pdbx_collection_date   2007-07-06 
_diffrn_detector.details                'Osmic Confocal optics' 
# 
_diffrn_radiation.diffrn_id                        1 
_diffrn_radiation.pdbx_diffrn_protocol             'SINGLE WAVELENGTH' 
_diffrn_radiation.monochromator                    ? 
_diffrn_radiation.wavelength_id                    1 
_diffrn_radiation.pdbx_monochromatic_or_laue_m_l   M 
_diffrn_radiation.pdbx_scattering_type             x-ray 
# 
_diffrn_radiation_wavelength.id           1 
_diffrn_radiation_wavelength.wavelength   1.54180 
_diffrn_radiation_wavelength.wt           1.0 
# 
_diffrn_source.diffrn_id                   1 
_diffrn_source.source                      'ROTATING ANODE' 
_diffrn_source.type                        RIGAKU 
_diffrn_source.pdbx_wavelength_list        1.54180 
_diffrn_source.pdbx_wavelength             ? 
_diffrn_source.pdbx_synchrotron_site       ? 
_diffrn_source.pdbx_synchrotron_beamline   ? 
# 
_reflns.entry_id                     3KT9 
_reflns.d_resolution_high            1.650 
_reflns.d_resolution_low             15.000 
_reflns.number_obs                   11553 
_reflns.pdbx_Rmerge_I_obs            0.052 
_reflns.pdbx_netI_over_sigmaI        19.300 
_reflns.pdbx_chi_squared             1.076 
_reflns.pdbx_redundancy              5.100 
_reflns.percent_possible_obs         90.100 
_reflns.observed_criterion_sigma_F   ? 
_reflns.observed_criterion_sigma_I   ? 
_reflns.number_all                   ? 
_reflns.pdbx_Rsym_value              ? 
_reflns.B_iso_Wilson_estimate        ? 
_reflns.R_free_details               ? 
_reflns.limit_h_max                  ? 
_reflns.limit_h_min                  ? 
_reflns.limit_k_max                  ? 
_reflns.limit_k_min                  ? 
_reflns.limit_l_max                  ? 
_reflns.limit_l_min                  ? 
_reflns.observed_criterion_F_max     ? 
_reflns.observed_criterion_F_min     ? 
_reflns.pdbx_scaling_rejects         ? 
_reflns.pdbx_diffrn_id               1 
_reflns.pdbx_ordinal                 1 
# 
loop_
_reflns_shell.d_res_high 
_reflns_shell.d_res_low 
_reflns_shell.number_measured_obs 
_reflns_shell.number_measured_all 
_reflns_shell.number_unique_obs 
_reflns_shell.Rmerge_I_obs 
_reflns_shell.meanI_over_sigI_obs 
_reflns_shell.pdbx_Rsym_value 
_reflns_shell.pdbx_chi_squared 
_reflns_shell.pdbx_redundancy 
_reflns_shell.percent_possible_obs 
_reflns_shell.number_unique_all 
_reflns_shell.percent_possible_all 
_reflns_shell.pdbx_diffrn_id 
_reflns_shell.pdbx_ordinal 
1.65 1.72  ? ? ? 0.299 ? ? 1.173 2.80 ? 1018 63.60 ? 1 
1.72 1.82  ? ? ? 0.230 ? ? 1.142 4.10 ? 1395 88.20 ? 2 
1.82 1.93  ? ? ? 0.175 ? ? 1.133 5.00 ? 1474 91.20 ? 3 
1.93 2.08  ? ? ? 0.118 ? ? 1.134 5.50 ? 1458 93.40 ? 4 
2.08 2.29  ? ? ? 0.082 ? ? 1.065 5.60 ? 1510 93.70 ? 5 
2.29 2.62  ? ? ? 0.063 ? ? 1.082 5.60 ? 1521 95.40 ? 6 
2.62 3.29  ? ? ? 0.045 ? ? 1.048 5.60 ? 1567 96.80 ? 7 
3.29 15.00 ? ? ? 0.034 ? ? 0.948 5.50 ? 1610 98.10 ? 8 
# 
_refine.entry_id                                 3KT9 
_refine.ls_d_res_high                            1.650 
_refine.ls_d_res_low                             15 
_refine.pdbx_ls_sigma_F                          0.00 
_refine.pdbx_data_cutoff_high_absF               ? 
_refine.pdbx_data_cutoff_low_absF                ? 
_refine.ls_percent_reflns_obs                    90.130 
_refine.ls_number_reflns_obs                     11548 
_refine.ls_number_reflns_all                     ? 
_refine.pdbx_ls_cross_valid_method               THROUGHOUT 
_refine.pdbx_R_Free_selection_details            RANDOM 
_refine.details                                  ? 
_refine.ls_R_factor_all                          ? 
_refine.ls_R_factor_obs                          0.206 
_refine.ls_R_factor_R_work                       0.205 
_refine.ls_wR_factor_R_work                      0.207 
_refine.ls_R_factor_R_free                       0.237 
_refine.ls_wR_factor_R_free                      0.243 
_refine.ls_percent_reflns_R_free                 4.900 
_refine.ls_number_reflns_R_free                  568 
_refine.ls_R_factor_R_free_error                 ? 
_refine.B_iso_mean                               19.980 
_refine.solvent_model_param_bsol                 ? 
_refine.solvent_model_param_ksol                 ? 
_refine.pdbx_isotropic_thermal_model             ? 
_refine.aniso_B[1][1]                            -0.270 
_refine.aniso_B[2][2]                            -0.200 
_refine.aniso_B[3][3]                            0.540 
_refine.aniso_B[1][2]                            0.000 
_refine.aniso_B[1][3]                            0.110 
_refine.aniso_B[2][3]                            0.000 
_refine.correlation_coeff_Fo_to_Fc               0.951 
_refine.correlation_coeff_Fo_to_Fc_free          0.941 
_refine.overall_SU_R_Cruickshank_DPI             0.133 
_refine.overall_SU_R_free                        0.122 
_refine.pdbx_overall_ESU_R                       0.133 
_refine.pdbx_overall_ESU_R_Free                  0.123 
_refine.overall_SU_ML                            0.078 
_refine.overall_SU_B                             2.276 
_refine.solvent_model_details                    'BABINET MODEL WITH MASK' 
_refine.pdbx_solvent_vdw_probe_radii             1.200 
_refine.pdbx_solvent_ion_probe_radii             0.800 
_refine.pdbx_solvent_shrinkage_radii             0.800 
_refine.ls_number_parameters                     ? 
_refine.ls_number_restraints                     ? 
_refine.pdbx_starting_model                      ? 
_refine.pdbx_method_to_determine_struct          'MOLECULAR REPLACEMENT' 
_refine.pdbx_stereochemistry_target_values       'MAXIMUM LIKELIHOOD' 
_refine.pdbx_stereochem_target_val_spec_case     ? 
_refine.overall_FOM_work_R_set                   0.828 
_refine.B_iso_max                                52.35 
_refine.B_iso_min                                11.93 
_refine.occupancy_max                            1.00 
_refine.occupancy_min                            0.50 
_refine.pdbx_ls_sigma_I                          ? 
_refine.ls_redundancy_reflns_obs                 ? 
_refine.ls_R_factor_R_free_error_details         ? 
_refine.pdbx_data_cutoff_high_rms_absF           ? 
_refine.overall_FOM_free_R_set                   ? 
_refine.pdbx_overall_phase_error                 ? 
_refine.pdbx_refine_id                           'X-RAY DIFFRACTION' 
_refine.pdbx_diffrn_id                           1 
_refine.pdbx_TLS_residual_ADP_flag               ? 
_refine.pdbx_overall_SU_R_free_Cruickshank_DPI   ? 
_refine.pdbx_overall_SU_R_Blow_DPI               ? 
_refine.pdbx_overall_SU_R_free_Blow_DPI          ? 
# 
_refine_hist.pdbx_refine_id                   'X-RAY DIFFRACTION' 
_refine_hist.cycle_id                         LAST 
_refine_hist.pdbx_number_atoms_protein        823 
_refine_hist.pdbx_number_atoms_nucleic_acid   0 
_refine_hist.pdbx_number_atoms_ligand         0 
_refine_hist.number_atoms_solvent             165 
_refine_hist.number_atoms_total               988 
_refine_hist.d_res_high                       1.650 
_refine_hist.d_res_low                        15 
# 
loop_
_refine_ls_restr.type 
_refine_ls_restr.number 
_refine_ls_restr.dev_ideal 
_refine_ls_restr.dev_ideal_target 
_refine_ls_restr.weight 
_refine_ls_restr.pdbx_refine_id 
_refine_ls_restr.pdbx_restraint_function 
r_bond_refined_d         836  0.006  0.022  ? 'X-RAY DIFFRACTION' ? 
r_angle_refined_deg      1126 0.999  1.966  ? 'X-RAY DIFFRACTION' ? 
r_dihedral_angle_1_deg   101  6.078  5.000  ? 'X-RAY DIFFRACTION' ? 
r_dihedral_angle_2_deg   39   38.668 24.359 ? 'X-RAY DIFFRACTION' ? 
r_dihedral_angle_3_deg   166  12.250 15.000 ? 'X-RAY DIFFRACTION' ? 
r_dihedral_angle_4_deg   7    15.605 15.000 ? 'X-RAY DIFFRACTION' ? 
r_chiral_restr           127  0.077  0.200  ? 'X-RAY DIFFRACTION' ? 
r_gen_planes_refined     614  0.003  0.020  ? 'X-RAY DIFFRACTION' ? 
r_nbd_refined            359  0.163  0.200  ? 'X-RAY DIFFRACTION' ? 
r_nbtor_refined          555  0.293  0.200  ? 'X-RAY DIFFRACTION' ? 
r_xyhbond_nbd_refined    133  0.085  0.200  ? 'X-RAY DIFFRACTION' ? 
r_symmetry_vdw_refined   40   0.111  0.200  ? 'X-RAY DIFFRACTION' ? 
r_symmetry_hbond_refined 30   0.095  0.200  ? 'X-RAY DIFFRACTION' ? 
r_mcbond_it              529  0.422  1.500  ? 'X-RAY DIFFRACTION' ? 
r_mcangle_it             832  0.737  2.000  ? 'X-RAY DIFFRACTION' ? 
r_scbond_it              346  0.994  3.000  ? 'X-RAY DIFFRACTION' ? 
r_scangle_it             294  1.713  4.500  ? 'X-RAY DIFFRACTION' ? 
# 
_refine_ls_shell.d_res_high                       1.650 
_refine_ls_shell.d_res_low                        1.693 
_refine_ls_shell.pdbx_total_number_of_bins_used   20 
_refine_ls_shell.percent_reflns_obs               55.560 
_refine_ls_shell.number_reflns_R_work             501 
_refine_ls_shell.R_factor_all                     ? 
_refine_ls_shell.R_factor_R_work                  0.417 
_refine_ls_shell.R_factor_R_free                  0.422 
_refine_ls_shell.percent_reflns_R_free            ? 
_refine_ls_shell.number_reflns_R_free             29 
_refine_ls_shell.R_factor_R_free_error            ? 
_refine_ls_shell.number_reflns_all                530 
_refine_ls_shell.number_reflns_obs                ? 
_refine_ls_shell.redundancy_reflns_obs            ? 
_refine_ls_shell.pdbx_refine_id                   'X-RAY DIFFRACTION' 
# 
_struct.entry_id                  3KT9 
_struct.title                     'Aprataxin FHA Domain' 
_struct.pdbx_model_details        ? 
_struct.pdbx_CASP_flag            ? 
_struct.pdbx_model_type_details   ? 
# 
_struct_keywords.entry_id        3KT9 
_struct_keywords.text            
;FHA domain, beta sandwich, beta sheet, AMP hydrolase, Alternative splicing, Disease mutation, DNA damage, DNA repair, DNA-binding, Hydrolase, Metal-binding, Neurodegeneration, Nucleus, Zinc, Zinc-finger
;
_struct_keywords.pdbx_keywords   HYDROLASE 
# 
loop_
_struct_asym.id 
_struct_asym.pdbx_blank_PDB_chainid_flag 
_struct_asym.pdbx_modified 
_struct_asym.entity_id 
_struct_asym.details 
A N N 1 ? 
B N N 2 ? 
# 
_struct_ref.id                         1 
_struct_ref.db_name                    UNP 
_struct_ref.db_code                    APTX_HUMAN 
_struct_ref.pdbx_db_accession          Q5T784 
_struct_ref.entity_id                  1 
_struct_ref.pdbx_seq_one_letter_code   
;MMRVCWLVRQDSRHQRIRLPHLEAVVIGRGPETKITDKKCSRQQVQLKAECNKGYVKVKQVGVNPTSIDSVVIGKDQEVK
LQPGQVLHMVNELYPYIVEFEE
;
_struct_ref.pdbx_align_begin           15 
_struct_ref.pdbx_db_isoform            ? 
# 
_struct_ref_seq.align_id                      1 
_struct_ref_seq.ref_id                        1 
_struct_ref_seq.pdbx_PDB_id_code              3KT9 
_struct_ref_seq.pdbx_strand_id                A 
_struct_ref_seq.seq_align_beg                 1 
_struct_ref_seq.pdbx_seq_align_beg_ins_code   ? 
_struct_ref_seq.seq_align_end                 102 
_struct_ref_seq.pdbx_seq_align_end_ins_code   ? 
_struct_ref_seq.pdbx_db_accession             Q5T784 
_struct_ref_seq.db_align_beg                  15 
_struct_ref_seq.pdbx_db_align_beg_ins_code    ? 
_struct_ref_seq.db_align_end                  116 
_struct_ref_seq.pdbx_db_align_end_ins_code    ? 
_struct_ref_seq.pdbx_auth_seq_align_beg       1 
_struct_ref_seq.pdbx_auth_seq_align_end       102 
# 
_pdbx_struct_assembly.id                   1 
_pdbx_struct_assembly.details              software_defined_assembly 
_pdbx_struct_assembly.method_details       PISA 
_pdbx_struct_assembly.oligomeric_details   monomeric 
_pdbx_struct_assembly.oligomeric_count     1 
# 
_pdbx_struct_assembly_gen.assembly_id       1 
_pdbx_struct_assembly_gen.oper_expression   1 
_pdbx_struct_assembly_gen.asym_id_list      A,B 
# 
_pdbx_struct_oper_list.id                   1 
_pdbx_struct_oper_list.type                 'identity operation' 
_pdbx_struct_oper_list.name                 1_555 
_pdbx_struct_oper_list.symmetry_operation   x,y,z 
_pdbx_struct_oper_list.matrix[1][1]         1.0000000000 
_pdbx_struct_oper_list.matrix[1][2]         0.0000000000 
_pdbx_struct_oper_list.matrix[1][3]         0.0000000000 
_pdbx_struct_oper_list.vector[1]            0.0000000000 
_pdbx_struct_oper_list.matrix[2][1]         0.0000000000 
_pdbx_struct_oper_list.matrix[2][2]         1.0000000000 
_pdbx_struct_oper_list.matrix[2][3]         0.0000000000 
_pdbx_struct_oper_list.vector[2]            0.0000000000 
_pdbx_struct_oper_list.matrix[3][1]         0.0000000000 
_pdbx_struct_oper_list.matrix[3][2]         0.0000000000 
_pdbx_struct_oper_list.matrix[3][3]         1.0000000000 
_pdbx_struct_oper_list.vector[3]            0.0000000000 
# 
_struct_biol.id        1 
_struct_biol.details   ? 
# 
loop_
_struct_sheet.id 
_struct_sheet.type 
_struct_sheet.number_strands 
_struct_sheet.details 
A ? 6 ? 
B ? 4 ? 
# 
loop_
_struct_sheet_order.sheet_id 
_struct_sheet_order.range_id_1 
_struct_sheet_order.range_id_2 
_struct_sheet_order.offset 
_struct_sheet_order.sense 
A 1 2 ? anti-parallel 
A 2 3 ? anti-parallel 
A 3 4 ? anti-parallel 
A 4 5 ? anti-parallel 
A 5 6 ? anti-parallel 
B 1 2 ? anti-parallel 
B 2 3 ? anti-parallel 
B 3 4 ? anti-parallel 
# 
loop_
_struct_sheet_range.sheet_id 
_struct_sheet_range.id 
_struct_sheet_range.beg_label_comp_id 
_struct_sheet_range.beg_label_asym_id 
_struct_sheet_range.beg_label_seq_id 
_struct_sheet_range.pdbx_beg_PDB_ins_code 
_struct_sheet_range.end_label_comp_id 
_struct_sheet_range.end_label_asym_id 
_struct_sheet_range.end_label_seq_id 
_struct_sheet_range.pdbx_end_PDB_ins_code 
_struct_sheet_range.beg_auth_comp_id 
_struct_sheet_range.beg_auth_asym_id 
_struct_sheet_range.beg_auth_seq_id 
_struct_sheet_range.end_auth_comp_id 
_struct_sheet_range.end_auth_asym_id 
_struct_sheet_range.end_auth_seq_id 
A 1 ARG A 16 ? ARG A 18  ? ARG A 16 ARG A 18  
A 2 VAL A 4  ? ARG A 9   ? VAL A 4  ARG A 9   
A 3 LEU A 93 ? GLU A 101 ? LEU A 93 GLU A 101 
A 4 LEU A 87 ? VAL A 90  ? LEU A 87 VAL A 90  
A 5 SER A 67 ? ILE A 68  ? SER A 67 ILE A 68  
A 6 VAL A 71 ? VAL A 72  ? VAL A 71 VAL A 72  
B 1 ALA A 24 ? ILE A 27  ? ALA A 24 ILE A 27  
B 2 VAL A 45 ? GLU A 50  ? VAL A 45 GLU A 50  
B 3 TYR A 55 ? GLN A 60  ? TYR A 55 GLN A 60  
B 4 GLU A 78 ? LEU A 81  ? GLU A 78 LEU A 81  
# 
loop_
_pdbx_struct_sheet_hbond.sheet_id 
_pdbx_struct_sheet_hbond.range_id_1 
_pdbx_struct_sheet_hbond.range_id_2 
_pdbx_struct_sheet_hbond.range_1_label_atom_id 
_pdbx_struct_sheet_hbond.range_1_label_comp_id 
_pdbx_struct_sheet_hbond.range_1_label_asym_id 
_pdbx_struct_sheet_hbond.range_1_label_seq_id 
_pdbx_struct_sheet_hbond.range_1_PDB_ins_code 
_pdbx_struct_sheet_hbond.range_1_auth_atom_id 
_pdbx_struct_sheet_hbond.range_1_auth_comp_id 
_pdbx_struct_sheet_hbond.range_1_auth_asym_id 
_pdbx_struct_sheet_hbond.range_1_auth_seq_id 
_pdbx_struct_sheet_hbond.range_2_label_atom_id 
_pdbx_struct_sheet_hbond.range_2_label_comp_id 
_pdbx_struct_sheet_hbond.range_2_label_asym_id 
_pdbx_struct_sheet_hbond.range_2_label_seq_id 
_pdbx_struct_sheet_hbond.range_2_PDB_ins_code 
_pdbx_struct_sheet_hbond.range_2_auth_atom_id 
_pdbx_struct_sheet_hbond.range_2_auth_comp_id 
_pdbx_struct_sheet_hbond.range_2_auth_asym_id 
_pdbx_struct_sheet_hbond.range_2_auth_seq_id 
A 1 2 O ILE A 17 ? O ILE A 17 N LEU A 7   ? N LEU A 7   
A 2 3 N VAL A 4  ? N VAL A 4  O GLU A 101 ? O GLU A 101 
A 3 4 O TYR A 96 ? O TYR A 96 N LEU A 87  ? N LEU A 87  
A 4 5 O HIS A 88 ? O HIS A 88 N SER A 67  ? N SER A 67  
A 5 6 N ILE A 68 ? N ILE A 68 O VAL A 71  ? O VAL A 71  
B 1 2 N VAL A 25 ? N VAL A 25 O LEU A 47  ? O LEU A 47  
B 2 3 N GLU A 50 ? N GLU A 50 O TYR A 55  ? O TYR A 55  
B 3 4 N VAL A 56 ? N VAL A 56 O LEU A 81  ? O LEU A 81  
# 
loop_
_pdbx_validate_torsion.id 
_pdbx_validate_torsion.PDB_model_num 
_pdbx_validate_torsion.auth_comp_id 
_pdbx_validate_torsion.auth_asym_id 
_pdbx_validate_torsion.auth_seq_id 
_pdbx_validate_torsion.PDB_ins_code 
_pdbx_validate_torsion.label_alt_id 
_pdbx_validate_torsion.phi 
_pdbx_validate_torsion.psi 
1 1 SER A 12 ? ? -154.75 73.73 
2 1 SER A 70 ? ? 78.04   -8.31 
3 1 ASP A 76 ? ? 69.72   -0.20 
4 1 TYR A 94 ? ? 64.36   75.77 
# 
_pdbx_struct_special_symmetry.id              1 
_pdbx_struct_special_symmetry.PDB_model_num   1 
_pdbx_struct_special_symmetry.auth_asym_id    A 
_pdbx_struct_special_symmetry.auth_comp_id    HOH 
_pdbx_struct_special_symmetry.auth_seq_id     182 
_pdbx_struct_special_symmetry.PDB_ins_code    ? 
_pdbx_struct_special_symmetry.label_asym_id   B 
_pdbx_struct_special_symmetry.label_comp_id   HOH 
_pdbx_struct_special_symmetry.label_seq_id    . 
# 
_pdbx_phasing_MR.entry_id                     3KT9 
_pdbx_phasing_MR.method_rotation              ? 
_pdbx_phasing_MR.method_translation           ? 
_pdbx_phasing_MR.model_details                ? 
_pdbx_phasing_MR.R_factor                     0.531 
_pdbx_phasing_MR.R_rigid_body                 ? 
_pdbx_phasing_MR.correlation_coeff_Fo_to_Fc   0.311 
_pdbx_phasing_MR.correlation_coeff_Io_to_Ic   0.301 
_pdbx_phasing_MR.d_res_high_rotation          2.800 
_pdbx_phasing_MR.d_res_low_rotation           100.000 
_pdbx_phasing_MR.d_res_high_translation       2.800 
_pdbx_phasing_MR.d_res_low_translation        8.000 
_pdbx_phasing_MR.packing                      ? 
_pdbx_phasing_MR.reflns_percent_rotation      ? 
_pdbx_phasing_MR.reflns_percent_translation   ? 
_pdbx_phasing_MR.sigma_F_rotation             ? 
_pdbx_phasing_MR.sigma_F_translation          ? 
_pdbx_phasing_MR.sigma_I_rotation             ? 
_pdbx_phasing_MR.sigma_I_translation          ? 
# 
_phasing.method   MR 
# 
loop_
_chem_comp_atom.comp_id 
_chem_comp_atom.atom_id 
_chem_comp_atom.type_symbol 
_chem_comp_atom.pdbx_aromatic_flag 
_chem_comp_atom.pdbx_stereo_config 
_chem_comp_atom.pdbx_ordinal 
ALA N    N N N 1   
ALA CA   C N S 2   
ALA C    C N N 3   
ALA O    O N N 4   
ALA CB   C N N 5   
ALA OXT  O N N 6   
ALA H    H N N 7   
ALA H2   H N N 8   
ALA HA   H N N 9   
ALA HB1  H N N 10  
ALA HB2  H N N 11  
ALA HB3  H N N 12  
ALA HXT  H N N 13  
ARG N    N N N 14  
ARG CA   C N S 15  
ARG C    C N N 16  
ARG O    O N N 17  
ARG CB   C N N 18  
ARG CG   C N N 19  
ARG CD   C N N 20  
ARG NE   N N N 21  
ARG CZ   C N N 22  
ARG NH1  N N N 23  
ARG NH2  N N N 24  
ARG OXT  O N N 25  
ARG H    H N N 26  
ARG H2   H N N 27  
ARG HA   H N N 28  
ARG HB2  H N N 29  
ARG HB3  H N N 30  
ARG HG2  H N N 31  
ARG HG3  H N N 32  
ARG HD2  H N N 33  
ARG HD3  H N N 34  
ARG HE   H N N 35  
ARG HH11 H N N 36  
ARG HH12 H N N 37  
ARG HH21 H N N 38  
ARG HH22 H N N 39  
ARG HXT  H N N 40  
ASN N    N N N 41  
ASN CA   C N S 42  
ASN C    C N N 43  
ASN O    O N N 44  
ASN CB   C N N 45  
ASN CG   C N N 46  
ASN OD1  O N N 47  
ASN ND2  N N N 48  
ASN OXT  O N N 49  
ASN H    H N N 50  
ASN H2   H N N 51  
ASN HA   H N N 52  
ASN HB2  H N N 53  
ASN HB3  H N N 54  
ASN HD21 H N N 55  
ASN HD22 H N N 56  
ASN HXT  H N N 57  
ASP N    N N N 58  
ASP CA   C N S 59  
ASP C    C N N 60  
ASP O    O N N 61  
ASP CB   C N N 62  
ASP CG   C N N 63  
ASP OD1  O N N 64  
ASP OD2  O N N 65  
ASP OXT  O N N 66  
ASP H    H N N 67  
ASP H2   H N N 68  
ASP HA   H N N 69  
ASP HB2  H N N 70  
ASP HB3  H N N 71  
ASP HD2  H N N 72  
ASP HXT  H N N 73  
CYS N    N N N 74  
CYS CA   C N R 75  
CYS C    C N N 76  
CYS O    O N N 77  
CYS CB   C N N 78  
CYS SG   S N N 79  
CYS OXT  O N N 80  
CYS H    H N N 81  
CYS H2   H N N 82  
CYS HA   H N N 83  
CYS HB2  H N N 84  
CYS HB3  H N N 85  
CYS HG   H N N 86  
CYS HXT  H N N 87  
GLN N    N N N 88  
GLN CA   C N S 89  
GLN C    C N N 90  
GLN O    O N N 91  
GLN CB   C N N 92  
GLN CG   C N N 93  
GLN CD   C N N 94  
GLN OE1  O N N 95  
GLN NE2  N N N 96  
GLN OXT  O N N 97  
GLN H    H N N 98  
GLN H2   H N N 99  
GLN HA   H N N 100 
GLN HB2  H N N 101 
GLN HB3  H N N 102 
GLN HG2  H N N 103 
GLN HG3  H N N 104 
GLN HE21 H N N 105 
GLN HE22 H N N 106 
GLN HXT  H N N 107 
GLU N    N N N 108 
GLU CA   C N S 109 
GLU C    C N N 110 
GLU O    O N N 111 
GLU CB   C N N 112 
GLU CG   C N N 113 
GLU CD   C N N 114 
GLU OE1  O N N 115 
GLU OE2  O N N 116 
GLU OXT  O N N 117 
GLU H    H N N 118 
GLU H2   H N N 119 
GLU HA   H N N 120 
GLU HB2  H N N 121 
GLU HB3  H N N 122 
GLU HG2  H N N 123 
GLU HG3  H N N 124 
GLU HE2  H N N 125 
GLU HXT  H N N 126 
GLY N    N N N 127 
GLY CA   C N N 128 
GLY C    C N N 129 
GLY O    O N N 130 
GLY OXT  O N N 131 
GLY H    H N N 132 
GLY H2   H N N 133 
GLY HA2  H N N 134 
GLY HA3  H N N 135 
GLY HXT  H N N 136 
HIS N    N N N 137 
HIS CA   C N S 138 
HIS C    C N N 139 
HIS O    O N N 140 
HIS CB   C N N 141 
HIS CG   C Y N 142 
HIS ND1  N Y N 143 
HIS CD2  C Y N 144 
HIS CE1  C Y N 145 
HIS NE2  N Y N 146 
HIS OXT  O N N 147 
HIS H    H N N 148 
HIS H2   H N N 149 
HIS HA   H N N 150 
HIS HB2  H N N 151 
HIS HB3  H N N 152 
HIS HD1  H N N 153 
HIS HD2  H N N 154 
HIS HE1  H N N 155 
HIS HE2  H N N 156 
HIS HXT  H N N 157 
HOH O    O N N 158 
HOH H1   H N N 159 
HOH H2   H N N 160 
ILE N    N N N 161 
ILE CA   C N S 162 
ILE C    C N N 163 
ILE O    O N N 164 
ILE CB   C N S 165 
ILE CG1  C N N 166 
ILE CG2  C N N 167 
ILE CD1  C N N 168 
ILE OXT  O N N 169 
ILE H    H N N 170 
ILE H2   H N N 171 
ILE HA   H N N 172 
ILE HB   H N N 173 
ILE HG12 H N N 174 
ILE HG13 H N N 175 
ILE HG21 H N N 176 
ILE HG22 H N N 177 
ILE HG23 H N N 178 
ILE HD11 H N N 179 
ILE HD12 H N N 180 
ILE HD13 H N N 181 
ILE HXT  H N N 182 
LEU N    N N N 183 
LEU CA   C N S 184 
LEU C    C N N 185 
LEU O    O N N 186 
LEU CB   C N N 187 
LEU CG   C N N 188 
LEU CD1  C N N 189 
LEU CD2  C N N 190 
LEU OXT  O N N 191 
LEU H    H N N 192 
LEU H2   H N N 193 
LEU HA   H N N 194 
LEU HB2  H N N 195 
LEU HB3  H N N 196 
LEU HG   H N N 197 
LEU HD11 H N N 198 
LEU HD12 H N N 199 
LEU HD13 H N N 200 
LEU HD21 H N N 201 
LEU HD22 H N N 202 
LEU HD23 H N N 203 
LEU HXT  H N N 204 
LYS N    N N N 205 
LYS CA   C N S 206 
LYS C    C N N 207 
LYS O    O N N 208 
LYS CB   C N N 209 
LYS CG   C N N 210 
LYS CD   C N N 211 
LYS CE   C N N 212 
LYS NZ   N N N 213 
LYS OXT  O N N 214 
LYS H    H N N 215 
LYS H2   H N N 216 
LYS HA   H N N 217 
LYS HB2  H N N 218 
LYS HB3  H N N 219 
LYS HG2  H N N 220 
LYS HG3  H N N 221 
LYS HD2  H N N 222 
LYS HD3  H N N 223 
LYS HE2  H N N 224 
LYS HE3  H N N 225 
LYS HZ1  H N N 226 
LYS HZ2  H N N 227 
LYS HZ3  H N N 228 
LYS HXT  H N N 229 
MET N    N N N 230 
MET CA   C N S 231 
MET C    C N N 232 
MET O    O N N 233 
MET CB   C N N 234 
MET CG   C N N 235 
MET SD   S N N 236 
MET CE   C N N 237 
MET OXT  O N N 238 
MET H    H N N 239 
MET H2   H N N 240 
MET HA   H N N 241 
MET HB2  H N N 242 
MET HB3  H N N 243 
MET HG2  H N N 244 
MET HG3  H N N 245 
MET HE1  H N N 246 
MET HE2  H N N 247 
MET HE3  H N N 248 
MET HXT  H N N 249 
PHE N    N N N 250 
PHE CA   C N S 251 
PHE C    C N N 252 
PHE O    O N N 253 
PHE CB   C N N 254 
PHE CG   C Y N 255 
PHE CD1  C Y N 256 
PHE CD2  C Y N 257 
PHE CE1  C Y N 258 
PHE CE2  C Y N 259 
PHE CZ   C Y N 260 
PHE OXT  O N N 261 
PHE H    H N N 262 
PHE H2   H N N 263 
PHE HA   H N N 264 
PHE HB2  H N N 265 
PHE HB3  H N N 266 
PHE HD1  H N N 267 
PHE HD2  H N N 268 
PHE HE1  H N N 269 
PHE HE2  H N N 270 
PHE HZ   H N N 271 
PHE HXT  H N N 272 
PRO N    N N N 273 
PRO CA   C N S 274 
PRO C    C N N 275 
PRO O    O N N 276 
PRO CB   C N N 277 
PRO CG   C N N 278 
PRO CD   C N N 279 
PRO OXT  O N N 280 
PRO H    H N N 281 
PRO HA   H N N 282 
PRO HB2  H N N 283 
PRO HB3  H N N 284 
PRO HG2  H N N 285 
PRO HG3  H N N 286 
PRO HD2  H N N 287 
PRO HD3  H N N 288 
PRO HXT  H N N 289 
SER N    N N N 290 
SER CA   C N S 291 
SER C    C N N 292 
SER O    O N N 293 
SER CB   C N N 294 
SER OG   O N N 295 
SER OXT  O N N 296 
SER H    H N N 297 
SER H2   H N N 298 
SER HA   H N N 299 
SER HB2  H N N 300 
SER HB3  H N N 301 
SER HG   H N N 302 
SER HXT  H N N 303 
THR N    N N N 304 
THR CA   C N S 305 
THR C    C N N 306 
THR O    O N N 307 
THR CB   C N R 308 
THR OG1  O N N 309 
THR CG2  C N N 310 
THR OXT  O N N 311 
THR H    H N N 312 
THR H2   H N N 313 
THR HA   H N N 314 
THR HB   H N N 315 
THR HG1  H N N 316 
THR HG21 H N N 317 
THR HG22 H N N 318 
THR HG23 H N N 319 
THR HXT  H N N 320 
TRP N    N N N 321 
TRP CA   C N S 322 
TRP C    C N N 323 
TRP O    O N N 324 
TRP CB   C N N 325 
TRP CG   C Y N 326 
TRP CD1  C Y N 327 
TRP CD2  C Y N 328 
TRP NE1  N Y N 329 
TRP CE2  C Y N 330 
TRP CE3  C Y N 331 
TRP CZ2  C Y N 332 
TRP CZ3  C Y N 333 
TRP CH2  C Y N 334 
TRP OXT  O N N 335 
TRP H    H N N 336 
TRP H2   H N N 337 
TRP HA   H N N 338 
TRP HB2  H N N 339 
TRP HB3  H N N 340 
TRP HD1  H N N 341 
TRP HE1  H N N 342 
TRP HE3  H N N 343 
TRP HZ2  H N N 344 
TRP HZ3  H N N 345 
TRP HH2  H N N 346 
TRP HXT  H N N 347 
TYR N    N N N 348 
TYR CA   C N S 349 
TYR C    C N N 350 
TYR O    O N N 351 
TYR CB   C N N 352 
TYR CG   C Y N 353 
TYR CD1  C Y N 354 
TYR CD2  C Y N 355 
TYR CE1  C Y N 356 
TYR CE2  C Y N 357 
TYR CZ   C Y N 358 
TYR OH   O N N 359 
TYR OXT  O N N 360 
TYR H    H N N 361 
TYR H2   H N N 362 
TYR HA   H N N 363 
TYR HB2  H N N 364 
TYR HB3  H N N 365 
TYR HD1  H N N 366 
TYR HD2  H N N 367 
TYR HE1  H N N 368 
TYR HE2  H N N 369 
TYR HH   H N N 370 
TYR HXT  H N N 371 
VAL N    N N N 372 
VAL CA   C N S 373 
VAL C    C N N 374 
VAL O    O N N 375 
VAL CB   C N N 376 
VAL CG1  C N N 377 
VAL CG2  C N N 378 
VAL OXT  O N N 379 
VAL H    H N N 380 
VAL H2   H N N 381 
VAL HA   H N N 382 
VAL HB   H N N 383 
VAL HG11 H N N 384 
VAL HG12 H N N 385 
VAL HG13 H N N 386 
VAL HG21 H N N 387 
VAL HG22 H N N 388 
VAL HG23 H N N 389 
VAL HXT  H N N 390 
# 
loop_
_chem_comp_bond.comp_id 
_chem_comp_bond.atom_id_1 
_chem_comp_bond.atom_id_2 
_chem_comp_bond.value_order 
_chem_comp_bond.pdbx_aromatic_flag 
_chem_comp_bond.pdbx_stereo_config 
_chem_comp_bond.pdbx_ordinal 
ALA N   CA   sing N N 1   
ALA N   H    sing N N 2   
ALA N   H2   sing N N 3   
ALA CA  C    sing N N 4   
ALA CA  CB   sing N N 5   
ALA CA  HA   sing N N 6   
ALA C   O    doub N N 7   
ALA C   OXT  sing N N 8   
ALA CB  HB1  sing N N 9   
ALA CB  HB2  sing N N 10  
ALA CB  HB3  sing N N 11  
ALA OXT HXT  sing N N 12  
ARG N   CA   sing N N 13  
ARG N   H    sing N N 14  
ARG N   H2   sing N N 15  
ARG CA  C    sing N N 16  
ARG CA  CB   sing N N 17  
ARG CA  HA   sing N N 18  
ARG C   O    doub N N 19  
ARG C   OXT  sing N N 20  
ARG CB  CG   sing N N 21  
ARG CB  HB2  sing N N 22  
ARG CB  HB3  sing N N 23  
ARG CG  CD   sing N N 24  
ARG CG  HG2  sing N N 25  
ARG CG  HG3  sing N N 26  
ARG CD  NE   sing N N 27  
ARG CD  HD2  sing N N 28  
ARG CD  HD3  sing N N 29  
ARG NE  CZ   sing N N 30  
ARG NE  HE   sing N N 31  
ARG CZ  NH1  sing N N 32  
ARG CZ  NH2  doub N N 33  
ARG NH1 HH11 sing N N 34  
ARG NH1 HH12 sing N N 35  
ARG NH2 HH21 sing N N 36  
ARG NH2 HH22 sing N N 37  
ARG OXT HXT  sing N N 38  
ASN N   CA   sing N N 39  
ASN N   H    sing N N 40  
ASN N   H2   sing N N 41  
ASN CA  C    sing N N 42  
ASN CA  CB   sing N N 43  
ASN CA  HA   sing N N 44  
ASN C   O    doub N N 45  
ASN C   OXT  sing N N 46  
ASN CB  CG   sing N N 47  
ASN CB  HB2  sing N N 48  
ASN CB  HB3  sing N N 49  
ASN CG  OD1  doub N N 50  
ASN CG  ND2  sing N N 51  
ASN ND2 HD21 sing N N 52  
ASN ND2 HD22 sing N N 53  
ASN OXT HXT  sing N N 54  
ASP N   CA   sing N N 55  
ASP N   H    sing N N 56  
ASP N   H2   sing N N 57  
ASP CA  C    sing N N 58  
ASP CA  CB   sing N N 59  
ASP CA  HA   sing N N 60  
ASP C   O    doub N N 61  
ASP C   OXT  sing N N 62  
ASP CB  CG   sing N N 63  
ASP CB  HB2  sing N N 64  
ASP CB  HB3  sing N N 65  
ASP CG  OD1  doub N N 66  
ASP CG  OD2  sing N N 67  
ASP OD2 HD2  sing N N 68  
ASP OXT HXT  sing N N 69  
CYS N   CA   sing N N 70  
CYS N   H    sing N N 71  
CYS N   H2   sing N N 72  
CYS CA  C    sing N N 73  
CYS CA  CB   sing N N 74  
CYS CA  HA   sing N N 75  
CYS C   O    doub N N 76  
CYS C   OXT  sing N N 77  
CYS CB  SG   sing N N 78  
CYS CB  HB2  sing N N 79  
CYS CB  HB3  sing N N 80  
CYS SG  HG   sing N N 81  
CYS OXT HXT  sing N N 82  
GLN N   CA   sing N N 83  
GLN N   H    sing N N 84  
GLN N   H2   sing N N 85  
GLN CA  C    sing N N 86  
GLN CA  CB   sing N N 87  
GLN CA  HA   sing N N 88  
GLN C   O    doub N N 89  
GLN C   OXT  sing N N 90  
GLN CB  CG   sing N N 91  
GLN CB  HB2  sing N N 92  
GLN CB  HB3  sing N N 93  
GLN CG  CD   sing N N 94  
GLN CG  HG2  sing N N 95  
GLN CG  HG3  sing N N 96  
GLN CD  OE1  doub N N 97  
GLN CD  NE2  sing N N 98  
GLN NE2 HE21 sing N N 99  
GLN NE2 HE22 sing N N 100 
GLN OXT HXT  sing N N 101 
GLU N   CA   sing N N 102 
GLU N   H    sing N N 103 
GLU N   H2   sing N N 104 
GLU CA  C    sing N N 105 
GLU CA  CB   sing N N 106 
GLU CA  HA   sing N N 107 
GLU C   O    doub N N 108 
GLU C   OXT  sing N N 109 
GLU CB  CG   sing N N 110 
GLU CB  HB2  sing N N 111 
GLU CB  HB3  sing N N 112 
GLU CG  CD   sing N N 113 
GLU CG  HG2  sing N N 114 
GLU CG  HG3  sing N N 115 
GLU CD  OE1  doub N N 116 
GLU CD  OE2  sing N N 117 
GLU OE2 HE2  sing N N 118 
GLU OXT HXT  sing N N 119 
GLY N   CA   sing N N 120 
GLY N   H    sing N N 121 
GLY N   H2   sing N N 122 
GLY CA  C    sing N N 123 
GLY CA  HA2  sing N N 124 
GLY CA  HA3  sing N N 125 
GLY C   O    doub N N 126 
GLY C   OXT  sing N N 127 
GLY OXT HXT  sing N N 128 
HIS N   CA   sing N N 129 
HIS N   H    sing N N 130 
HIS N   H2   sing N N 131 
HIS CA  C    sing N N 132 
HIS CA  CB   sing N N 133 
HIS CA  HA   sing N N 134 
HIS C   O    doub N N 135 
HIS C   OXT  sing N N 136 
HIS CB  CG   sing N N 137 
HIS CB  HB2  sing N N 138 
HIS CB  HB3  sing N N 139 
HIS CG  ND1  sing Y N 140 
HIS CG  CD2  doub Y N 141 
HIS ND1 CE1  doub Y N 142 
HIS ND1 HD1  sing N N 143 
HIS CD2 NE2  sing Y N 144 
HIS CD2 HD2  sing N N 145 
HIS CE1 NE2  sing Y N 146 
HIS CE1 HE1  sing N N 147 
HIS NE2 HE2  sing N N 148 
HIS OXT HXT  sing N N 149 
HOH O   H1   sing N N 150 
HOH O   H2   sing N N 151 
ILE N   CA   sing N N 152 
ILE N   H    sing N N 153 
ILE N   H2   sing N N 154 
ILE CA  C    sing N N 155 
ILE CA  CB   sing N N 156 
ILE CA  HA   sing N N 157 
ILE C   O    doub N N 158 
ILE C   OXT  sing N N 159 
ILE CB  CG1  sing N N 160 
ILE CB  CG2  sing N N 161 
ILE CB  HB   sing N N 162 
ILE CG1 CD1  sing N N 163 
ILE CG1 HG12 sing N N 164 
ILE CG1 HG13 sing N N 165 
ILE CG2 HG21 sing N N 166 
ILE CG2 HG22 sing N N 167 
ILE CG2 HG23 sing N N 168 
ILE CD1 HD11 sing N N 169 
ILE CD1 HD12 sing N N 170 
ILE CD1 HD13 sing N N 171 
ILE OXT HXT  sing N N 172 
LEU N   CA   sing N N 173 
LEU N   H    sing N N 174 
LEU N   H2   sing N N 175 
LEU CA  C    sing N N 176 
LEU CA  CB   sing N N 177 
LEU CA  HA   sing N N 178 
LEU C   O    doub N N 179 
LEU C   OXT  sing N N 180 
LEU CB  CG   sing N N 181 
LEU CB  HB2  sing N N 182 
LEU CB  HB3  sing N N 183 
LEU CG  CD1  sing N N 184 
LEU CG  CD2  sing N N 185 
LEU CG  HG   sing N N 186 
LEU CD1 HD11 sing N N 187 
LEU CD1 HD12 sing N N 188 
LEU CD1 HD13 sing N N 189 
LEU CD2 HD21 sing N N 190 
LEU CD2 HD22 sing N N 191 
LEU CD2 HD23 sing N N 192 
LEU OXT HXT  sing N N 193 
LYS N   CA   sing N N 194 
LYS N   H    sing N N 195 
LYS N   H2   sing N N 196 
LYS CA  C    sing N N 197 
LYS CA  CB   sing N N 198 
LYS CA  HA   sing N N 199 
LYS C   O    doub N N 200 
LYS C   OXT  sing N N 201 
LYS CB  CG   sing N N 202 
LYS CB  HB2  sing N N 203 
LYS CB  HB3  sing N N 204 
LYS CG  CD   sing N N 205 
LYS CG  HG2  sing N N 206 
LYS CG  HG3  sing N N 207 
LYS CD  CE   sing N N 208 
LYS CD  HD2  sing N N 209 
LYS CD  HD3  sing N N 210 
LYS CE  NZ   sing N N 211 
LYS CE  HE2  sing N N 212 
LYS CE  HE3  sing N N 213 
LYS NZ  HZ1  sing N N 214 
LYS NZ  HZ2  sing N N 215 
LYS NZ  HZ3  sing N N 216 
LYS OXT HXT  sing N N 217 
MET N   CA   sing N N 218 
MET N   H    sing N N 219 
MET N   H2   sing N N 220 
MET CA  C    sing N N 221 
MET CA  CB   sing N N 222 
MET CA  HA   sing N N 223 
MET C   O    doub N N 224 
MET C   OXT  sing N N 225 
MET CB  CG   sing N N 226 
MET CB  HB2  sing N N 227 
MET CB  HB3  sing N N 228 
MET CG  SD   sing N N 229 
MET CG  HG2  sing N N 230 
MET CG  HG3  sing N N 231 
MET SD  CE   sing N N 232 
MET CE  HE1  sing N N 233 
MET CE  HE2  sing N N 234 
MET CE  HE3  sing N N 235 
MET OXT HXT  sing N N 236 
PHE N   CA   sing N N 237 
PHE N   H    sing N N 238 
PHE N   H2   sing N N 239 
PHE CA  C    sing N N 240 
PHE CA  CB   sing N N 241 
PHE CA  HA   sing N N 242 
PHE C   O    doub N N 243 
PHE C   OXT  sing N N 244 
PHE CB  CG   sing N N 245 
PHE CB  HB2  sing N N 246 
PHE CB  HB3  sing N N 247 
PHE CG  CD1  doub Y N 248 
PHE CG  CD2  sing Y N 249 
PHE CD1 CE1  sing Y N 250 
PHE CD1 HD1  sing N N 251 
PHE CD2 CE2  doub Y N 252 
PHE CD2 HD2  sing N N 253 
PHE CE1 CZ   doub Y N 254 
PHE CE1 HE1  sing N N 255 
PHE CE2 CZ   sing Y N 256 
PHE CE2 HE2  sing N N 257 
PHE CZ  HZ   sing N N 258 
PHE OXT HXT  sing N N 259 
PRO N   CA   sing N N 260 
PRO N   CD   sing N N 261 
PRO N   H    sing N N 262 
PRO CA  C    sing N N 263 
PRO CA  CB   sing N N 264 
PRO CA  HA   sing N N 265 
PRO C   O    doub N N 266 
PRO C   OXT  sing N N 267 
PRO CB  CG   sing N N 268 
PRO CB  HB2  sing N N 269 
PRO CB  HB3  sing N N 270 
PRO CG  CD   sing N N 271 
PRO CG  HG2  sing N N 272 
PRO CG  HG3  sing N N 273 
PRO CD  HD2  sing N N 274 
PRO CD  HD3  sing N N 275 
PRO OXT HXT  sing N N 276 
SER N   CA   sing N N 277 
SER N   H    sing N N 278 
SER N   H2   sing N N 279 
SER CA  C    sing N N 280 
SER CA  CB   sing N N 281 
SER CA  HA   sing N N 282 
SER C   O    doub N N 283 
SER C   OXT  sing N N 284 
SER CB  OG   sing N N 285 
SER CB  HB2  sing N N 286 
SER CB  HB3  sing N N 287 
SER OG  HG   sing N N 288 
SER OXT HXT  sing N N 289 
THR N   CA   sing N N 290 
THR N   H    sing N N 291 
THR N   H2   sing N N 292 
THR CA  C    sing N N 293 
THR CA  CB   sing N N 294 
THR CA  HA   sing N N 295 
THR C   O    doub N N 296 
THR C   OXT  sing N N 297 
THR CB  OG1  sing N N 298 
THR CB  CG2  sing N N 299 
THR CB  HB   sing N N 300 
THR OG1 HG1  sing N N 301 
THR CG2 HG21 sing N N 302 
THR CG2 HG22 sing N N 303 
THR CG2 HG23 sing N N 304 
THR OXT HXT  sing N N 305 
TRP N   CA   sing N N 306 
TRP N   H    sing N N 307 
TRP N   H2   sing N N 308 
TRP CA  C    sing N N 309 
TRP CA  CB   sing N N 310 
TRP CA  HA   sing N N 311 
TRP C   O    doub N N 312 
TRP C   OXT  sing N N 313 
TRP CB  CG   sing N N 314 
TRP CB  HB2  sing N N 315 
TRP CB  HB3  sing N N 316 
TRP CG  CD1  doub Y N 317 
TRP CG  CD2  sing Y N 318 
TRP CD1 NE1  sing Y N 319 
TRP CD1 HD1  sing N N 320 
TRP CD2 CE2  doub Y N 321 
TRP CD2 CE3  sing Y N 322 
TRP NE1 CE2  sing Y N 323 
TRP NE1 HE1  sing N N 324 
TRP CE2 CZ2  sing Y N 325 
TRP CE3 CZ3  doub Y N 326 
TRP CE3 HE3  sing N N 327 
TRP CZ2 CH2  doub Y N 328 
TRP CZ2 HZ2  sing N N 329 
TRP CZ3 CH2  sing Y N 330 
TRP CZ3 HZ3  sing N N 331 
TRP CH2 HH2  sing N N 332 
TRP OXT HXT  sing N N 333 
TYR N   CA   sing N N 334 
TYR N   H    sing N N 335 
TYR N   H2   sing N N 336 
TYR CA  C    sing N N 337 
TYR CA  CB   sing N N 338 
TYR CA  HA   sing N N 339 
TYR C   O    doub N N 340 
TYR C   OXT  sing N N 341 
TYR CB  CG   sing N N 342 
TYR CB  HB2  sing N N 343 
TYR CB  HB3  sing N N 344 
TYR CG  CD1  doub Y N 345 
TYR CG  CD2  sing Y N 346 
TYR CD1 CE1  sing Y N 347 
TYR CD1 HD1  sing N N 348 
TYR CD2 CE2  doub Y N 349 
TYR CD2 HD2  sing N N 350 
TYR CE1 CZ   doub Y N 351 
TYR CE1 HE1  sing N N 352 
TYR CE2 CZ   sing Y N 353 
TYR CE2 HE2  sing N N 354 
TYR CZ  OH   sing N N 355 
TYR OH  HH   sing N N 356 
TYR OXT HXT  sing N N 357 
VAL N   CA   sing N N 358 
VAL N   H    sing N N 359 
VAL N   H2   sing N N 360 
VAL CA  C    sing N N 361 
VAL CA  CB   sing N N 362 
VAL CA  HA   sing N N 363 
VAL C   O    doub N N 364 
VAL C   OXT  sing N N 365 
VAL CB  CG1  sing N N 366 
VAL CB  CG2  sing N N 367 
VAL CB  HB   sing N N 368 
VAL CG1 HG11 sing N N 369 
VAL CG1 HG12 sing N N 370 
VAL CG1 HG13 sing N N 371 
VAL CG2 HG21 sing N N 372 
VAL CG2 HG22 sing N N 373 
VAL CG2 HG23 sing N N 374 
VAL OXT HXT  sing N N 375 
# 
_atom_sites.entry_id                    3KT9 
_atom_sites.fract_transf_matrix[1][1]   -0.01554953 
_atom_sites.fract_transf_matrix[1][2]   0.00372078 
_atom_sites.fract_transf_matrix[1][3]   -0.00235213 
_atom_sites.fract_transf_matrix[2][1]   -0.00651567 
_atom_sites.fract_transf_matrix[2][2]   -0.01625733 
_atom_sites.fract_transf_matrix[2][3]   0.01735691 
_atom_sites.fract_transf_matrix[3][1]   -0.00679465 
_atom_sites.fract_transf_matrix[3][2]   0.01884852 
_atom_sites.fract_transf_matrix[3][3]   0.01510378 
_atom_sites.fract_transf_vector[1]      0.300809 
_atom_sites.fract_transf_vector[2]      -0.017316 
_atom_sites.fract_transf_vector[3]      0.295959 
# 
loop_
_atom_type.symbol 
C 
N 
O 
S 
# 
loop_
_atom_site.group_PDB 
_atom_site.id 
_atom_site.type_symbol 
_atom_site.label_atom_id 
_atom_site.label_alt_id 
_atom_site.label_comp_id 
_atom_site.label_asym_id 
_atom_site.label_entity_id 
_atom_site.label_seq_id 
_atom_site.pdbx_PDB_ins_code 
_atom_site.Cartn_x 
_atom_site.Cartn_y 
_atom_site.Cartn_z 
_atom_site.occupancy 
_atom_site.B_iso_or_equiv 
_atom_site.pdbx_formal_charge 
_atom_site.auth_seq_id 
_atom_site.auth_comp_id 
_atom_site.auth_asym_id 
_atom_site.auth_atom_id 
_atom_site.pdbx_PDB_model_num 
ATOM   1   N N   . MET A 1 1   ? -0.058  -21.964 7.843   1.00 30.38 ? 1   MET A N   1 
ATOM   2   C CA  . MET A 1 1   ? -0.256  -21.513 9.253   1.00 30.49 ? 1   MET A CA  1 
ATOM   3   C C   . MET A 1 1   ? -0.102  -20.001 9.416   1.00 29.77 ? 1   MET A C   1 
ATOM   4   O O   . MET A 1 1   ? -0.789  -19.391 10.236  1.00 30.03 ? 1   MET A O   1 
ATOM   5   C CB  . MET A 1 1   ? 0.699   -22.245 10.202  1.00 30.52 ? 1   MET A CB  1 
ATOM   6   C CG  . MET A 1 1   ? 0.276   -23.662 10.546  1.00 30.94 ? 1   MET A CG  1 
ATOM   7   S SD  . MET A 1 1   ? 1.304   -24.420 11.819  1.00 32.00 ? 1   MET A SD  1 
ATOM   8   C CE  . MET A 1 1   ? 0.747   -26.119 11.736  1.00 31.25 ? 1   MET A CE  1 
ATOM   9   N N   . MET A 1 2   ? 0.804   -19.406 8.641   1.00 29.00 ? 2   MET A N   1 
ATOM   10  C CA  . MET A 1 2   ? 1.017   -17.960 8.671   1.00 28.07 ? 2   MET A CA  1 
ATOM   11  C C   . MET A 1 2   ? -0.188  -17.242 8.069   1.00 26.98 ? 2   MET A C   1 
ATOM   12  O O   . MET A 1 2   ? -0.789  -17.721 7.103   1.00 26.78 ? 2   MET A O   1 
ATOM   13  C CB  . MET A 1 2   ? 2.291   -17.585 7.909   1.00 28.23 ? 2   MET A CB  1 
ATOM   14  C CG  . MET A 1 2   ? 3.010   -16.352 8.443   1.00 28.52 ? 2   MET A CG  1 
ATOM   15  S SD  . MET A 1 2   ? 4.562   -15.973 7.588   1.00 28.86 ? 2   MET A SD  1 
ATOM   16  C CE  . MET A 1 2   ? 5.539   -17.435 7.932   1.00 28.91 ? 2   MET A CE  1 
ATOM   17  N N   . ARG A 1 3   ? -0.545  -16.101 8.652   1.00 25.68 ? 3   ARG A N   1 
ATOM   18  C CA  . ARG A 1 3   ? -1.666  -15.300 8.166   1.00 24.47 ? 3   ARG A CA  1 
ATOM   19  C C   . ARG A 1 3   ? -1.375  -14.702 6.794   1.00 23.47 ? 3   ARG A C   1 
ATOM   20  O O   . ARG A 1 3   ? -0.229  -14.380 6.478   1.00 23.49 ? 3   ARG A O   1 
ATOM   21  C CB  . ARG A 1 3   ? -1.992  -14.176 9.151   1.00 24.63 ? 3   ARG A CB  1 
ATOM   22  C CG  . ARG A 1 3   ? -2.514  -14.651 10.502  1.00 24.85 ? 3   ARG A CG  1 
ATOM   23  C CD  . ARG A 1 3   ? -2.728  -13.477 11.442  1.00 25.63 ? 3   ARG A CD  1 
ATOM   24  N NE  . ARG A 1 3   ? -1.505  -12.699 11.646  1.00 26.28 ? 3   ARG A NE  1 
ATOM   25  C CZ  . ARG A 1 3   ? -1.473  -11.466 12.147  1.00 26.68 ? 3   ARG A CZ  1 
ATOM   26  N NH1 . ARG A 1 3   ? -2.598  -10.855 12.495  1.00 26.63 ? 3   ARG A NH1 1 
ATOM   27  N NH2 . ARG A 1 3   ? -0.311  -10.842 12.296  1.00 26.50 ? 3   ARG A NH2 1 
ATOM   28  N N   . VAL A 1 4   ? -2.424  -14.568 5.989   1.00 22.15 ? 4   VAL A N   1 
ATOM   29  C CA  . VAL A 1 4   ? -2.335  -13.943 4.676   1.00 20.99 ? 4   VAL A CA  1 
ATOM   30  C C   . VAL A 1 4   ? -2.449  -12.431 4.839   1.00 19.98 ? 4   VAL A C   1 
ATOM   31  O O   . VAL A 1 4   ? -3.291  -11.950 5.602   1.00 19.85 ? 4   VAL A O   1 
ATOM   32  C CB  . VAL A 1 4   ? -3.458  -14.448 3.732   1.00 21.13 ? 4   VAL A CB  1 
ATOM   33  C CG1 . VAL A 1 4   ? -3.332  -13.821 2.343   1.00 21.33 ? 4   VAL A CG1 1 
ATOM   34  C CG2 . VAL A 1 4   ? -3.441  -15.971 3.633   1.00 21.61 ? 4   VAL A CG2 1 
ATOM   35  N N   . CYS A 1 5   ? -1.600  -11.689 4.133   1.00 18.47 ? 5   CYS A N   1 
ATOM   36  C CA  . CYS A 1 5   ? -1.706  -10.231 4.113   1.00 17.75 ? 5   CYS A CA  1 
ATOM   37  C C   . CYS A 1 5   ? -2.429  -9.744  2.864   1.00 17.31 ? 5   CYS A C   1 
ATOM   38  O O   . CYS A 1 5   ? -2.021  -10.044 1.735   1.00 17.03 ? 5   CYS A O   1 
ATOM   39  C CB  . CYS A 1 5   ? -0.334  -9.566  4.221   1.00 17.53 ? 5   CYS A CB  1 
ATOM   40  S SG  . CYS A 1 5   ? -0.432  -7.753  4.241   1.00 17.24 ? 5   CYS A SG  1 
ATOM   41  N N   . TRP A 1 6   ? -3.508  -8.995  3.076   1.00 16.91 ? 6   TRP A N   1 
ATOM   42  C CA  . TRP A 1 6   ? -4.276  -8.412  1.983   1.00 16.62 ? 6   TRP A CA  1 
ATOM   43  C C   . TRP A 1 6   ? -4.163  -6.894  1.986   1.00 16.13 ? 6   TRP A C   1 
ATOM   44  O O   . TRP A 1 6   ? -4.408  -6.258  3.011   1.00 15.92 ? 6   TRP A O   1 
ATOM   45  C CB  . TRP A 1 6   ? -5.755  -8.792  2.103   1.00 17.19 ? 6   TRP A CB  1 
ATOM   46  C CG  . TRP A 1 6   ? -6.031  -10.251 1.934   1.00 17.56 ? 6   TRP A CG  1 
ATOM   47  C CD1 . TRP A 1 6   ? -6.190  -11.175 2.927   1.00 18.69 ? 6   TRP A CD1 1 
ATOM   48  C CD2 . TRP A 1 6   ? -6.188  -10.956 0.698   1.00 18.34 ? 6   TRP A CD2 1 
ATOM   49  N NE1 . TRP A 1 6   ? -6.437  -12.414 2.384   1.00 18.20 ? 6   TRP A NE1 1 
ATOM   50  C CE2 . TRP A 1 6   ? -6.439  -12.308 1.018   1.00 18.66 ? 6   TRP A CE2 1 
ATOM   51  C CE3 . TRP A 1 6   ? -6.135  -10.577 -0.650  1.00 18.37 ? 6   TRP A CE3 1 
ATOM   52  C CZ2 . TRP A 1 6   ? -6.641  -13.288 0.037   1.00 18.22 ? 6   TRP A CZ2 1 
ATOM   53  C CZ3 . TRP A 1 6   ? -6.342  -11.552 -1.628  1.00 18.65 ? 6   TRP A CZ3 1 
ATOM   54  C CH2 . TRP A 1 6   ? -6.592  -12.892 -1.275  1.00 18.29 ? 6   TRP A CH2 1 
ATOM   55  N N   . LEU A 1 7   ? -3.787  -6.324  0.844   1.00 15.60 ? 7   LEU A N   1 
ATOM   56  C CA  . LEU A 1 7   ? -3.916  -4.889  0.618   1.00 15.49 ? 7   LEU A CA  1 
ATOM   57  C C   . LEU A 1 7   ? -5.280  -4.649  -0.015  1.00 14.93 ? 7   LEU A C   1 
ATOM   58  O O   . LEU A 1 7   ? -5.546  -5.106  -1.128  1.00 14.79 ? 7   LEU A O   1 
ATOM   59  C CB  . LEU A 1 7   ? -2.804  -4.357  -0.290  1.00 15.76 ? 7   LEU A CB  1 
ATOM   60  C CG  . LEU A 1 7   ? -2.821  -2.841  -0.532  1.00 16.88 ? 7   LEU A CG  1 
ATOM   61  C CD1 . LEU A 1 7   ? -2.294  -2.072  0.673   1.00 17.22 ? 7   LEU A CD1 1 
ATOM   62  C CD2 . LEU A 1 7   ? -2.053  -2.485  -1.789  1.00 18.79 ? 7   LEU A CD2 1 
ATOM   63  N N   . VAL A 1 8   ? -6.141  -3.943  0.710   1.00 14.31 ? 8   VAL A N   1 
ATOM   64  C CA  . VAL A 1 8   ? -7.530  -3.764  0.311   1.00 13.92 ? 8   VAL A CA  1 
ATOM   65  C C   . VAL A 1 8   ? -7.767  -2.312  -0.090  1.00 13.76 ? 8   VAL A C   1 
ATOM   66  O O   . VAL A 1 8   ? -7.403  -1.397  0.652   1.00 13.38 ? 8   VAL A O   1 
ATOM   67  C CB  . VAL A 1 8   ? -8.493  -4.143  1.473   1.00 14.09 ? 8   VAL A CB  1 
ATOM   68  C CG1 . VAL A 1 8   ? -9.951  -3.953  1.071   1.00 13.83 ? 8   VAL A CG1 1 
ATOM   69  C CG2 . VAL A 1 8   ? -8.249  -5.577  1.937   1.00 13.87 ? 8   VAL A CG2 1 
ATOM   70  N N   . ARG A 1 9   ? -8.357  -2.102  -1.265  1.00 13.53 ? 9   ARG A N   1 
ATOM   71  C CA  . ARG A 1 9   ? -8.850  -0.777  -1.636  1.00 13.49 ? 9   ARG A CA  1 
ATOM   72  C C   . ARG A 1 9   ? -10.004 -0.452  -0.692  1.00 13.44 ? 9   ARG A C   1 
ATOM   73  O O   . ARG A 1 9   ? -11.073 -1.052  -0.779  1.00 13.25 ? 9   ARG A O   1 
ATOM   74  C CB  . ARG A 1 9   ? -9.292  -0.747  -3.107  1.00 13.65 ? 9   ARG A CB  1 
ATOM   75  C CG  . ARG A 1 9   ? -9.836  0.595   -3.613  1.00 14.54 ? 9   ARG A CG  1 
ATOM   76  C CD  . ARG A 1 9   ? -8.783  1.700   -3.625  1.00 15.49 ? 9   ARG A CD  1 
ATOM   77  N NE  . ARG A 1 9   ? -9.305  2.919   -4.245  1.00 16.38 ? 9   ARG A NE  1 
ATOM   78  C CZ  . ARG A 1 9   ? -8.968  3.365   -5.454  1.00 17.03 ? 9   ARG A CZ  1 
ATOM   79  N NH1 . ARG A 1 9   ? -8.077  2.714   -6.196  1.00 17.76 ? 9   ARG A NH1 1 
ATOM   80  N NH2 . ARG A 1 9   ? -9.517  4.480   -5.919  1.00 18.28 ? 9   ARG A NH2 1 
ATOM   81  N N   . GLN A 1 10  ? -9.772  0.489   0.221   1.00 13.38 ? 10  GLN A N   1 
ATOM   82  C CA  . GLN A 1 10  ? -10.714 0.739   1.315   1.00 13.58 ? 10  GLN A CA  1 
ATOM   83  C C   . GLN A 1 10  ? -12.118 1.106   0.835   1.00 13.91 ? 10  GLN A C   1 
ATOM   84  O O   . GLN A 1 10  ? -13.117 0.660   1.414   1.00 13.77 ? 10  GLN A O   1 
ATOM   85  C CB  . GLN A 1 10  ? -10.184 1.813   2.266   1.00 13.44 ? 10  GLN A CB  1 
ATOM   86  C CG  . GLN A 1 10  ? -10.966 1.877   3.578   1.00 13.40 ? 10  GLN A CG  1 
ATOM   87  C CD  . GLN A 1 10  ? -10.582 3.053   4.451   1.00 13.38 ? 10  GLN A CD  1 
ATOM   88  O OE1 . GLN A 1 10  ? -10.222 4.119   3.958   1.00 14.14 ? 10  GLN A OE1 1 
ATOM   89  N NE2 . GLN A 1 10  ? -10.677 2.868   5.763   1.00 13.79 ? 10  GLN A NE2 1 
ATOM   90  N N   . ASP A 1 11  ? -12.184 1.915   -0.220  1.00 14.33 ? 11  ASP A N   1 
ATOM   91  C CA  . ASP A 1 11  ? -13.465 2.403   -0.735  1.00 15.15 ? 11  ASP A CA  1 
ATOM   92  C C   . ASP A 1 11  ? -14.042 1.538   -1.858  1.00 15.84 ? 11  ASP A C   1 
ATOM   93  O O   . ASP A 1 11  ? -15.047 1.897   -2.474  1.00 15.72 ? 11  ASP A O   1 
ATOM   94  C CB  . ASP A 1 11  ? -13.372 3.882   -1.143  1.00 15.24 ? 11  ASP A CB  1 
ATOM   95  C CG  . ASP A 1 11  ? -12.298 4.152   -2.187  1.00 15.31 ? 11  ASP A CG  1 
ATOM   96  O OD1 . ASP A 1 11  ? -11.402 3.306   -2.388  1.00 14.58 ? 11  ASP A OD1 1 
ATOM   97  O OD2 . ASP A 1 11  ? -12.351 5.237   -2.808  1.00 15.90 ? 11  ASP A OD2 1 
ATOM   98  N N   . SER A 1 12  ? -13.405 0.395   -2.105  1.00 16.46 ? 12  SER A N   1 
ATOM   99  C CA  . SER A 1 12  ? -13.917 -0.617  -3.029  1.00 17.58 ? 12  SER A CA  1 
ATOM   100 C C   . SER A 1 12  ? -13.331 -1.950  -2.594  1.00 18.17 ? 12  SER A C   1 
ATOM   101 O O   . SER A 1 12  ? -12.429 -2.489  -3.243  1.00 18.04 ? 12  SER A O   1 
ATOM   102 C CB  . SER A 1 12  ? -13.519 -0.292  -4.470  1.00 17.52 ? 12  SER A CB  1 
ATOM   103 O OG  . SER A 1 12  ? -14.211 -1.125  -5.388  1.00 18.44 ? 12  SER A OG  1 
ATOM   104 N N   . ARG A 1 13  ? -13.849 -2.478  -1.486  1.00 19.04 ? 13  ARG A N   1 
ATOM   105 C CA  . ARG A 1 13  ? -13.135 -3.514  -0.731  1.00 20.31 ? 13  ARG A CA  1 
ATOM   106 C C   . ARG A 1 13  ? -13.044 -4.906  -1.371  1.00 20.49 ? 13  ARG A C   1 
ATOM   107 O O   . ARG A 1 13  ? -12.404 -5.805  -0.817  1.00 20.51 ? 13  ARG A O   1 
ATOM   108 C CB  . ARG A 1 13  ? -13.595 -3.564  0.736   1.00 20.18 ? 13  ARG A CB  1 
ATOM   109 C CG  . ARG A 1 13  ? -14.972 -4.134  1.003   1.00 21.10 ? 13  ARG A CG  1 
ATOM   110 C CD  . ARG A 1 13  ? -15.163 -4.360  2.507   1.00 21.58 ? 13  ARG A CD  1 
ATOM   111 N NE  . ARG A 1 13  ? -14.267 -5.395  3.033   1.00 24.09 ? 13  ARG A NE  1 
ATOM   112 C CZ  . ARG A 1 13  ? -13.153 -5.167  3.731   1.00 24.88 ? 13  ARG A CZ  1 
ATOM   113 N NH1 . ARG A 1 13  ? -12.763 -3.929  4.016   1.00 25.92 ? 13  ARG A NH1 1 
ATOM   114 N NH2 . ARG A 1 13  ? -12.422 -6.191  4.149   1.00 25.47 ? 13  ARG A NH2 1 
ATOM   115 N N   . HIS A 1 14  ? -13.660 -5.075  -2.538  1.00 21.08 ? 14  HIS A N   1 
ATOM   116 C CA  . HIS A 1 14  ? -13.494 -6.312  -3.302  1.00 21.77 ? 14  HIS A CA  1 
ATOM   117 C C   . HIS A 1 14  ? -12.197 -6.324  -4.107  1.00 21.81 ? 14  HIS A C   1 
ATOM   118 O O   . HIS A 1 14  ? -11.754 -7.381  -4.566  1.00 21.85 ? 14  HIS A O   1 
ATOM   119 C CB  . HIS A 1 14  ? -14.705 -6.581  -4.196  1.00 22.14 ? 14  HIS A CB  1 
ATOM   120 C CG  . HIS A 1 14  ? -15.956 -6.876  -3.431  1.00 23.47 ? 14  HIS A CG  1 
ATOM   121 N ND1 . HIS A 1 14  ? -17.102 -6.123  -3.562  1.00 24.94 ? 14  HIS A ND1 1 
ATOM   122 C CD2 . HIS A 1 14  ? -16.233 -7.828  -2.509  1.00 24.50 ? 14  HIS A CD2 1 
ATOM   123 C CE1 . HIS A 1 14  ? -18.036 -6.607  -2.763  1.00 25.37 ? 14  HIS A CE1 1 
ATOM   124 N NE2 . HIS A 1 14  ? -17.534 -7.642  -2.112  1.00 25.36 ? 14  HIS A NE2 1 
ATOM   125 N N   . GLN A 1 15  ? -11.597 -5.146  -4.280  1.00 21.93 ? 15  GLN A N   1 
ATOM   126 C CA  . GLN A 1 15  ? -10.271 -5.037  -4.872  1.00 22.19 ? 15  GLN A CA  1 
ATOM   127 C C   . GLN A 1 15  ? -9.242  -5.329  -3.785  1.00 21.99 ? 15  GLN A C   1 
ATOM   128 O O   . GLN A 1 15  ? -8.938  -4.467  -2.956  1.00 21.63 ? 15  GLN A O   1 
ATOM   129 C CB  . GLN A 1 15  ? -10.040 -3.645  -5.478  1.00 22.14 ? 15  GLN A CB  1 
ATOM   130 C CG  . GLN A 1 15  ? -8.696  -3.505  -6.210  1.00 23.02 ? 15  GLN A CG  1 
ATOM   131 C CD  . GLN A 1 15  ? -8.259  -2.061  -6.417  1.00 23.11 ? 15  GLN A CD  1 
ATOM   132 O OE1 . GLN A 1 15  ? -7.189  -1.654  -5.951  1.00 24.30 ? 15  GLN A OE1 1 
ATOM   133 N NE2 . GLN A 1 15  ? -9.076  -1.282  -7.117  1.00 24.16 ? 15  GLN A NE2 1 
ATOM   134 N N   . ARG A 1 16  ? -8.733  -6.560  -3.792  1.00 22.09 ? 16  ARG A N   1 
ATOM   135 C CA  . ARG A 1 16  ? -7.776  -7.037  -2.797  1.00 22.45 ? 16  ARG A CA  1 
ATOM   136 C C   . ARG A 1 16  ? -6.534  -7.591  -3.493  1.00 22.22 ? 16  ARG A C   1 
ATOM   137 O O   . ARG A 1 16  ? -6.645  -8.287  -4.506  1.00 22.32 ? 16  ARG A O   1 
ATOM   138 C CB  . ARG A 1 16  ? -8.394  -8.142  -1.931  1.00 22.67 ? 16  ARG A CB  1 
ATOM   139 C CG  . ARG A 1 16  ? -9.716  -7.801  -1.261  1.00 24.32 ? 16  ARG A CG  1 
ATOM   140 C CD  . ARG A 1 16  ? -10.435 -9.073  -0.820  1.00 26.56 ? 16  ARG A CD  1 
ATOM   141 N NE  . ARG A 1 16  ? -9.924  -9.594  0.448   1.00 28.34 ? 16  ARG A NE  1 
ATOM   142 C CZ  . ARG A 1 16  ? -9.942  -10.877 0.806   1.00 29.07 ? 16  ARG A CZ  1 
ATOM   143 N NH1 . ARG A 1 16  ? -10.430 -11.804 -0.011  1.00 29.91 ? 16  ARG A NH1 1 
ATOM   144 N NH2 . ARG A 1 16  ? -9.457  -11.237 1.985   1.00 29.36 ? 16  ARG A NH2 1 
ATOM   145 N N   . ILE A 1 17  ? -5.363  -7.279  -2.942  1.00 21.89 ? 17  ILE A N   1 
ATOM   146 C CA  . ILE A 1 17  ? -4.084  -7.761  -3.472  1.00 21.83 ? 17  ILE A CA  1 
ATOM   147 C C   . ILE A 1 17  ? -3.340  -8.531  -2.378  1.00 21.38 ? 17  ILE A C   1 
ATOM   148 O O   . ILE A 1 17  ? -3.167  -8.020  -1.268  1.00 21.25 ? 17  ILE A O   1 
ATOM   149 C CB  . ILE A 1 17  ? -3.200  -6.589  -4.000  1.00 21.89 ? 17  ILE A CB  1 
ATOM   150 C CG1 . ILE A 1 17  ? -3.928  -5.806  -5.101  1.00 22.39 ? 17  ILE A CG1 1 
ATOM   151 C CG2 . ILE A 1 17  ? -1.849  -7.098  -4.514  1.00 22.34 ? 17  ILE A CG2 1 
ATOM   152 C CD1 . ILE A 1 17  ? -3.343  -4.427  -5.386  1.00 22.19 ? 17  ILE A CD1 1 
ATOM   153 N N   . ARG A 1 18  ? -2.926  -9.760  -2.691  1.00 20.85 ? 18  ARG A N   1 
ATOM   154 C CA  . ARG A 1 18  ? -2.110  -10.579 -1.786  1.00 20.36 ? 18  ARG A CA  1 
ATOM   155 C C   . ARG A 1 18  ? -0.694  -10.028 -1.685  1.00 19.55 ? 18  ARG A C   1 
ATOM   156 O O   . ARG A 1 18  ? -0.022  -9.855  -2.704  1.00 19.46 ? 18  ARG A O   1 
ATOM   157 C CB  . ARG A 1 18  ? -2.020  -12.021 -2.291  1.00 20.66 ? 18  ARG A CB  1 
ATOM   158 C CG  . ARG A 1 18  ? -3.011  -12.997 -1.694  1.00 22.13 ? 18  ARG A CG  1 
ATOM   159 C CD  . ARG A 1 18  ? -2.663  -14.413 -2.140  1.00 24.11 ? 18  ARG A CD  1 
ATOM   160 N NE  . ARG A 1 18  ? -3.739  -15.371 -1.889  1.00 26.08 ? 18  ARG A NE  1 
ATOM   161 C CZ  . ARG A 1 18  ? -3.767  -16.233 -0.875  1.00 26.64 ? 18  ARG A CZ  1 
ATOM   162 N NH1 . ARG A 1 18  ? -2.776  -16.272 0.005   1.00 27.76 ? 18  ARG A NH1 1 
ATOM   163 N NH2 . ARG A 1 18  ? -4.791  -17.065 -0.746  1.00 27.65 ? 18  ARG A NH2 1 
ATOM   164 N N   . LEU A 1 19  ? -0.240  -9.771  -0.461  1.00 18.48 ? 19  LEU A N   1 
ATOM   165 C CA  . LEU A 1 19  ? 1.137   -9.331  -0.225  1.00 17.69 ? 19  LEU A CA  1 
ATOM   166 C C   . LEU A 1 19  ? 1.932   -10.443 0.458   1.00 17.35 ? 19  LEU A C   1 
ATOM   167 O O   . LEU A 1 19  ? 1.732   -10.708 1.645   1.00 17.17 ? 19  LEU A O   1 
ATOM   168 C CB  . LEU A 1 19  ? 1.175   -8.046  0.614   1.00 17.54 ? 19  LEU A CB  1 
ATOM   169 C CG  . LEU A 1 19  ? 0.462   -6.796  0.088   1.00 17.18 ? 19  LEU A CG  1 
ATOM   170 C CD1 . LEU A 1 19  ? 0.589   -5.659  1.101   1.00 16.97 ? 19  LEU A CD1 1 
ATOM   171 C CD2 . LEU A 1 19  ? 0.994   -6.368  -1.277  1.00 17.35 ? 19  LEU A CD2 1 
ATOM   172 N N   . PRO A 1 20  ? 2.823   -11.113 -0.298  1.00 17.13 ? 20  PRO A N   1 
ATOM   173 C CA  . PRO A 1 20  ? 3.608   -12.223 0.243   1.00 17.00 ? 20  PRO A CA  1 
ATOM   174 C C   . PRO A 1 20  ? 4.560   -11.791 1.349   1.00 16.90 ? 20  PRO A C   1 
ATOM   175 O O   . PRO A 1 20  ? 5.208   -10.744 1.247   1.00 16.64 ? 20  PRO A O   1 
ATOM   176 C CB  . PRO A 1 20  ? 4.402   -12.722 -0.973  1.00 16.92 ? 20  PRO A CB  1 
ATOM   177 C CG  . PRO A 1 20  ? 3.637   -12.227 -2.160  1.00 17.33 ? 20  PRO A CG  1 
ATOM   178 C CD  . PRO A 1 20  ? 3.123   -10.889 -1.723  1.00 17.25 ? 20  PRO A CD  1 
ATOM   179 N N   . HIS A 1 21  ? 4.636   -12.615 2.389   1.00 16.88 ? 21  HIS A N   1 
ATOM   180 C CA  . HIS A 1 21  ? 5.493   -12.376 3.546   1.00 17.19 ? 21  HIS A CA  1 
ATOM   181 C C   . HIS A 1 21  ? 6.931   -12.039 3.142   1.00 17.40 ? 21  HIS A C   1 
ATOM   182 O O   . HIS A 1 21  ? 7.598   -12.833 2.471   1.00 17.31 ? 21  HIS A O   1 
ATOM   183 C CB  . HIS A 1 21  ? 5.449   -13.603 4.465   1.00 17.01 ? 21  HIS A CB  1 
ATOM   184 C CG  . HIS A 1 21  ? 6.269   -13.469 5.709   1.00 16.91 ? 21  HIS A CG  1 
ATOM   185 N ND1 . HIS A 1 21  ? 5.978   -12.558 6.700   1.00 15.93 ? 21  HIS A ND1 1 
ATOM   186 C CD2 . HIS A 1 21  ? 7.358   -14.154 6.135   1.00 16.79 ? 21  HIS A CD2 1 
ATOM   187 C CE1 . HIS A 1 21  ? 6.862   -12.674 7.676   1.00 16.82 ? 21  HIS A CE1 1 
ATOM   188 N NE2 . HIS A 1 21  ? 7.707   -13.640 7.359   1.00 17.09 ? 21  HIS A NE2 1 
ATOM   189 N N   . LEU A 1 22  ? 7.375   -10.845 3.536   1.00 17.78 ? 22  LEU A N   1 
ATOM   190 C CA  . LEU A 1 22  ? 8.754   -10.364 3.343   1.00 18.39 ? 22  LEU A CA  1 
ATOM   191 C C   . LEU A 1 22  ? 9.237   -10.263 1.889   1.00 18.90 ? 22  LEU A C   1 
ATOM   192 O O   . LEU A 1 22  ? 10.444  -10.220 1.630   1.00 19.39 ? 22  LEU A O   1 
ATOM   193 C CB  . LEU A 1 22  ? 9.746   -11.189 4.178   1.00 18.14 ? 22  LEU A CB  1 
ATOM   194 C CG  . LEU A 1 22  ? 9.599   -11.215 5.703   1.00 18.58 ? 22  LEU A CG  1 
ATOM   195 C CD1 . LEU A 1 22  ? 10.620  -12.176 6.299   1.00 18.80 ? 22  LEU A CD1 1 
ATOM   196 C CD2 . LEU A 1 22  ? 9.738   -9.825  6.319   1.00 18.96 ? 22  LEU A CD2 1 
ATOM   197 N N   . GLU A 1 23  ? 8.304   -10.220 0.943   1.00 19.29 ? 23  GLU A N   1 
ATOM   198 C CA  . GLU A 1 23  ? 8.664   -10.069 -0.463  1.00 19.82 ? 23  GLU A CA  1 
ATOM   199 C C   . GLU A 1 23  ? 8.120   -8.759  -1.017  1.00 19.87 ? 23  GLU A C   1 
ATOM   200 O O   . GLU A 1 23  ? 6.955   -8.425  -0.803  1.00 20.00 ? 23  GLU A O   1 
ATOM   201 C CB  . GLU A 1 23  ? 8.182   -11.267 -1.284  1.00 20.05 ? 23  GLU A CB  1 
ATOM   202 C CG  . GLU A 1 23  ? 8.901   -12.563 -0.926  1.00 21.44 ? 23  GLU A CG  1 
ATOM   203 C CD  . GLU A 1 23  ? 8.630   -13.690 -1.904  1.00 23.63 ? 23  GLU A CD  1 
ATOM   204 O OE1 . GLU A 1 23  ? 9.044   -13.582 -3.078  1.00 24.78 ? 23  GLU A OE1 1 
ATOM   205 O OE2 . GLU A 1 23  ? 8.016   -14.695 -1.490  1.00 24.10 ? 23  GLU A OE2 1 
ATOM   206 N N   . ALA A 1 24  ? 8.978   -8.024  -1.720  1.00 19.76 ? 24  ALA A N   1 
ATOM   207 C CA  . ALA A 1 24  ? 8.641   -6.693  -2.217  1.00 19.86 ? 24  ALA A CA  1 
ATOM   208 C C   . ALA A 1 24  ? 7.610   -6.745  -3.338  1.00 19.88 ? 24  ALA A C   1 
ATOM   209 O O   . ALA A 1 24  ? 7.762   -7.501  -4.306  1.00 19.91 ? 24  ALA A O   1 
ATOM   210 C CB  . ALA A 1 24  ? 9.897   -5.958  -2.674  1.00 19.88 ? 24  ALA A CB  1 
ATOM   211 N N   . VAL A 1 25  ? 6.556   -5.950  -3.184  1.00 19.81 ? 25  VAL A N   1 
ATOM   212 C CA  . VAL A 1 25  ? 5.507   -5.813  -4.190  1.00 20.00 ? 25  VAL A CA  1 
ATOM   213 C C   . VAL A 1 25  ? 5.402   -4.339  -4.565  1.00 19.87 ? 25  VAL A C   1 
ATOM   214 O O   . VAL A 1 25  ? 5.111   -3.496  -3.713  1.00 19.65 ? 25  VAL A O   1 
ATOM   215 C CB  . VAL A 1 25  ? 4.138   -6.327  -3.673  1.00 20.02 ? 25  VAL A CB  1 
ATOM   216 C CG1 . VAL A 1 25  ? 3.010   -5.963  -4.640  1.00 20.54 ? 25  VAL A CG1 1 
ATOM   217 C CG2 . VAL A 1 25  ? 4.173   -7.834  -3.444  1.00 20.64 ? 25  VAL A CG2 1 
ATOM   218 N N   . VAL A 1 26  ? 5.646   -4.040  -5.838  1.00 19.86 ? 26  VAL A N   1 
ATOM   219 C CA  . VAL A 1 26  ? 5.582   -2.665  -6.332  1.00 19.95 ? 26  VAL A CA  1 
ATOM   220 C C   . VAL A 1 26  ? 4.276   -2.444  -7.093  1.00 19.87 ? 26  VAL A C   1 
ATOM   221 O O   . VAL A 1 26  ? 3.978   -3.160  -8.056  1.00 19.92 ? 26  VAL A O   1 
ATOM   222 C CB  . VAL A 1 26  ? 6.802   -2.308  -7.220  1.00 19.99 ? 26  VAL A CB  1 
ATOM   223 C CG1 . VAL A 1 26  ? 6.744   -0.849  -7.645  1.00 20.41 ? 26  VAL A CG1 1 
ATOM   224 C CG2 . VAL A 1 26  ? 8.108   -2.587  -6.485  1.00 20.31 ? 26  VAL A CG2 1 
ATOM   225 N N   . ILE A 1 27  ? 3.495   -1.464  -6.639  1.00 19.73 ? 27  ILE A N   1 
ATOM   226 C CA  . ILE A 1 27  ? 2.213   -1.137  -7.269  1.00 19.62 ? 27  ILE A CA  1 
ATOM   227 C C   . ILE A 1 27  ? 2.016   0.370   -7.468  1.00 19.30 ? 27  ILE A C   1 
ATOM   228 O O   . ILE A 1 27  ? 2.705   1.190   -6.857  1.00 18.91 ? 27  ILE A O   1 
ATOM   229 C CB  . ILE A 1 27  ? 0.990   -1.720  -6.496  1.00 19.93 ? 27  ILE A CB  1 
ATOM   230 C CG1 . ILE A 1 27  ? 0.876   -1.109  -5.097  1.00 19.93 ? 27  ILE A CG1 1 
ATOM   231 C CG2 . ILE A 1 27  ? 1.046   -3.248  -6.431  1.00 20.42 ? 27  ILE A CG2 1 
ATOM   232 C CD1 . ILE A 1 27  ? -0.546  -1.035  -4.581  1.00 21.80 ? 27  ILE A CD1 1 
ATOM   233 N N   . GLY A 1 28  ? 1.060   0.715   -8.324  1.00 19.18 ? 28  GLY A N   1 
ATOM   234 C CA  . GLY A 1 28  ? 0.711   2.103   -8.593  1.00 19.21 ? 28  GLY A CA  1 
ATOM   235 C C   . GLY A 1 28  ? -0.387  2.176   -9.631  1.00 19.44 ? 28  GLY A C   1 
ATOM   236 O O   . GLY A 1 28  ? -1.322  1.371   -9.611  1.00 19.14 ? 28  GLY A O   1 
ATOM   237 N N   . ARG A 1 29  ? -0.270  3.132   -10.547 1.00 19.76 ? 29  ARG A N   1 
ATOM   238 C CA  . ARG A 1 29  ? -1.220  3.264   -11.648 1.00 20.47 ? 29  ARG A CA  1 
ATOM   239 C C   . ARG A 1 29  ? -1.125  2.067   -12.594 1.00 20.98 ? 29  ARG A C   1 
ATOM   240 O O   . ARG A 1 29  ? -0.035  1.698   -13.038 1.00 21.04 ? 29  ARG A O   1 
ATOM   241 C CB  . ARG A 1 29  ? -0.985  4.576   -12.399 1.00 20.44 ? 29  ARG A CB  1 
ATOM   242 C CG  . ARG A 1 29  ? -1.745  4.712   -13.716 1.00 20.60 ? 29  ARG A CG  1 
ATOM   243 C CD  . ARG A 1 29  ? -1.789  6.158   -14.177 1.00 20.73 ? 29  ARG A CD  1 
ATOM   244 N NE  . ARG A 1 29  ? -0.491  6.804   -14.024 1.00 20.62 ? 29  ARG A NE  1 
ATOM   245 C CZ  . ARG A 1 29  ? 0.437   6.868   -14.971 1.00 20.99 ? 29  ARG A CZ  1 
ATOM   246 N NH1 . ARG A 1 29  ? 0.216   6.338   -16.169 1.00 21.53 ? 29  ARG A NH1 1 
ATOM   247 N NH2 . ARG A 1 29  ? 1.588   7.472   -14.720 1.00 21.63 ? 29  ARG A NH2 1 
ATOM   248 N N   . GLY A 1 30  ? -2.273  1.463   -12.883 1.00 21.91 ? 30  GLY A N   1 
ATOM   249 C CA  . GLY A 1 30  ? -2.332  0.293   -13.759 1.00 22.57 ? 30  GLY A CA  1 
ATOM   250 C C   . GLY A 1 30  ? -3.580  -0.545  -13.542 1.00 23.22 ? 30  GLY A C   1 
ATOM   251 O O   . GLY A 1 30  ? -4.516  -0.098  -12.873 1.00 23.26 ? 30  GLY A O   1 
ATOM   252 N N   . PRO A 1 31  ? -3.595  -1.777  -14.094 1.00 23.66 ? 31  PRO A N   1 
ATOM   253 C CA  . PRO A 1 31  ? -4.798  -2.616  -14.089 1.00 23.85 ? 31  PRO A CA  1 
ATOM   254 C C   . PRO A 1 31  ? -5.156  -3.207  -12.723 1.00 23.82 ? 31  PRO A C   1 
ATOM   255 O O   . PRO A 1 31  ? -6.330  -3.489  -12.473 1.00 24.16 ? 31  PRO A O   1 
ATOM   256 C CB  . PRO A 1 31  ? -4.456  -3.730  -15.088 1.00 23.91 ? 31  PRO A CB  1 
ATOM   257 C CG  . PRO A 1 31  ? -2.974  -3.830  -15.055 1.00 23.96 ? 31  PRO A CG  1 
ATOM   258 C CD  . PRO A 1 31  ? -2.459  -2.444  -14.760 1.00 23.90 ? 31  PRO A CD  1 
ATOM   259 N N   . GLU A 1 32  ? -4.160  -3.397  -11.859 1.00 23.80 ? 32  GLU A N   1 
ATOM   260 C CA  . GLU A 1 32  ? -4.386  -3.928  -10.512 1.00 23.59 ? 32  GLU A CA  1 
ATOM   261 C C   . GLU A 1 32  ? -5.200  -2.976  -9.638  1.00 22.95 ? 32  GLU A C   1 
ATOM   262 O O   . GLU A 1 32  ? -6.178  -3.385  -9.011  1.00 23.14 ? 32  GLU A O   1 
ATOM   263 C CB  . GLU A 1 32  ? -3.057  -4.257  -9.821  1.00 23.90 ? 32  GLU A CB  1 
ATOM   264 C CG  . GLU A 1 32  ? -2.712  -5.742  -9.765  1.00 25.46 ? 32  GLU A CG  1 
ATOM   265 C CD  . GLU A 1 32  ? -2.298  -6.317  -11.106 1.00 27.52 ? 32  GLU A CD  1 
ATOM   266 O OE1 . GLU A 1 32  ? -1.390  -5.748  -11.755 1.00 28.30 ? 32  GLU A OE1 1 
ATOM   267 O OE2 . GLU A 1 32  ? -2.876  -7.354  -11.500 1.00 28.46 ? 32  GLU A OE2 1 
ATOM   268 N N   . THR A 1 33  ? -4.795  -1.709  -9.612  1.00 21.88 ? 33  THR A N   1 
ATOM   269 C CA  . THR A 1 33  ? -5.414  -0.705  -8.746  1.00 21.06 ? 33  THR A CA  1 
ATOM   270 C C   . THR A 1 33  ? -6.559  0.041   -9.426  1.00 20.89 ? 33  THR A C   1 
ATOM   271 O O   . THR A 1 33  ? -7.411  0.626   -8.751  1.00 20.90 ? 33  THR A O   1 
ATOM   272 C CB  . THR A 1 33  ? -4.390  0.346   -8.293  1.00 20.93 ? 33  THR A CB  1 
ATOM   273 O OG1 . THR A 1 33  ? -3.878  1.035   -9.439  1.00 19.79 ? 33  THR A OG1 1 
ATOM   274 C CG2 . THR A 1 33  ? -3.244  -0.298  -7.513  1.00 20.76 ? 33  THR A CG2 1 
ATOM   275 N N   . LYS A 1 34  ? -6.553  0.029   -10.760 1.00 20.57 ? 34  LYS A N   1 
ATOM   276 C CA  . LYS A 1 34  ? -7.515  0.776   -11.586 1.00 20.56 ? 34  LYS A CA  1 
ATOM   277 C C   . LYS A 1 34  ? -7.388  2.300   -11.439 1.00 19.99 ? 34  LYS A C   1 
ATOM   278 O O   . LYS A 1 34  ? -8.262  3.052   -11.876 1.00 20.15 ? 34  LYS A O   1 
ATOM   279 C CB  . LYS A 1 34  ? -8.958  0.299   -11.349 1.00 20.61 ? 34  LYS A CB  1 
ATOM   280 C CG  . LYS A 1 34  ? -9.257  -1.081  -11.935 1.00 21.52 ? 34  LYS A CG  1 
ATOM   281 C CD  . LYS A 1 34  ? -10.755 -1.391  -11.944 1.00 21.67 ? 34  LYS A CD  1 
ATOM   282 C CE  . LYS A 1 34  ? -11.271 -1.751  -10.556 1.00 23.72 ? 34  LYS A CE  1 
ATOM   283 N NZ  . LYS A 1 34  ? -12.729 -2.060  -10.556 1.00 24.58 ? 34  LYS A NZ  1 
ATOM   284 N N   . ILE A 1 35  ? -6.291  2.746   -10.830 1.00 19.24 ? 35  ILE A N   1 
ATOM   285 C CA  . ILE A 1 35  ? -5.970  4.168   -10.758 1.00 18.73 ? 35  ILE A CA  1 
ATOM   286 C C   . ILE A 1 35  ? -5.538  4.636   -12.146 1.00 18.66 ? 35  ILE A C   1 
ATOM   287 O O   . ILE A 1 35  ? -4.708  3.990   -12.791 1.00 18.77 ? 35  ILE A O   1 
ATOM   288 C CB  . ILE A 1 35  ? -4.852  4.458   -9.718  1.00 18.59 ? 35  ILE A CB  1 
ATOM   289 C CG1 . ILE A 1 35  ? -5.304  4.029   -8.315  1.00 18.33 ? 35  ILE A CG1 1 
ATOM   290 C CG2 . ILE A 1 35  ? -4.469  5.938   -9.725  1.00 18.32 ? 35  ILE A CG2 1 
ATOM   291 C CD1 . ILE A 1 35  ? -4.184  3.942   -7.290  1.00 18.49 ? 35  ILE A CD1 1 
ATOM   292 N N   . THR A 1 36  ? -6.120  5.743   -12.600 1.00 18.63 ? 36  THR A N   1 
ATOM   293 C CA  . THR A 1 36  ? -5.814  6.312   -13.916 1.00 18.65 ? 36  THR A CA  1 
ATOM   294 C C   . THR A 1 36  ? -5.146  7.681   -13.781 1.00 18.50 ? 36  THR A C   1 
ATOM   295 O O   . THR A 1 36  ? -4.679  8.256   -14.771 1.00 18.60 ? 36  THR A O   1 
ATOM   296 C CB  . THR A 1 36  ? -7.083  6.437   -14.799 1.00 18.72 ? 36  THR A CB  1 
ATOM   297 O OG1 . THR A 1 36  ? -8.063  7.245   -14.135 1.00 19.10 ? 36  THR A OG1 1 
ATOM   298 C CG2 . THR A 1 36  ? -7.674  5.057   -15.100 1.00 19.02 ? 36  THR A CG2 1 
ATOM   299 N N   . ASP A 1 37  ? -5.107  8.185   -12.549 1.00 18.23 ? 37  ASP A N   1 
ATOM   300 C CA  . ASP A 1 37  ? -4.498  9.472   -12.218 1.00 17.99 ? 37  ASP A CA  1 
ATOM   301 C C   . ASP A 1 37  ? -3.035  9.502   -12.652 1.00 18.09 ? 37  ASP A C   1 
ATOM   302 O O   . ASP A 1 37  ? -2.218  8.723   -12.159 1.00 18.18 ? 37  ASP A O   1 
ATOM   303 C CB  . ASP A 1 37  ? -4.603  9.710   -10.708 1.00 17.74 ? 37  ASP A CB  1 
ATOM   304 C CG  . ASP A 1 37  ? -4.345  11.153  -10.309 1.00 17.42 ? 37  ASP A CG  1 
ATOM   305 O OD1 . ASP A 1 37  ? -3.587  11.862  -11.007 1.00 17.35 ? 37  ASP A OD1 1 
ATOM   306 O OD2 . ASP A 1 37  ? -4.897  11.575  -9.270  1.00 16.52 ? 37  ASP A OD2 1 
ATOM   307 N N   . LYS A 1 38  ? -2.715  10.409  -13.570 1.00 18.34 ? 38  LYS A N   1 
ATOM   308 C CA  . LYS A 1 38  ? -1.357  10.522  -14.111 1.00 18.56 ? 38  LYS A CA  1 
ATOM   309 C C   . LYS A 1 38  ? -0.327  11.037  -13.096 1.00 18.27 ? 38  LYS A C   1 
ATOM   310 O O   . LYS A 1 38  ? 0.880   10.911  -13.317 1.00 18.31 ? 38  LYS A O   1 
ATOM   311 C CB  . LYS A 1 38  ? -1.349  11.376  -15.379 1.00 18.95 ? 38  LYS A CB  1 
ATOM   312 C CG  . LYS A 1 38  ? -1.828  10.631  -16.618 1.00 20.24 ? 38  LYS A CG  1 
ATOM   313 C CD  . LYS A 1 38  ? -1.692  11.491  -17.865 1.00 22.87 ? 38  LYS A CD  1 
ATOM   314 C CE  . LYS A 1 38  ? -1.754  10.649  -19.129 1.00 24.04 ? 38  LYS A CE  1 
ATOM   315 N NZ  . LYS A 1 38  ? -0.554  9.772   -19.289 1.00 25.21 ? 38  LYS A NZ  1 
ATOM   316 N N   . LYS A 1 39  ? -0.807  11.609  -11.990 1.00 17.80 ? 39  LYS A N   1 
ATOM   317 C CA  . LYS A 1 39  ? 0.069   12.047  -10.897 1.00 17.49 ? 39  LYS A CA  1 
ATOM   318 C C   . LYS A 1 39  ? 0.558   10.860  -10.067 1.00 17.01 ? 39  LYS A C   1 
ATOM   319 O O   . LYS A 1 39  ? 1.547   10.967  -9.334  1.00 17.06 ? 39  LYS A O   1 
ATOM   320 C CB  . LYS A 1 39  ? -0.642  13.064  -9.996  1.00 17.82 ? 39  LYS A CB  1 
ATOM   321 C CG  . LYS A 1 39  ? -1.205  14.286  -10.719 1.00 19.23 ? 39  LYS A CG  1 
ATOM   322 C CD  . LYS A 1 39  ? -0.155  15.008  -11.548 1.00 21.62 ? 39  LYS A CD  1 
ATOM   323 C CE  . LYS A 1 39  ? -0.711  16.292  -12.148 1.00 22.87 ? 39  LYS A CE  1 
ATOM   324 N NZ  . LYS A 1 39  ? -0.910  17.357  -11.119 1.00 23.85 ? 39  LYS A NZ  1 
ATOM   325 N N   . CYS A 1 40  ? -0.146  9.736   -10.176 1.00 15.95 ? 40  CYS A N   1 
ATOM   326 C CA  . CYS A 1 40  ? 0.289   8.493   -9.552  1.00 15.73 ? 40  CYS A CA  1 
ATOM   327 C C   . CYS A 1 40  ? 1.221   7.773   -10.512 1.00 15.62 ? 40  CYS A C   1 
ATOM   328 O O   . CYS A 1 40  ? 0.861   7.524   -11.663 1.00 15.67 ? 40  CYS A O   1 
ATOM   329 C CB  . CYS A 1 40  ? -0.910  7.599   -9.222  1.00 15.61 ? 40  CYS A CB  1 
ATOM   330 S SG  . CYS A 1 40  ? -0.503  6.152   -8.205  1.00 14.93 ? 40  CYS A SG  1 
ATOM   331 N N   . SER A 1 41  ? 2.426   7.453   -10.046 1.00 15.58 ? 41  SER A N   1 
ATOM   332 C CA  . SER A 1 41  ? 3.367   6.689   -10.857 1.00 15.58 ? 41  SER A CA  1 
ATOM   333 C C   . SER A 1 41  ? 2.845   5.269   -11.054 1.00 15.68 ? 41  SER A C   1 
ATOM   334 O O   . SER A 1 41  ? 2.088   4.761   -10.229 1.00 15.51 ? 41  SER A O   1 
ATOM   335 C CB  . SER A 1 41  ? 4.744   6.648   -10.193 1.00 15.63 ? 41  SER A CB  1 
ATOM   336 O OG  . SER A 1 41  ? 5.649   5.865   -10.954 1.00 16.13 ? 41  SER A OG  1 
ATOM   337 N N   . ARG A 1 42  ? 3.249   4.634   -12.151 1.00 15.92 ? 42  ARG A N   1 
ATOM   338 C CA  . ARG A 1 42  ? 2.960   3.214   -12.359 1.00 16.56 ? 42  ARG A CA  1 
ATOM   339 C C   . ARG A 1 42  ? 3.649   2.388   -11.276 1.00 16.48 ? 42  ARG A C   1 
ATOM   340 O O   . ARG A 1 42  ? 3.158   1.333   -10.871 1.00 16.77 ? 42  ARG A O   1 
ATOM   341 C CB  . ARG A 1 42  ? 3.430   2.771   -13.741 1.00 16.91 ? 42  ARG A CB  1 
ATOM   342 C CG  . ARG A 1 42  ? 2.712   3.468   -14.879 1.00 17.79 ? 42  ARG A CG  1 
ATOM   343 C CD  . ARG A 1 42  ? 3.221   2.999   -16.232 1.00 20.37 ? 42  ARG A CD  1 
ATOM   344 N NE  . ARG A 1 42  ? 2.597   3.738   -17.327 1.00 21.77 ? 42  ARG A NE  1 
ATOM   345 C CZ  . ARG A 1 42  ? 1.406   3.452   -17.846 1.00 22.76 ? 42  ARG A CZ  1 
ATOM   346 N NH1 . ARG A 1 42  ? 0.689   2.438   -17.375 1.00 23.07 ? 42  ARG A NH1 1 
ATOM   347 N NH2 . ARG A 1 42  ? 0.928   4.188   -18.842 1.00 23.75 ? 42  ARG A NH2 1 
ATOM   348 N N   . GLN A 1 43  ? 4.798   2.882   -10.825 1.00 16.28 ? 43  GLN A N   1 
ATOM   349 C CA  . GLN A 1 43  ? 5.524   2.305   -9.705  1.00 16.07 ? 43  GLN A CA  1 
ATOM   350 C C   . GLN A 1 43  ? 5.577   3.361   -8.601  1.00 15.79 ? 43  GLN A C   1 
ATOM   351 O O   . GLN A 1 43  ? 6.538   4.130   -8.496  1.00 15.90 ? 43  GLN A O   1 
ATOM   352 C CB  . GLN A 1 43  ? 6.927   1.859   -10.142 1.00 16.32 ? 43  GLN A CB  1 
ATOM   353 C CG  . GLN A 1 43  ? 6.951   0.573   -10.989 1.00 17.65 ? 43  GLN A CG  1 
ATOM   354 C CD  . GLN A 1 43  ? 6.421   0.771   -12.400 1.00 19.52 ? 43  GLN A CD  1 
ATOM   355 O OE1 . GLN A 1 43  ? 6.901   1.630   -13.143 1.00 21.18 ? 43  GLN A OE1 1 
ATOM   356 N NE2 . GLN A 1 43  ? 5.430   -0.029  -12.777 1.00 20.60 ? 43  GLN A NE2 1 
ATOM   357 N N   . GLN A 1 44  ? 4.520   3.399   -7.793  1.00 15.21 ? 44  GLN A N   1 
ATOM   358 C CA  . GLN A 1 44  ? 4.341   4.444   -6.790  1.00 14.81 ? 44  GLN A CA  1 
ATOM   359 C C   . GLN A 1 44  ? 4.823   4.027   -5.403  1.00 14.66 ? 44  GLN A C   1 
ATOM   360 O O   . GLN A 1 44  ? 5.490   4.804   -4.717  1.00 14.80 ? 44  GLN A O   1 
ATOM   361 C CB  . GLN A 1 44  ? 2.878   4.897   -6.744  1.00 14.61 ? 44  GLN A CB  1 
ATOM   362 C CG  . GLN A 1 44  ? 2.588   6.021   -5.750  1.00 13.71 ? 44  GLN A CG  1 
ATOM   363 C CD  . GLN A 1 44  ? 3.295   7.327   -6.088  1.00 12.86 ? 44  GLN A CD  1 
ATOM   364 O OE1 . GLN A 1 44  ? 3.446   7.689   -7.259  1.00 12.14 ? 44  GLN A OE1 1 
ATOM   365 N NE2 . GLN A 1 44  ? 3.721   8.047   -5.056  1.00 12.52 ? 44  GLN A NE2 1 
ATOM   366 N N   . VAL A 1 45  ? 4.466   2.813   -4.984  1.00 14.42 ? 45  VAL A N   1 
ATOM   367 C CA  . VAL A 1 45  ? 4.912   2.298   -3.689  1.00 14.59 ? 45  VAL A CA  1 
ATOM   368 C C   . VAL A 1 45  ? 5.525   0.909   -3.803  1.00 14.70 ? 45  VAL A C   1 
ATOM   369 O O   . VAL A 1 45  ? 5.164   0.131   -4.688  1.00 14.63 ? 45  VAL A O   1 
ATOM   370 C CB  . VAL A 1 45  ? 3.776   2.276   -2.626  1.00 14.68 ? 45  VAL A CB  1 
ATOM   371 C CG1 . VAL A 1 45  ? 3.247   3.677   -2.371  1.00 14.73 ? 45  VAL A CG1 1 
ATOM   372 C CG2 . VAL A 1 45  ? 2.647   1.334   -3.038  1.00 14.27 ? 45  VAL A CG2 1 
ATOM   373 N N   . GLN A 1 46  ? 6.462   0.619   -2.906  1.00 14.95 ? 46  GLN A N   1 
ATOM   374 C CA  . GLN A 1 46  ? 6.988   -0.728  -2.738  1.00 15.26 ? 46  GLN A CA  1 
ATOM   375 C C   . GLN A 1 46  ? 6.553   -1.242  -1.370  1.00 15.19 ? 46  GLN A C   1 
ATOM   376 O O   . GLN A 1 46  ? 6.772   -0.579  -0.353  1.00 15.08 ? 46  GLN A O   1 
ATOM   377 C CB  . GLN A 1 46  ? 8.511   -0.743  -2.862  1.00 15.59 ? 46  GLN A CB  1 
ATOM   378 C CG  . GLN A 1 46  ? 9.132   -2.112  -2.627  1.00 17.15 ? 46  GLN A CG  1 
ATOM   379 C CD  . GLN A 1 46  ? 10.616  -2.033  -2.370  1.00 19.03 ? 46  GLN A CD  1 
ATOM   380 O OE1 . GLN A 1 46  ? 11.419  -2.014  -3.302  1.00 21.20 ? 46  GLN A OE1 1 
ATOM   381 N NE2 . GLN A 1 46  ? 10.991  -1.988  -1.097  1.00 20.11 ? 46  GLN A NE2 1 
ATOM   382 N N   . LEU A 1 47  ? 5.945   -2.426  -1.362  1.00 14.99 ? 47  LEU A N   1 
ATOM   383 C CA  . LEU A 1 47  ? 5.323   -2.981  -0.163  1.00 15.14 ? 47  LEU A CA  1 
ATOM   384 C C   . LEU A 1 47  ? 5.984   -4.280  0.275   1.00 15.14 ? 47  LEU A C   1 
ATOM   385 O O   . LEU A 1 47  ? 6.187   -5.185  -0.532  1.00 15.41 ? 47  LEU A O   1 
ATOM   386 C CB  . LEU A 1 47  ? 3.832   -3.231  -0.413  1.00 15.00 ? 47  LEU A CB  1 
ATOM   387 C CG  . LEU A 1 47  ? 2.977   -2.061  -0.909  1.00 14.93 ? 47  LEU A CG  1 
ATOM   388 C CD1 . LEU A 1 47  ? 1.570   -2.534  -1.220  1.00 15.37 ? 47  LEU A CD1 1 
ATOM   389 C CD2 . LEU A 1 47  ? 2.947   -0.923  0.101   1.00 15.50 ? 47  LEU A CD2 1 
ATOM   390 N N   . LYS A 1 48  ? 6.313   -4.367  1.560   1.00 15.01 ? 48  LYS A N   1 
ATOM   391 C CA  . LYS A 1 48  ? 6.871   -5.591  2.127   1.00 15.17 ? 48  LYS A CA  1 
ATOM   392 C C   . LYS A 1 48  ? 6.080   -5.994  3.365   1.00 14.70 ? 48  LYS A C   1 
ATOM   393 O O   . LYS A 1 48  ? 6.218   -5.383  4.432   1.00 14.58 ? 48  LYS A O   1 
ATOM   394 C CB  . LYS A 1 48  ? 8.351   -5.406  2.472   1.00 15.31 ? 48  LYS A CB  1 
ATOM   395 C CG  . LYS A 1 48  ? 9.272   -5.280  1.273   1.00 17.18 ? 48  LYS A CG  1 
ATOM   396 C CD  . LYS A 1 48  ? 10.672  -4.901  1.723   1.00 19.26 ? 48  LYS A CD  1 
ATOM   397 C CE  . LYS A 1 48  ? 11.650  -4.860  0.567   1.00 21.40 ? 48  LYS A CE  1 
ATOM   398 N NZ  . LYS A 1 48  ? 12.921  -4.201  0.983   1.00 22.02 ? 48  LYS A NZ  1 
ATOM   399 N N   . ALA A 1 49  ? 5.239   -7.015  3.213   1.00 14.36 ? 49  ALA A N   1 
ATOM   400 C CA  . ALA A 1 49  ? 4.371   -7.467  4.293   1.00 13.99 ? 49  ALA A CA  1 
ATOM   401 C C   . ALA A 1 49  ? 5.150   -8.226  5.354   1.00 14.02 ? 49  ALA A C   1 
ATOM   402 O O   . ALA A 1 49  ? 6.045   -9.008  5.033   1.00 13.93 ? 49  ALA A O   1 
ATOM   403 C CB  . ALA A 1 49  ? 3.250   -8.333  3.748   1.00 14.01 ? 49  ALA A CB  1 
ATOM   404 N N   . GLU A 1 50  ? 4.805   -7.979  6.613   1.00 13.77 ? 50  GLU A N   1 
ATOM   405 C CA  . GLU A 1 50  ? 5.304   -8.778  7.724   1.00 14.13 ? 50  GLU A CA  1 
ATOM   406 C C   . GLU A 1 50  ? 4.096   -9.487  8.325   1.00 14.30 ? 50  GLU A C   1 
ATOM   407 O O   . GLU A 1 50  ? 3.342   -8.901  9.104   1.00 14.13 ? 50  GLU A O   1 
ATOM   408 C CB  . GLU A 1 50  ? 5.997   -7.899  8.771   1.00 14.16 ? 50  GLU A CB  1 
ATOM   409 C CG  . GLU A 1 50  ? 7.361   -8.426  9.251   1.00 14.84 ? 50  GLU A CG  1 
ATOM   410 C CD  . GLU A 1 50  ? 7.307   -9.793  9.937   1.00 15.11 ? 50  GLU A CD  1 
ATOM   411 O OE1 . GLU A 1 50  ? 6.205   -10.351 10.148  1.00 15.82 ? 50  GLU A OE1 1 
ATOM   412 O OE2 . GLU A 1 50  ? 8.393   -10.311 10.273  1.00 14.96 ? 50  GLU A OE2 1 
ATOM   413 N N   . CYS A 1 51  ? 3.907   -10.744 7.931   1.00 14.58 ? 51  CYS A N   1 
ATOM   414 C CA  . CYS A 1 51  ? 2.695   -11.490 8.266   1.00 15.00 ? 51  CYS A CA  1 
ATOM   415 C C   . CYS A 1 51  ? 2.649   -11.993 9.707   1.00 15.21 ? 51  CYS A C   1 
ATOM   416 O O   . CYS A 1 51  ? 1.568   -12.217 10.249  1.00 15.66 ? 51  CYS A O   1 
ATOM   417 C CB  . CYS A 1 51  ? 2.494   -12.641 7.283   1.00 15.06 ? 51  CYS A CB  1 
ATOM   418 S SG  . CYS A 1 51  ? 2.105   -12.063 5.617   1.00 15.81 ? 51  CYS A SG  1 
ATOM   419 N N   . ASN A 1 52  ? 3.819   -12.166 10.319  1.00 15.40 ? 52  ASN A N   1 
ATOM   420 C CA  . ASN A 1 52  ? 3.898   -12.545 11.728  1.00 15.40 ? 52  ASN A CA  1 
ATOM   421 C C   . ASN A 1 52  ? 3.676   -11.348 12.653  1.00 15.31 ? 52  ASN A C   1 
ATOM   422 O O   . ASN A 1 52  ? 2.964   -11.453 13.652  1.00 15.53 ? 52  ASN A O   1 
ATOM   423 C CB  . ASN A 1 52  ? 5.243   -13.207 12.042  1.00 15.68 ? 52  ASN A CB  1 
ATOM   424 C CG  . ASN A 1 52  ? 5.407   -14.567 11.372  1.00 16.31 ? 52  ASN A CG  1 
ATOM   425 O OD1 . ASN A 1 52  ? 6.453   -14.858 10.793  1.00 18.59 ? 52  ASN A OD1 1 
ATOM   426 N ND2 . ASN A 1 52  ? 4.374   -15.402 11.451  1.00 16.57 ? 52  ASN A ND2 1 
ATOM   427 N N   . LYS A 1 53  ? 4.281   -10.215 12.299  1.00 14.92 ? 53  LYS A N   1 
ATOM   428 C CA  . LYS A 1 53  ? 4.285   -9.016  13.145  1.00 14.80 ? 53  LYS A CA  1 
ATOM   429 C C   . LYS A 1 53  ? 3.116   -8.064  12.877  1.00 14.63 ? 53  LYS A C   1 
ATOM   430 O O   . LYS A 1 53  ? 2.844   -7.157  13.674  1.00 14.40 ? 53  LYS A O   1 
ATOM   431 C CB  . LYS A 1 53  ? 5.630   -8.292  13.028  1.00 14.88 ? 53  LYS A CB  1 
ATOM   432 C CG  . LYS A 1 53  ? 6.782   -9.118  13.580  1.00 15.60 ? 53  LYS A CG  1 
ATOM   433 C CD  . LYS A 1 53  ? 8.128   -8.464  13.378  1.00 16.85 ? 53  LYS A CD  1 
ATOM   434 C CE  . LYS A 1 53  ? 9.214   -9.354  13.966  1.00 18.24 ? 53  LYS A CE  1 
ATOM   435 N NZ  . LYS A 1 53  ? 10.481  -8.627  14.204  1.00 19.87 ? 53  LYS A NZ  1 
ATOM   436 N N   . GLY A 1 54  ? 2.433   -8.270  11.754  1.00 14.49 ? 54  GLY A N   1 
ATOM   437 C CA  . GLY A 1 54  ? 1.190   -7.557  11.472  1.00 14.29 ? 54  GLY A CA  1 
ATOM   438 C C   . GLY A 1 54  ? 1.349   -6.111  11.039  1.00 14.26 ? 54  GLY A C   1 
ATOM   439 O O   . GLY A 1 54  ? 0.582   -5.244  11.463  1.00 14.27 ? 54  GLY A O   1 
ATOM   440 N N   . TYR A 1 55  ? 2.338   -5.858  10.187  1.00 14.28 ? 55  TYR A N   1 
ATOM   441 C CA  . TYR A 1 55  ? 2.478   -4.565  9.524   1.00 14.28 ? 55  TYR A CA  1 
ATOM   442 C C   . TYR A 1 55  ? 2.979   -4.743  8.092   1.00 14.19 ? 55  TYR A C   1 
ATOM   443 O O   . TYR A 1 55  ? 3.368   -5.842  7.688   1.00 14.23 ? 55  TYR A O   1 
ATOM   444 C CB  . TYR A 1 55  ? 3.407   -3.630  10.314  1.00 14.59 ? 55  TYR A CB  1 
ATOM   445 C CG  . TYR A 1 55  ? 4.851   -4.079  10.387  1.00 14.64 ? 55  TYR A CG  1 
ATOM   446 C CD1 . TYR A 1 55  ? 5.341   -4.734  11.518  1.00 14.46 ? 55  TYR A CD1 1 
ATOM   447 C CD2 . TYR A 1 55  ? 5.733   -3.839  9.333   1.00 15.59 ? 55  TYR A CD2 1 
ATOM   448 C CE1 . TYR A 1 55  ? 6.666   -5.143  11.595  1.00 15.70 ? 55  TYR A CE1 1 
ATOM   449 C CE2 . TYR A 1 55  ? 7.060   -4.249  9.397   1.00 15.27 ? 55  TYR A CE2 1 
ATOM   450 C CZ  . TYR A 1 55  ? 7.520   -4.899  10.534  1.00 15.41 ? 55  TYR A CZ  1 
ATOM   451 O OH  . TYR A 1 55  ? 8.830   -5.307  10.611  1.00 15.78 ? 55  TYR A OH  1 
ATOM   452 N N   . VAL A 1 56  ? 2.960   -3.659  7.325   1.00 14.06 ? 56  VAL A N   1 
ATOM   453 C CA  . VAL A 1 56  ? 3.525   -3.667  5.982   1.00 13.79 ? 56  VAL A CA  1 
ATOM   454 C C   . VAL A 1 56  ? 4.472   -2.484  5.837   1.00 14.11 ? 56  VAL A C   1 
ATOM   455 O O   . VAL A 1 56  ? 4.080   -1.339  6.068   1.00 14.09 ? 56  VAL A O   1 
ATOM   456 C CB  . VAL A 1 56  ? 2.423   -3.603  4.894   1.00 13.66 ? 56  VAL A CB  1 
ATOM   457 C CG1 . VAL A 1 56  ? 3.036   -3.508  3.490   1.00 13.34 ? 56  VAL A CG1 1 
ATOM   458 C CG2 . VAL A 1 56  ? 1.513   -4.815  4.990   1.00 13.60 ? 56  VAL A CG2 1 
ATOM   459 N N   . LYS A 1 57  ? 5.720   -2.768  5.477   1.00 14.19 ? 57  LYS A N   1 
ATOM   460 C CA  . LYS A 1 57  ? 6.682   -1.709  5.191   1.00 14.58 ? 57  LYS A CA  1 
ATOM   461 C C   . LYS A 1 57  ? 6.332   -1.057  3.861   1.00 14.63 ? 57  LYS A C   1 
ATOM   462 O O   . LYS A 1 57  ? 6.226   -1.737  2.840   1.00 14.57 ? 57  LYS A O   1 
ATOM   463 C CB  . LYS A 1 57  ? 8.117   -2.245  5.174   1.00 14.92 ? 57  LYS A CB  1 
ATOM   464 C CG  . LYS A 1 57  ? 8.738   -2.363  6.558   1.00 16.69 ? 57  LYS A CG  1 
ATOM   465 C CD  . LYS A 1 57  ? 10.258  -2.486  6.515   1.00 19.35 ? 57  LYS A CD  1 
ATOM   466 C CE  . LYS A 1 57  ? 10.710  -3.926  6.343   1.00 21.27 ? 57  LYS A CE  1 
ATOM   467 N NZ  . LYS A 1 57  ? 12.094  -4.128  6.870   1.00 22.89 ? 57  LYS A NZ  1 
ATOM   468 N N   . VAL A 1 58  ? 6.136   0.258   3.887   1.00 14.57 ? 58  VAL A N   1 
ATOM   469 C CA  . VAL A 1 58  ? 5.794   1.007   2.684   1.00 14.90 ? 58  VAL A CA  1 
ATOM   470 C C   . VAL A 1 58  ? 6.913   1.974   2.330   1.00 15.05 ? 58  VAL A C   1 
ATOM   471 O O   . VAL A 1 58  ? 7.212   2.889   3.098   1.00 15.29 ? 58  VAL A O   1 
ATOM   472 C CB  . VAL A 1 58  ? 4.492   1.828   2.851   1.00 14.87 ? 58  VAL A CB  1 
ATOM   473 C CG1 . VAL A 1 58  ? 4.128   2.512   1.534   1.00 14.88 ? 58  VAL A CG1 1 
ATOM   474 C CG2 . VAL A 1 58  ? 3.347   0.956   3.331   1.00 15.12 ? 58  VAL A CG2 1 
ATOM   475 N N   . LYS A 1 59  ? 7.512   1.765   1.162   1.00 15.28 ? 59  LYS A N   1 
ATOM   476 C CA  . LYS A 1 59  ? 8.508   2.681   0.629   1.00 15.73 ? 59  LYS A CA  1 
ATOM   477 C C   . LYS A 1 59  ? 7.904   3.426   -0.551  1.00 15.45 ? 59  LYS A C   1 
ATOM   478 O O   . LYS A 1 59  ? 7.437   2.808   -1.506  1.00 15.40 ? 59  LYS A O   1 
ATOM   479 C CB  . LYS A 1 59  ? 9.757   1.916   0.195   1.00 15.80 ? 59  LYS A CB  1 
ATOM   480 C CG  . LYS A 1 59  ? 10.956  2.797   -0.140  1.00 16.84 ? 59  LYS A CG  1 
ATOM   481 C CD  . LYS A 1 59  ? 12.214  1.969   -0.387  1.00 17.03 ? 59  LYS A CD  1 
ATOM   482 C CE  . LYS A 1 59  ? 12.678  1.252   0.882   1.00 19.82 ? 59  LYS A CE  1 
ATOM   483 N NZ  . LYS A 1 59  ? 13.914  0.443   0.674   1.00 21.44 ? 59  LYS A NZ  1 
ATOM   484 N N   . GLN A 1 60  ? 7.895   4.752   -0.477  1.00 15.51 ? 60  GLN A N   1 
ATOM   485 C CA  . GLN A 1 60  ? 7.415   5.554   -1.594  1.00 15.47 ? 60  GLN A CA  1 
ATOM   486 C C   . GLN A 1 60  ? 8.477   5.533   -2.690  1.00 15.78 ? 60  GLN A C   1 
ATOM   487 O O   . GLN A 1 60  ? 9.618   5.919   -2.454  1.00 16.10 ? 60  GLN A O   1 
ATOM   488 C CB  . GLN A 1 60  ? 7.115   6.988   -1.151  1.00 15.51 ? 60  GLN A CB  1 
ATOM   489 C CG  . GLN A 1 60  ? 6.610   7.889   -2.272  1.00 15.42 ? 60  GLN A CG  1 
ATOM   490 C CD  . GLN A 1 60  ? 6.435   9.326   -1.829  1.00 15.04 ? 60  GLN A CD  1 
ATOM   491 O OE1 . GLN A 1 60  ? 5.837   9.599   -0.785  1.00 14.69 ? 60  GLN A OE1 1 
ATOM   492 N NE2 . GLN A 1 60  ? 6.953   10.258  -2.624  1.00 14.32 ? 60  GLN A NE2 1 
ATOM   493 N N   . VAL A 1 61  ? 8.100   5.045   -3.868  1.00 16.05 ? 61  VAL A N   1 
ATOM   494 C CA  . VAL A 1 61  ? 9.016   4.984   -5.014  1.00 16.14 ? 61  VAL A CA  1 
ATOM   495 C C   . VAL A 1 61  ? 8.767   6.146   -5.979  1.00 16.01 ? 61  VAL A C   1 
ATOM   496 O O   . VAL A 1 61  ? 9.708   6.692   -6.564  1.00 16.00 ? 61  VAL A O   1 
ATOM   497 C CB  . VAL A 1 61  ? 8.913   3.627   -5.764  1.00 16.40 ? 61  VAL A CB  1 
ATOM   498 C CG1 . VAL A 1 61  ? 9.921   3.563   -6.909  1.00 16.89 ? 61  VAL A CG1 1 
ATOM   499 C CG2 . VAL A 1 61  ? 9.138   2.471   -4.806  1.00 17.36 ? 61  VAL A CG2 1 
ATOM   500 N N   . GLY A 1 62  ? 7.498   6.517   -6.144  1.00 15.61 ? 62  GLY A N   1 
ATOM   501 C CA  . GLY A 1 62  ? 7.115   7.623   -7.019  1.00 15.36 ? 62  GLY A CA  1 
ATOM   502 C C   . GLY A 1 62  ? 7.503   8.966   -6.431  1.00 15.23 ? 62  GLY A C   1 
ATOM   503 O O   . GLY A 1 62  ? 7.761   9.076   -5.226  1.00 15.20 ? 62  GLY A O   1 
ATOM   504 N N   . VAL A 1 63  ? 7.542   9.990   -7.279  1.00 15.12 ? 63  VAL A N   1 
ATOM   505 C CA  . VAL A 1 63  ? 7.946   11.330  -6.854  1.00 15.05 ? 63  VAL A CA  1 
ATOM   506 C C   . VAL A 1 63  ? 6.844   12.035  -6.055  1.00 14.81 ? 63  VAL A C   1 
ATOM   507 O O   . VAL A 1 63  ? 7.111   12.641  -5.013  1.00 15.14 ? 63  VAL A O   1 
ATOM   508 C CB  . VAL A 1 63  ? 8.444   12.206  -8.057  1.00 15.24 ? 63  VAL A CB  1 
ATOM   509 C CG1 . VAL A 1 63  ? 7.384   12.320  -9.158  1.00 16.00 ? 63  VAL A CG1 1 
ATOM   510 C CG2 . VAL A 1 63  ? 8.901   13.589  -7.580  1.00 15.39 ? 63  VAL A CG2 1 
ATOM   511 N N   . ASN A 1 64  ? 5.606   11.927  -6.527  1.00 14.47 ? 64  ASN A N   1 
ATOM   512 C CA  . ASN A 1 64  ? 4.484   12.604  -5.887  1.00 14.03 ? 64  ASN A CA  1 
ATOM   513 C C   . ASN A 1 64  ? 4.079   11.925  -4.575  1.00 13.67 ? 64  ASN A C   1 
ATOM   514 O O   . ASN A 1 64  ? 4.259   10.716  -4.429  1.00 13.79 ? 64  ASN A O   1 
ATOM   515 C CB  . ASN A 1 64  ? 3.324   12.749  -6.873  1.00 14.34 ? 64  ASN A CB  1 
ATOM   516 C CG  . ASN A 1 64  ? 3.709   13.561  -8.099  1.00 14.59 ? 64  ASN A CG  1 
ATOM   517 O OD1 . ASN A 1 64  ? 4.417   14.568  -7.993  1.00 15.19 ? 64  ASN A OD1 1 
ATOM   518 N ND2 . ASN A 1 64  ? 3.251   13.126  -9.268  1.00 15.77 ? 64  ASN A ND2 1 
ATOM   519 N N   . PRO A 1 65  ? 3.552   12.707  -3.610  1.00 13.54 ? 65  PRO A N   1 
ATOM   520 C CA  . PRO A 1 65  ? 3.504   12.231  -2.225  1.00 13.15 ? 65  PRO A CA  1 
ATOM   521 C C   . PRO A 1 65  ? 2.511   11.107  -1.931  1.00 12.98 ? 65  PRO A C   1 
ATOM   522 O O   . PRO A 1 65  ? 1.313   11.230  -2.209  1.00 12.58 ? 65  PRO A O   1 
ATOM   523 C CB  . PRO A 1 65  ? 3.145   13.489  -1.430  1.00 13.18 ? 65  PRO A CB  1 
ATOM   524 C CG  . PRO A 1 65  ? 2.412   14.351  -2.388  1.00 13.17 ? 65  PRO A CG  1 
ATOM   525 C CD  . PRO A 1 65  ? 2.989   14.066  -3.747  1.00 13.40 ? 65  PRO A CD  1 
ATOM   526 N N   . THR A 1 66  ? 3.043   10.027  -1.367  1.00 12.66 ? 66  THR A N   1 
ATOM   527 C CA  . THR A 1 66  ? 2.258   8.954   -0.779  1.00 12.69 ? 66  THR A CA  1 
ATOM   528 C C   . THR A 1 66  ? 2.192   9.244   0.723   1.00 12.64 ? 66  THR A C   1 
ATOM   529 O O   . THR A 1 66  ? 3.177   9.678   1.319   1.00 12.75 ? 66  THR A O   1 
ATOM   530 C CB  . THR A 1 66  ? 2.921   7.580   -1.051  1.00 12.85 ? 66  THR A CB  1 
ATOM   531 O OG1 . THR A 1 66  ? 2.810   7.261   -2.444  1.00 12.30 ? 66  THR A OG1 1 
ATOM   532 C CG2 . THR A 1 66  ? 2.265   6.478   -0.245  1.00 13.08 ? 66  THR A CG2 1 
ATOM   533 N N   . SER A 1 67  ? 1.032   9.019   1.334   1.00 12.42 ? 67  SER A N   1 
ATOM   534 C CA  . SER A 1 67  ? 0.863   9.348   2.750   1.00 12.50 ? 67  SER A CA  1 
ATOM   535 C C   . SER A 1 67  ? 0.176   8.241   3.544   1.00 12.46 ? 67  SER A C   1 
ATOM   536 O O   . SER A 1 67  ? -0.492  7.379   2.978   1.00 12.06 ? 67  SER A O   1 
ATOM   537 C CB  . SER A 1 67  ? 0.094   10.663  2.897   1.00 12.75 ? 67  SER A CB  1 
ATOM   538 O OG  . SER A 1 67  ? -1.157  10.587  2.241   1.00 13.04 ? 67  SER A OG  1 
ATOM   539 N N   . ILE A 1 68  ? 0.368   8.267   4.860   1.00 12.68 ? 68  ILE A N   1 
ATOM   540 C CA  . ILE A 1 68  ? -0.367  7.398   5.773   1.00 12.71 ? 68  ILE A CA  1 
ATOM   541 C C   . ILE A 1 68  ? -1.112  8.303   6.746   1.00 12.62 ? 68  ILE A C   1 
ATOM   542 O O   . ILE A 1 68  ? -0.495  9.101   7.458   1.00 12.56 ? 68  ILE A O   1 
ATOM   543 C CB  . ILE A 1 68  ? 0.558   6.396   6.512   1.00 12.76 ? 68  ILE A CB  1 
ATOM   544 C CG1 . ILE A 1 68  ? 1.197   5.423   5.510   1.00 13.07 ? 68  ILE A CG1 1 
ATOM   545 C CG2 . ILE A 1 68  ? -0.225  5.622   7.568   1.00 13.36 ? 68  ILE A CG2 1 
ATOM   546 C CD1 . ILE A 1 68  ? 2.353   4.598   6.068   1.00 13.00 ? 68  ILE A CD1 1 
ATOM   547 N N   . ASP A 1 69  ? -2.442  8.203   6.732   1.00 12.60 ? 69  ASP A N   1 
ATOM   548 C CA  . ASP A 1 69  ? -3.314  9.112   7.490   1.00 12.50 ? 69  ASP A CA  1 
ATOM   549 C C   . ASP A 1 69  ? -2.904  10.580  7.304   1.00 12.75 ? 69  ASP A C   1 
ATOM   550 O O   . ASP A 1 69  ? -2.782  11.337  8.274   1.00 12.12 ? 69  ASP A O   1 
ATOM   551 C CB  . ASP A 1 69  ? -3.355  8.724   8.976   1.00 12.82 ? 69  ASP A CB  1 
ATOM   552 C CG  . ASP A 1 69  ? -3.941  7.336   9.205   1.00 13.18 ? 69  ASP A CG  1 
ATOM   553 O OD1 . ASP A 1 69  ? -3.539  6.679   10.187  1.00 13.91 ? 69  ASP A OD1 1 
ATOM   554 O OD2 . ASP A 1 69  ? -4.804  6.903   8.409   1.00 13.55 ? 69  ASP A OD2 1 
ATOM   555 N N   . SER A 1 70  ? -2.679  10.940  6.039   1.00 13.05 ? 70  SER A N   1 
ATOM   556 C CA  . SER A 1 70  ? -2.330  12.297  5.576   1.00 13.80 ? 70  SER A CA  1 
ATOM   557 C C   . SER A 1 70  ? -0.866  12.705  5.794   1.00 13.80 ? 70  SER A C   1 
ATOM   558 O O   . SER A 1 70  ? -0.434  13.750  5.292   1.00 13.94 ? 70  SER A O   1 
ATOM   559 C CB  . SER A 1 70  ? -3.296  13.362  6.121   1.00 14.03 ? 70  SER A CB  1 
ATOM   560 O OG  . SER A 1 70  ? -2.868  13.863  7.378   1.00 16.16 ? 70  SER A OG  1 
ATOM   561 N N   . VAL A 1 71  ? -0.111  11.882  6.520   1.00 13.47 ? 71  VAL A N   1 
ATOM   562 C CA  . VAL A 1 71  ? 1.307   12.158  6.780   1.00 13.41 ? 71  VAL A CA  1 
ATOM   563 C C   . VAL A 1 71  ? 2.180   11.588  5.660   1.00 13.43 ? 71  VAL A C   1 
ATOM   564 O O   . VAL A 1 71  ? 2.246   10.370  5.461   1.00 12.89 ? 71  VAL A O   1 
ATOM   565 C CB  . VAL A 1 71  ? 1.766   11.639  8.173   1.00 13.23 ? 71  VAL A CB  1 
ATOM   566 C CG1 . VAL A 1 71  ? 3.229   12.012  8.438   1.00 13.41 ? 71  VAL A CG1 1 
ATOM   567 C CG2 . VAL A 1 71  ? 0.878   12.206  9.267   1.00 13.59 ? 71  VAL A CG2 1 
ATOM   568 N N   . VAL A 1 72  ? 2.839   12.492  4.938   1.00 13.53 ? 72  VAL A N   1 
ATOM   569 C CA  . VAL A 1 72  ? 3.631   12.156  3.752   1.00 14.02 ? 72  VAL A CA  1 
ATOM   570 C C   . VAL A 1 72  ? 4.852   11.306  4.097   1.00 14.24 ? 72  VAL A C   1 
ATOM   571 O O   . VAL A 1 72  ? 5.561   11.580  5.067   1.00 14.27 ? 72  VAL A O   1 
ATOM   572 C CB  . VAL A 1 72  ? 4.060   13.439  2.984   1.00 14.05 ? 72  VAL A CB  1 
ATOM   573 C CG1 . VAL A 1 72  ? 5.082   13.127  1.893   1.00 14.63 ? 72  VAL A CG1 1 
ATOM   574 C CG2 . VAL A 1 72  ? 2.836   14.137  2.393   1.00 13.67 ? 72  VAL A CG2 1 
ATOM   575 N N   . ILE A 1 73  ? 5.080   10.276  3.288   1.00 14.70 ? 73  ILE A N   1 
ATOM   576 C CA  . ILE A 1 73  ? 6.231   9.389   3.441   1.00 15.13 ? 73  ILE A CA  1 
ATOM   577 C C   . ILE A 1 73  ? 7.488   10.031  2.845   1.00 15.66 ? 73  ILE A C   1 
ATOM   578 O O   . ILE A 1 73  ? 8.498   10.183  3.536   1.00 16.09 ? 73  ILE A O   1 
ATOM   579 C CB  . ILE A 1 73  ? 5.957   7.995   2.807   1.00 15.01 ? 73  ILE A CB  1 
ATOM   580 C CG1 . ILE A 1 73  ? 4.793   7.307   3.536   1.00 14.85 ? 73  ILE A CG1 1 
ATOM   581 C CG2 . ILE A 1 73  ? 7.217   7.125   2.830   1.00 14.93 ? 73  ILE A CG2 1 
ATOM   582 C CD1 . ILE A 1 73  ? 4.333   6.000   2.915   1.00 14.86 ? 73  ILE A CD1 1 
ATOM   583 N N   . GLY A 1 74  ? 7.411   10.418  1.570   1.00 16.30 ? 74  GLY A N   1 
ATOM   584 C CA  . GLY A 1 74  ? 8.547   10.994  0.847   1.00 17.24 ? 74  GLY A CA  1 
ATOM   585 C C   . GLY A 1 74  ? 9.289   9.944   0.040   1.00 17.96 ? 74  GLY A C   1 
ATOM   586 O O   . GLY A 1 74  ? 9.406   8.800   0.474   1.00 17.76 ? 74  GLY A O   1 
ATOM   587 N N   . LYS A 1 75  ? 9.792   10.333  -1.134  1.00 18.80 ? 75  LYS A N   1 
ATOM   588 C CA  . LYS A 1 75  ? 10.435  9.392   -2.055  1.00 19.59 ? 75  LYS A CA  1 
ATOM   589 C C   . LYS A 1 75  ? 11.634  8.694   -1.409  1.00 19.84 ? 75  LYS A C   1 
ATOM   590 O O   . LYS A 1 75  ? 12.468  9.336   -0.765  1.00 19.97 ? 75  LYS A O   1 
ATOM   591 C CB  . LYS A 1 75  ? 10.848  10.086  -3.361  1.00 19.58 ? 75  LYS A CB  1 
ATOM   592 C CG  . LYS A 1 75  ? 11.208  9.127   -4.497  1.00 20.12 ? 75  LYS A CG  1 
ATOM   593 C CD  . LYS A 1 75  ? 11.486  9.861   -5.814  1.00 20.41 ? 75  LYS A CD  1 
ATOM   594 C CE  . LYS A 1 75  ? 12.913  10.397  -5.888  1.00 22.08 ? 75  LYS A CE  1 
ATOM   595 N NZ  . LYS A 1 75  ? 13.144  11.187  -7.135  1.00 22.75 ? 75  LYS A NZ  1 
ATOM   596 N N   . ASP A 1 76  ? 11.677  7.371   -1.576  1.00 20.19 ? 76  ASP A N   1 
ATOM   597 C CA  . ASP A 1 76  ? 12.728  6.495   -1.039  1.00 20.55 ? 76  ASP A CA  1 
ATOM   598 C C   . ASP A 1 76  ? 12.716  6.331   0.489   1.00 20.41 ? 76  ASP A C   1 
ATOM   599 O O   . ASP A 1 76  ? 13.548  5.607   1.040   1.00 20.71 ? 76  ASP A O   1 
ATOM   600 C CB  . ASP A 1 76  ? 14.120  6.910   -1.547  1.00 20.92 ? 76  ASP A CB  1 
ATOM   601 C CG  . ASP A 1 76  ? 14.223  6.889   -3.068  1.00 22.20 ? 76  ASP A CG  1 
ATOM   602 O OD1 . ASP A 1 76  ? 13.457  6.149   -3.727  1.00 23.62 ? 76  ASP A OD1 1 
ATOM   603 O OD2 . ASP A 1 76  ? 15.079  7.619   -3.611  1.00 24.09 ? 76  ASP A OD2 1 
ATOM   604 N N   . GLN A 1 77  ? 11.774  6.990   1.166   1.00 19.99 ? 77  GLN A N   1 
ATOM   605 C CA  . GLN A 1 77  ? 11.586  6.812   2.610   1.00 19.62 ? 77  GLN A CA  1 
ATOM   606 C C   . GLN A 1 77  ? 10.682  5.613   2.878   1.00 19.24 ? 77  GLN A C   1 
ATOM   607 O O   . GLN A 1 77  ? 9.874   5.247   2.025   1.00 18.85 ? 77  GLN A O   1 
ATOM   608 C CB  . GLN A 1 77  ? 10.986  8.066   3.254   1.00 19.82 ? 77  GLN A CB  1 
ATOM   609 C CG  . GLN A 1 77  ? 11.733  9.360   2.950   1.00 20.45 ? 77  GLN A CG  1 
ATOM   610 C CD  . GLN A 1 77  ? 13.209  9.279   3.292   1.00 21.75 ? 77  GLN A CD  1 
ATOM   611 O OE1 . GLN A 1 77  ? 13.579  9.110   4.452   1.00 22.89 ? 77  GLN A OE1 1 
ATOM   612 N NE2 . GLN A 1 77  ? 14.059  9.399   2.277   1.00 22.97 ? 77  GLN A NE2 1 
ATOM   613 N N   . GLU A 1 78  ? 10.820  5.016   4.060   1.00 18.78 ? 78  GLU A N   1 
ATOM   614 C CA  . GLU A 1 78  ? 10.057  3.817   4.416   1.00 18.73 ? 78  GLU A CA  1 
ATOM   615 C C   . GLU A 1 78  ? 9.357   3.967   5.767   1.00 17.77 ? 78  GLU A C   1 
ATOM   616 O O   . GLU A 1 78  ? 9.979   4.362   6.758   1.00 17.74 ? 78  GLU A O   1 
ATOM   617 C CB  . GLU A 1 78  ? 10.970  2.585   4.418   1.00 18.90 ? 78  GLU A CB  1 
ATOM   618 C CG  . GLU A 1 78  ? 10.241  1.243   4.360   1.00 20.07 ? 78  GLU A CG  1 
ATOM   619 C CD  . GLU A 1 78  ? 11.167  0.082   4.004   1.00 20.17 ? 78  GLU A CD  1 
ATOM   620 O OE1 . GLU A 1 78  ? 12.256  -0.033  4.605   1.00 21.98 ? 78  GLU A OE1 1 
ATOM   621 O OE2 . GLU A 1 78  ? 10.802  -0.720  3.118   1.00 22.23 ? 78  GLU A OE2 1 
ATOM   622 N N   . VAL A 1 79  ? 8.062   3.652   5.788   1.00 16.85 ? 79  VAL A N   1 
ATOM   623 C CA  . VAL A 1 79  ? 7.232   3.740   6.993   1.00 16.06 ? 79  VAL A CA  1 
ATOM   624 C C   . VAL A 1 79  ? 6.373   2.477   7.133   1.00 15.73 ? 79  VAL A C   1 
ATOM   625 O O   . VAL A 1 79  ? 5.928   1.914   6.132   1.00 15.70 ? 79  VAL A O   1 
ATOM   626 C CB  . VAL A 1 79  ? 6.313   4.997   6.969   1.00 15.94 ? 79  VAL A CB  1 
ATOM   627 C CG1 . VAL A 1 79  ? 5.480   5.096   8.239   1.00 16.45 ? 79  VAL A CG1 1 
ATOM   628 C CG2 . VAL A 1 79  ? 7.137   6.273   6.786   1.00 15.72 ? 79  VAL A CG2 1 
ATOM   629 N N   . LYS A 1 80  ? 6.143   2.041   8.372   1.00 15.13 ? 80  LYS A N   1 
ATOM   630 C CA  . LYS A 1 80  ? 5.316   0.861   8.639   1.00 14.71 ? 80  LYS A CA  1 
ATOM   631 C C   . LYS A 1 80  ? 3.829   1.194   8.691   1.00 14.39 ? 80  LYS A C   1 
ATOM   632 O O   . LYS A 1 80  ? 3.392   2.017   9.504   1.00 14.19 ? 80  LYS A O   1 
ATOM   633 C CB  . LYS A 1 80  ? 5.754   0.173   9.936   1.00 14.71 ? 80  LYS A CB  1 
ATOM   634 C CG  . LYS A 1 80  ? 7.129   -0.461  9.849   1.00 15.31 ? 80  LYS A CG  1 
ATOM   635 C CD  . LYS A 1 80  ? 7.543   -1.074  11.175  1.00 16.31 ? 80  LYS A CD  1 
ATOM   636 C CE  . LYS A 1 80  ? 8.955   -1.642  11.097  1.00 17.75 ? 80  LYS A CE  1 
ATOM   637 N NZ  . LYS A 1 80  ? 9.984   -0.585  10.923  1.00 18.49 ? 80  LYS A NZ  1 
ATOM   638 N N   . LEU A 1 81  ? 3.071   0.548   7.807   1.00 13.93 ? 81  LEU A N   1 
ATOM   639 C CA  . LEU A 1 81  ? 1.617   0.668   7.752   1.00 13.67 ? 81  LEU A CA  1 
ATOM   640 C C   . LEU A 1 81  ? 0.993   -0.370  8.680   1.00 13.66 ? 81  LEU A C   1 
ATOM   641 O O   . LEU A 1 81  ? 1.296   -1.562  8.587   1.00 13.64 ? 81  LEU A O   1 
ATOM   642 C CB  . LEU A 1 81  ? 1.119   0.475   6.312   1.00 13.60 ? 81  LEU A CB  1 
ATOM   643 C CG  . LEU A 1 81  ? -0.383  0.592   6.022   1.00 13.73 ? 81  LEU A CG  1 
ATOM   644 C CD1 . LEU A 1 81  ? -0.874  2.034   6.173   1.00 14.33 ? 81  LEU A CD1 1 
ATOM   645 C CD2 . LEU A 1 81  ? -0.697  0.058   4.629   1.00 14.53 ? 81  LEU A CD2 1 
ATOM   646 N N   . GLN A 1 82  ? 0.106   0.099   9.554   1.00 13.73 ? 82  GLN A N   1 
ATOM   647 C CA  . GLN A 1 82  ? -0.404  -0.686  10.675  1.00 14.05 ? 82  GLN A CA  1 
ATOM   648 C C   . GLN A 1 82  ? -1.924  -0.852  10.604  1.00 14.36 ? 82  GLN A C   1 
ATOM   649 O O   . GLN A 1 82  ? -2.589  -0.108  9.877   1.00 14.13 ? 82  GLN A O   1 
ATOM   650 C CB  . GLN A 1 82  ? -0.048  0.020   11.985  1.00 14.13 ? 82  GLN A CB  1 
ATOM   651 C CG  . GLN A 1 82  ? 1.431   0.359   12.145  1.00 14.34 ? 82  GLN A CG  1 
ATOM   652 C CD  . GLN A 1 82  ? 1.658   1.473   13.143  1.00 15.14 ? 82  GLN A CD  1 
ATOM   653 O OE1 . GLN A 1 82  ? 1.108   1.460   14.244  1.00 15.94 ? 82  GLN A OE1 1 
ATOM   654 N NE2 . GLN A 1 82  ? 2.472   2.448   12.761  1.00 15.43 ? 82  GLN A NE2 1 
ATOM   655 N N   . PRO A 1 83  ? -2.482  -1.820  11.367  1.00 14.69 ? 83  PRO A N   1 
ATOM   656 C CA  . PRO A 1 83  ? -3.941  -1.924  11.459  1.00 14.80 ? 83  PRO A CA  1 
ATOM   657 C C   . PRO A 1 83  ? -4.564  -0.584  11.829  1.00 14.68 ? 83  PRO A C   1 
ATOM   658 O O   . PRO A 1 83  ? -4.049  0.115   12.704  1.00 15.02 ? 83  PRO A O   1 
ATOM   659 C CB  . PRO A 1 83  ? -4.153  -2.923  12.599  1.00 15.06 ? 83  PRO A CB  1 
ATOM   660 C CG  . PRO A 1 83  ? -2.933  -3.748  12.617  1.00 15.01 ? 83  PRO A CG  1 
ATOM   661 C CD  . PRO A 1 83  ? -1.805  -2.868  12.158  1.00 15.06 ? 83  PRO A CD  1 
ATOM   662 N N   . GLY A 1 84  ? -5.645  -0.222  11.142  1.00 14.50 ? 84  GLY A N   1 
ATOM   663 C CA  . GLY A 1 84  ? -6.358  1.020   11.429  1.00 14.25 ? 84  GLY A CA  1 
ATOM   664 C C   . GLY A 1 84  ? -5.892  2.223   10.630  1.00 13.95 ? 84  GLY A C   1 
ATOM   665 O O   . GLY A 1 84  ? -6.604  3.227   10.548  1.00 14.47 ? 84  GLY A O   1 
ATOM   666 N N   . GLN A 1 85  ? -4.698  2.133   10.050  1.00 13.54 ? 85  GLN A N   1 
ATOM   667 C CA  . GLN A 1 85  ? -4.143  3.239   9.274   1.00 13.03 ? 85  GLN A CA  1 
ATOM   668 C C   . GLN A 1 85  ? -4.611  3.185   7.825   1.00 12.95 ? 85  GLN A C   1 
ATOM   669 O O   . GLN A 1 85  ? -4.915  2.114   7.299   1.00 13.18 ? 85  GLN A O   1 
ATOM   670 C CB  . GLN A 1 85  ? -2.618  3.230   9.323   1.00 12.96 ? 85  GLN A CB  1 
ATOM   671 C CG  . GLN A 1 85  ? -2.027  3.627   10.669  1.00 12.98 ? 85  GLN A CG  1 
ATOM   672 C CD  . GLN A 1 85  ? -0.513  3.710   10.622  1.00 13.02 ? 85  GLN A CD  1 
ATOM   673 O OE1 . GLN A 1 85  ? 0.147   2.849   10.035  1.00 13.67 ? 85  GLN A OE1 1 
ATOM   674 N NE2 . GLN A 1 85  ? 0.044   4.750   11.232  1.00 13.84 ? 85  GLN A NE2 1 
ATOM   675 N N   . VAL A 1 86  ? -4.666  4.351   7.188   1.00 12.65 ? 86  VAL A N   1 
ATOM   676 C CA  . VAL A 1 86  ? -5.042  4.426   5.780   1.00 12.40 ? 86  VAL A CA  1 
ATOM   677 C C   . VAL A 1 86  ? -3.862  4.915   4.946   1.00 12.47 ? 86  VAL A C   1 
ATOM   678 O O   . VAL A 1 86  ? -3.294  5.970   5.225   1.00 12.11 ? 86  VAL A O   1 
ATOM   679 C CB  . VAL A 1 86  ? -6.272  5.336   5.561   1.00 12.45 ? 86  VAL A CB  1 
ATOM   680 C CG1 . VAL A 1 86  ? -6.615  5.420   4.081   1.00 12.73 ? 86  VAL A CG1 1 
ATOM   681 C CG2 . VAL A 1 86  ? -7.472  4.814   6.356   1.00 12.62 ? 86  VAL A CG2 1 
ATOM   682 N N   . LEU A 1 87  ? -3.499  4.129   3.934   1.00 12.27 ? 87  LEU A N   1 
ATOM   683 C CA  . LEU A 1 87  ? -2.481  4.513   2.966   1.00 12.26 ? 87  LEU A CA  1 
ATOM   684 C C   . LEU A 1 87  ? -3.146  5.185   1.764   1.00 12.32 ? 87  LEU A C   1 
ATOM   685 O O   . LEU A 1 87  ? -4.009  4.588   1.118   1.00 11.93 ? 87  LEU A O   1 
ATOM   686 C CB  . LEU A 1 87  ? -1.689  3.276   2.517   1.00 12.42 ? 87  LEU A CB  1 
ATOM   687 C CG  . LEU A 1 87  ? -0.673  3.417   1.381   1.00 12.33 ? 87  LEU A CG  1 
ATOM   688 C CD1 . LEU A 1 87  ? 0.601   4.087   1.879   1.00 12.71 ? 87  LEU A CD1 1 
ATOM   689 C CD2 . LEU A 1 87  ? -0.364  2.047   0.783   1.00 12.56 ? 87  LEU A CD2 1 
ATOM   690 N N   . HIS A 1 88  ? -2.762  6.428   1.481   1.00 12.13 ? 88  HIS A N   1 
ATOM   691 C CA  . HIS A 1 88  ? -3.217  7.102   0.264   1.00 12.57 ? 88  HIS A CA  1 
ATOM   692 C C   . HIS A 1 88  ? -2.124  7.020   -0.785  1.00 12.82 ? 88  HIS A C   1 
ATOM   693 O O   . HIS A 1 88  ? -1.005  7.483   -0.558  1.00 12.66 ? 88  HIS A O   1 
ATOM   694 C CB  . HIS A 1 88  ? -3.587  8.562   0.527   1.00 12.77 ? 88  HIS A CB  1 
ATOM   695 C CG  . HIS A 1 88  ? -4.878  8.736   1.263   1.00 13.54 ? 88  HIS A CG  1 
ATOM   696 N ND1 . HIS A 1 88  ? -4.932  9.044   2.605   1.00 13.88 ? 88  HIS A ND1 1 
ATOM   697 C CD2 . HIS A 1 88  ? -6.161  8.643   0.845   1.00 14.03 ? 88  HIS A CD2 1 
ATOM   698 C CE1 . HIS A 1 88  ? -6.195  9.134   2.982   1.00 14.74 ? 88  HIS A CE1 1 
ATOM   699 N NE2 . HIS A 1 88  ? -6.962  8.896   1.932   1.00 14.22 ? 88  HIS A NE2 1 
ATOM   700 N N   . MET A 1 89  ? -2.460  6.429   -1.928  1.00 13.05 ? 89  MET A N   1 
ATOM   701 C CA  . MET A 1 89  ? -1.490  6.161   -2.982  1.00 13.54 ? 89  MET A CA  1 
ATOM   702 C C   . MET A 1 89  ? -0.782  7.431   -3.465  1.00 13.06 ? 89  MET A C   1 
ATOM   703 O O   . MET A 1 89  ? 0.435   7.433   -3.635  1.00 12.83 ? 89  MET A O   1 
ATOM   704 C CB  . MET A 1 89  ? -2.159  5.424   -4.148  1.00 13.95 ? 89  MET A CB  1 
ATOM   705 C CG  . MET A 1 89  ? -1.213  4.589   -4.996  1.00 16.63 ? 89  MET A CG  1 
ATOM   706 S SD  . MET A 1 89  ? -0.222  3.392   -4.068  1.00 20.21 ? 89  MET A SD  1 
ATOM   707 C CE  . MET A 1 89  ? -1.453  2.313   -3.361  1.00 19.72 ? 89  MET A CE  1 
ATOM   708 N N   . VAL A 1 90  ? -1.543  8.504   -3.674  1.00 12.85 ? 90  VAL A N   1 
ATOM   709 C CA  . VAL A 1 90  ? -0.967  9.795   -4.061  1.00 12.87 ? 90  VAL A CA  1 
ATOM   710 C C   . VAL A 1 90  ? -1.910  10.962  -3.740  1.00 13.09 ? 90  VAL A C   1 
ATOM   711 O O   . VAL A 1 90  ? -3.129  10.829  -3.855  1.00 13.00 ? 90  VAL A O   1 
ATOM   712 C CB  . VAL A 1 90  ? -0.536  9.810   -5.562  1.00 12.77 ? 90  VAL A CB  1 
ATOM   713 C CG1 . VAL A 1 90  ? -1.745  9.968   -6.498  1.00 12.86 ? 90  VAL A CG1 1 
ATOM   714 C CG2 . VAL A 1 90  ? 0.504   10.895  -5.820  1.00 12.88 ? 90  VAL A CG2 1 
ATOM   715 N N   . ASN A 1 91  ? -1.329  12.086  -3.312  1.00 13.55 ? 91  ASN A N   1 
ATOM   716 C CA  . ASN A 1 91  ? -2.068  13.337  -3.064  1.00 14.20 ? 91  ASN A CA  1 
ATOM   717 C C   . ASN A 1 91  ? -3.333  13.187  -2.212  1.00 14.24 ? 91  ASN A C   1 
ATOM   718 O O   . ASN A 1 91  ? -4.375  13.783  -2.512  1.00 14.41 ? 91  ASN A O   1 
ATOM   719 C CB  . ASN A 1 91  ? -2.391  14.045  -4.390  1.00 14.34 ? 91  ASN A CB  1 
ATOM   720 C CG  . ASN A 1 91  ? -1.146  14.461  -5.148  1.00 15.16 ? 91  ASN A CG  1 
ATOM   721 O OD1 . ASN A 1 91  ? -0.177  14.940  -4.555  1.00 16.03 ? 91  ASN A OD1 1 
ATOM   722 N ND2 . ASN A 1 91  ? -1.164  14.282  -6.466  1.00 16.07 ? 91  ASN A ND2 1 
ATOM   723 N N   . GLU A 1 92  ? -3.216  12.395  -1.144  1.00 14.53 ? 92  GLU A N   1 
ATOM   724 C CA  . GLU A 1 92  ? -4.319  12.080  -0.225  1.00 14.84 ? 92  GLU A CA  1 
ATOM   725 C C   . GLU A 1 92  ? -5.544  11.454  -0.905  1.00 14.53 ? 92  GLU A C   1 
ATOM   726 O O   . GLU A 1 92  ? -6.673  11.573  -0.419  1.00 14.70 ? 92  GLU A O   1 
ATOM   727 C CB  . GLU A 1 92  ? -4.712  13.296  0.621   1.00 15.22 ? 92  GLU A CB  1 
ATOM   728 C CG  . GLU A 1 92  ? -3.675  13.663  1.657   1.00 16.87 ? 92  GLU A CG  1 
ATOM   729 C CD  . GLU A 1 92  ? -4.159  14.735  2.603   1.00 19.15 ? 92  GLU A CD  1 
ATOM   730 O OE1 . GLU A 1 92  ? -5.053  14.449  3.432   1.00 20.85 ? 92  GLU A OE1 1 
ATOM   731 O OE2 . GLU A 1 92  ? -3.636  15.861  2.515   1.00 20.83 ? 92  GLU A OE2 1 
ATOM   732 N N   . LEU A 1 93  ? -5.298  10.769  -2.020  1.00 14.07 ? 93  LEU A N   1 
ATOM   733 C CA  . LEU A 1 93  ? -6.341  10.063  -2.751  1.00 13.90 ? 93  LEU A CA  1 
ATOM   734 C C   . LEU A 1 93  ? -6.002  8.582   -2.839  1.00 13.59 ? 93  LEU A C   1 
ATOM   735 O O   . LEU A 1 93  ? -4.856  8.187   -2.602  1.00 13.71 ? 93  LEU A O   1 
ATOM   736 C CB  . LEU A 1 93  ? -6.503  10.646  -4.160  1.00 13.88 ? 93  LEU A CB  1 
ATOM   737 C CG  . LEU A 1 93  ? -6.782  12.141  -4.330  1.00 13.82 ? 93  LEU A CG  1 
ATOM   738 C CD1 . LEU A 1 93  ? -6.808  12.489  -5.811  1.00 14.87 ? 93  LEU A CD1 1 
ATOM   739 C CD2 . LEU A 1 93  ? -8.088  12.554  -3.657  1.00 13.77 ? 93  LEU A CD2 1 
ATOM   740 N N   . TYR A 1 94  ? -7.013  7.781   -3.181  1.00 13.37 ? 94  TYR A N   1 
ATOM   741 C CA  . TYR A 1 94  ? -6.888  6.333   -3.422  1.00 13.17 ? 94  TYR A CA  1 
ATOM   742 C C   . TYR A 1 94  ? -6.475  5.580   -2.152  1.00 12.98 ? 94  TYR A C   1 
ATOM   743 O O   . TYR A 1 94  ? -5.315  5.180   -2.008  1.00 12.95 ? 94  TYR A O   1 
ATOM   744 C CB  . TYR A 1 94  ? -5.985  6.046   -4.644  1.00 13.42 ? 94  TYR A CB  1 
ATOM   745 C CG  . TYR A 1 94  ? -6.187  7.089   -5.725  1.00 13.60 ? 94  TYR A CG  1 
ATOM   746 C CD1 . TYR A 1 94  ? -7.431  7.237   -6.347  1.00 13.27 ? 94  TYR A CD1 1 
ATOM   747 C CD2 . TYR A 1 94  ? -5.157  7.958   -6.091  1.00 13.77 ? 94  TYR A CD2 1 
ATOM   748 C CE1 . TYR A 1 94  ? -7.642  8.213   -7.314  1.00 13.72 ? 94  TYR A CE1 1 
ATOM   749 C CE2 . TYR A 1 94  ? -5.358  8.940   -7.068  1.00 13.84 ? 94  TYR A CE2 1 
ATOM   750 C CZ  . TYR A 1 94  ? -6.605  9.058   -7.670  1.00 14.05 ? 94  TYR A CZ  1 
ATOM   751 O OH  . TYR A 1 94  ? -6.828  10.025  -8.625  1.00 14.55 ? 94  TYR A OH  1 
ATOM   752 N N   . PRO A 1 95  ? -7.438  5.397   -1.223  1.00 12.66 ? 95  PRO A N   1 
ATOM   753 C CA  . PRO A 1 95  ? -7.173  4.843   0.103   1.00 12.56 ? 95  PRO A CA  1 
ATOM   754 C C   . PRO A 1 95  ? -7.073  3.318   0.141   1.00 12.59 ? 95  PRO A C   1 
ATOM   755 O O   . PRO A 1 95  ? -7.936  2.616   -0.392  1.00 12.21 ? 95  PRO A O   1 
ATOM   756 C CB  . PRO A 1 95  ? -8.373  5.319   0.924   1.00 12.52 ? 95  PRO A CB  1 
ATOM   757 C CG  . PRO A 1 95  ? -9.484  5.417   -0.059  1.00 12.61 ? 95  PRO A CG  1 
ATOM   758 C CD  . PRO A 1 95  ? -8.865  5.738   -1.395  1.00 12.66 ? 95  PRO A CD  1 
ATOM   759 N N   . TYR A 1 96  ? -6.014  2.834   0.784   1.00 12.33 ? 96  TYR A N   1 
ATOM   760 C CA  . TYR A 1 96  ? -5.770  1.412   0.972   1.00 12.82 ? 96  TYR A CA  1 
ATOM   761 C C   . TYR A 1 96  ? -5.541  1.108   2.442   1.00 13.12 ? 96  TYR A C   1 
ATOM   762 O O   . TYR A 1 96  ? -4.984  1.924   3.175   1.00 13.06 ? 96  TYR A O   1 
ATOM   763 C CB  . TYR A 1 96  ? -4.564  0.954   0.144   1.00 13.01 ? 96  TYR A CB  1 
ATOM   764 C CG  . TYR A 1 96  ? -4.869  0.889   -1.332  1.00 12.98 ? 96  TYR A CG  1 
ATOM   765 C CD1 . TYR A 1 96  ? -5.233  -0.314  -1.934  1.00 13.66 ? 96  TYR A CD1 1 
ATOM   766 C CD2 . TYR A 1 96  ? -4.814  2.033   -2.123  1.00 13.47 ? 96  TYR A CD2 1 
ATOM   767 C CE1 . TYR A 1 96  ? -5.531  -0.374  -3.291  1.00 13.17 ? 96  TYR A CE1 1 
ATOM   768 C CE2 . TYR A 1 96  ? -5.112  1.985   -3.476  1.00 13.35 ? 96  TYR A CE2 1 
ATOM   769 C CZ  . TYR A 1 96  ? -5.465  0.777   -4.054  1.00 13.84 ? 96  TYR A CZ  1 
ATOM   770 O OH  . TYR A 1 96  ? -5.767  0.731   -5.394  1.00 14.61 ? 96  TYR A OH  1 
ATOM   771 N N   . ILE A 1 97  ? -6.006  -0.060  2.864   1.00 13.48 ? 97  ILE A N   1 
ATOM   772 C CA  . ILE A 1 97  ? -5.738  -0.564  4.201   1.00 14.22 ? 97  ILE A CA  1 
ATOM   773 C C   . ILE A 1 97  ? -5.144  -1.956  4.090   1.00 14.75 ? 97  ILE A C   1 
ATOM   774 O O   . ILE A 1 97  ? -5.246  -2.604  3.043   1.00 14.45 ? 97  ILE A O   1 
ATOM   775 C CB  . ILE A 1 97  ? -7.012  -0.597  5.084   1.00 13.98 ? 97  ILE A CB  1 
ATOM   776 C CG1 . ILE A 1 97  ? -8.111  -1.453  4.437   1.00 14.29 ? 97  ILE A CG1 1 
ATOM   777 C CG2 . ILE A 1 97  ? -7.504  0.826   5.369   1.00 13.91 ? 97  ILE A CG2 1 
ATOM   778 C CD1 . ILE A 1 97  ? -9.306  -1.728  5.336   1.00 14.68 ? 97  ILE A CD1 1 
ATOM   779 N N   . VAL A 1 98  ? -4.505  -2.408  5.161   1.00 15.66 ? 98  VAL A N   1 
ATOM   780 C CA  . VAL A 1 98  ? -4.014  -3.782  5.206   1.00 16.80 ? 98  VAL A CA  1 
ATOM   781 C C   . VAL A 1 98  ? -4.782  -4.613  6.217   1.00 17.59 ? 98  VAL A C   1 
ATOM   782 O O   . VAL A 1 98  ? -5.152  -4.132  7.290   1.00 17.33 ? 98  VAL A O   1 
ATOM   783 C CB  . VAL A 1 98  ? -2.487  -3.870  5.449   1.00 16.97 ? 98  VAL A CB  1 
ATOM   784 C CG1 . VAL A 1 98  ? -1.737  -3.496  4.175   1.00 17.42 ? 98  VAL A CG1 1 
ATOM   785 C CG2 . VAL A 1 98  ? -2.062  -2.994  6.618   1.00 17.27 ? 98  VAL A CG2 1 
ATOM   786 N N   . GLU A 1 99  ? -5.041  -5.861  5.846   1.00 18.77 ? 99  GLU A N   1 
ATOM   787 C CA  . GLU A 1 99  ? -5.768  -6.789  6.698   1.00 20.30 ? 99  GLU A CA  1 
ATOM   788 C C   . GLU A 1 99  ? -5.010  -8.105  6.743   1.00 20.98 ? 99  GLU A C   1 
ATOM   789 O O   . GLU A 1 99  ? -4.413  -8.517  5.748   1.00 21.21 ? 99  GLU A O   1 
ATOM   790 C CB  . GLU A 1 99  ? -7.188  -7.013  6.169   1.00 20.29 ? 99  GLU A CB  1 
ATOM   791 C CG  . GLU A 1 99  ? -8.103  -5.791  6.270   1.00 21.04 ? 99  GLU A CG  1 
ATOM   792 C CD  . GLU A 1 99  ? -9.476  -6.011  5.647   1.00 21.19 ? 99  GLU A CD  1 
ATOM   793 O OE1 . GLU A 1 99  ? -9.686  -7.053  4.990   1.00 23.65 ? 99  GLU A OE1 1 
ATOM   794 O OE2 . GLU A 1 99  ? -10.349 -5.132  5.806   1.00 23.36 ? 99  GLU A OE2 1 
ATOM   795 N N   . PHE A 1 100 ? -5.025  -8.747  7.905   1.00 21.79 ? 100 PHE A N   1 
ATOM   796 C CA  . PHE A 1 100 ? -4.369  -10.033 8.086   1.00 22.62 ? 100 PHE A CA  1 
ATOM   797 C C   . PHE A 1 100 ? -5.411  -11.089 8.419   1.00 23.51 ? 100 PHE A C   1 
ATOM   798 O O   . PHE A 1 100 ? -6.148  -10.960 9.400   1.00 23.50 ? 100 PHE A O   1 
ATOM   799 C CB  . PHE A 1 100 ? -3.281  -9.941  9.159   1.00 22.36 ? 100 PHE A CB  1 
ATOM   800 C CG  . PHE A 1 100 ? -2.157  -9.007  8.795   1.00 21.92 ? 100 PHE A CG  1 
ATOM   801 C CD1 . PHE A 1 100 ? -1.027  -9.483  8.137   1.00 21.25 ? 100 PHE A CD1 1 
ATOM   802 C CD2 . PHE A 1 100 ? -2.238  -7.648  9.091   1.00 21.24 ? 100 PHE A CD2 1 
ATOM   803 C CE1 . PHE A 1 100 ? 0.012   -8.624  7.788   1.00 20.88 ? 100 PHE A CE1 1 
ATOM   804 C CE2 . PHE A 1 100 ? -1.205  -6.779  8.745   1.00 20.82 ? 100 PHE A CE2 1 
ATOM   805 C CZ  . PHE A 1 100 ? -0.078  -7.271  8.089   1.00 21.34 ? 100 PHE A CZ  1 
ATOM   806 N N   . GLU A 1 101 ? -5.466  -12.122 7.582   1.00 24.51 ? 101 GLU A N   1 
ATOM   807 C CA  . GLU A 1 101 ? -6.518  -13.133 7.635   1.00 25.75 ? 101 GLU A CA  1 
ATOM   808 C C   . GLU A 1 101 ? -5.921  -14.534 7.552   1.00 26.02 ? 101 GLU A C   1 
ATOM   809 O O   . GLU A 1 101 ? -4.888  -14.739 6.917   1.00 26.03 ? 101 GLU A O   1 
ATOM   810 C CB  . GLU A 1 101 ? -7.500  -12.913 6.478   1.00 25.70 ? 101 GLU A CB  1 
ATOM   811 C CG  . GLU A 1 101 ? -8.813  -13.682 6.584   1.00 26.76 ? 101 GLU A CG  1 
ATOM   812 C CD  . GLU A 1 101 ? -9.719  -13.452 5.390   1.00 26.88 ? 101 GLU A CD  1 
ATOM   813 O OE1 . GLU A 1 101 ? -9.708  -14.293 4.466   1.00 28.32 ? 101 GLU A OE1 1 
ATOM   814 O OE2 . GLU A 1 101 ? -10.436 -12.426 5.370   1.00 28.87 ? 101 GLU A OE2 1 
ATOM   815 N N   . GLU A 1 102 ? -6.583  -15.495 8.194   1.00 26.60 ? 102 GLU A N   1 
ATOM   816 C CA  . GLU A 1 102 ? -6.161  -16.897 8.140   1.00 27.17 ? 102 GLU A CA  1 
ATOM   817 C C   . GLU A 1 102 ? -6.319  -17.493 6.742   1.00 27.26 ? 102 GLU A C   1 
ATOM   818 O O   . GLU A 1 102 ? -7.138  -17.033 5.945   1.00 27.56 ? 102 GLU A O   1 
ATOM   819 C CB  . GLU A 1 102 ? -6.940  -17.733 9.156   1.00 27.36 ? 102 GLU A CB  1 
ATOM   820 C CG  . GLU A 1 102 ? -6.513  -17.504 10.596  1.00 28.41 ? 102 GLU A CG  1 
ATOM   821 C CD  . GLU A 1 102 ? -7.041  -18.563 11.550  1.00 29.80 ? 102 GLU A CD  1 
ATOM   822 O OE1 . GLU A 1 102 ? -7.610  -19.576 11.083  1.00 30.55 ? 102 GLU A OE1 1 
ATOM   823 O OE2 . GLU A 1 102 ? -6.880  -18.379 12.774  1.00 30.29 ? 102 GLU A OE2 1 
HETATM 824 O O   . HOH B 2 .   ? 10.029  -9.354  -4.704  1.00 33.30 ? 103 HOH A O   1 
HETATM 825 O O   . HOH B 2 .   ? -2.253  -23.501 6.442   1.00 41.58 ? 104 HOH A O   1 
HETATM 826 O O   . HOH B 2 .   ? -15.578 -4.604  -6.816  1.00 31.33 ? 105 HOH A O   1 
HETATM 827 O O   . HOH B 2 .   ? 8.896   -13.358 13.632  1.00 33.67 ? 106 HOH A O   1 
HETATM 828 O O   . HOH B 2 .   ? -11.865 -1.349  -7.317  1.00 39.92 ? 107 HOH A O   1 
HETATM 829 O O   . HOH B 2 .   ? -6.223  -3.822  -3.708  1.00 27.52 ? 108 HOH A O   1 
HETATM 830 O O   . HOH B 2 .   ? -18.226 -3.204  4.787   1.00 39.04 ? 109 HOH A O   1 
HETATM 831 O O   . HOH B 2 .   ? 10.512  -5.129  12.734  1.00 36.73 ? 110 HOH A O   1 
HETATM 832 O O   . HOH B 2 .   ? -2.791  9.314   3.885   1.00 15.14 ? 111 HOH A O   1 
HETATM 833 O O   . HOH B 2 .   ? -10.860 6.531   -4.534  1.00 38.26 ? 112 HOH A O   1 
HETATM 834 O O   . HOH B 2 .   ? -7.154  -15.089 3.853   1.00 36.99 ? 113 HOH A O   1 
HETATM 835 O O   . HOH B 2 .   ? -3.582  -4.534  9.389   1.00 38.16 ? 114 HOH A O   1 
HETATM 836 O O   . HOH B 2 .   ? -10.246 5.872   -12.951 1.00 43.49 ? 115 HOH A O   1 
HETATM 837 O O   . HOH B 2 .   ? -4.263  7.359   -17.222 1.00 29.90 ? 116 HOH A O   1 
HETATM 838 O O   . HOH B 2 .   ? 4.457   -13.878 15.943  1.00 34.64 ? 117 HOH A O   1 
HETATM 839 O O   . HOH B 2 .   ? -13.664 -0.351  -13.261 1.00 40.02 ? 118 HOH A O   1 
HETATM 840 O O   . HOH B 2 .   ? -4.562  -7.439  12.490  1.00 31.93 ? 119 HOH A O   1 
HETATM 841 O O   . HOH B 2 .   ? 9.990   -14.068 2.138   1.00 33.46 ? 120 HOH A O   1 
HETATM 842 O O   . HOH B 2 .   ? -16.384 -1.067  3.372   1.00 37.58 ? 121 HOH A O   1 
HETATM 843 O O   . HOH B 2 .   ? -9.452  -10.117 6.378   1.00 41.15 ? 122 HOH A O   1 
HETATM 844 O O   . HOH B 2 .   ? -4.933  15.951  -9.317  1.00 36.53 ? 123 HOH A O   1 
HETATM 845 O O   . HOH B 2 .   ? 11.172  -7.504  11.755  1.00 31.95 ? 124 HOH A O   1 
HETATM 846 O O   . HOH B 2 .   ? -9.052  5.451   -8.849  1.00 37.22 ? 125 HOH A O   1 
HETATM 847 O O   . HOH B 2 .   ? 13.457  -2.472  5.043   1.00 42.57 ? 126 HOH A O   1 
HETATM 848 O O   . HOH B 2 .   ? 3.814   8.515   7.011   1.00 12.42 ? 127 HOH A O   1 
HETATM 849 O O   . HOH B 2 .   ? 2.913   4.808   10.361  1.00 13.20 ? 128 HOH A O   1 
HETATM 850 O O   . HOH B 2 .   ? 6.394   13.844  6.283   1.00 15.13 ? 129 HOH A O   1 
HETATM 851 O O   . HOH B 2 .   ? 16.033  11.441  -6.989  1.00 32.90 ? 130 HOH A O   1 
HETATM 852 O O   . HOH B 2 .   ? -12.394 -9.835  -3.571  1.00 41.97 ? 131 HOH A O   1 
HETATM 853 O O   . HOH B 2 .   ? 7.424   3.440   10.764  1.00 13.55 ? 132 HOH A O   1 
HETATM 854 O O   . HOH B 2 .   ? -10.074 2.247   -15.425 1.00 37.22 ? 133 HOH A O   1 
HETATM 855 O O   . HOH B 2 .   ? 13.073  -9.217  5.646   1.00 35.59 ? 134 HOH A O   1 
HETATM 856 O O   . HOH B 2 .   ? -11.921 7.572   -11.653 1.00 36.48 ? 135 HOH A O   1 
HETATM 857 O O   . HOH B 2 .   ? 8.880   -16.102 13.730  1.00 36.46 ? 136 HOH A O   1 
HETATM 858 O O   . HOH B 2 .   ? 0.470   8.727   10.052  1.00 13.58 ? 137 HOH A O   1 
HETATM 859 O O   . HOH B 2 .   ? 9.110   -1.674  1.186   1.00 18.26 ? 138 HOH A O   1 
HETATM 860 O O   . HOH B 2 .   ? 6.225   9.805   7.258   1.00 20.08 ? 139 HOH A O   1 
HETATM 861 O O   . HOH B 2 .   ? -5.369  11.981  10.677  1.00 32.43 ? 140 HOH A O   1 
HETATM 862 O O   . HOH B 2 .   ? -6.074  -7.407  10.127  1.00 21.60 ? 141 HOH A O   1 
HETATM 863 O O   . HOH B 2 .   ? -0.606  14.831  2.853   1.00 17.27 ? 142 HOH A O   1 
HETATM 864 O O   . HOH B 2 .   ? -5.685  15.772  -3.825  1.00 31.98 ? 143 HOH A O   1 
HETATM 865 O O   . HOH B 2 .   ? -12.485 -2.279  -14.748 1.00 35.98 ? 144 HOH A O   1 
HETATM 866 O O   . HOH B 2 .   ? 8.828   9.628   6.247   1.00 20.80 ? 145 HOH A O   1 
HETATM 867 O O   . HOH B 2 .   ? 10.650  5.731   8.973   1.00 40.52 ? 146 HOH A O   1 
HETATM 868 O O   . HOH B 2 .   ? -5.938  10.246  -16.671 1.00 42.72 ? 147 HOH A O   1 
HETATM 869 O O   . HOH B 2 .   ? 4.434   9.964   -8.408  1.00 15.18 ? 148 HOH A O   1 
HETATM 870 O O   . HOH B 2 .   ? 4.683   -8.129  0.581   1.00 12.87 ? 149 HOH A O   1 
HETATM 871 O O   . HOH B 2 .   ? -2.171  19.031  -13.462 1.00 42.36 ? 150 HOH A O   1 
HETATM 872 O O   . HOH B 2 .   ? -3.280  -18.475 10.816  1.00 46.49 ? 151 HOH A O   1 
HETATM 873 O O   . HOH B 2 .   ? 6.625   8.211   -12.510 1.00 38.67 ? 152 HOH A O   1 
HETATM 874 O O   . HOH B 2 .   ? 8.687   -12.720 11.148  1.00 23.49 ? 153 HOH A O   1 
HETATM 875 O O   . HOH B 2 .   ? 12.267  -8.758  3.023   1.00 35.65 ? 154 HOH A O   1 
HETATM 876 O O   . HOH B 2 .   ? 2.003   16.742  -9.844  1.00 39.17 ? 155 HOH A O   1 
HETATM 877 O O   . HOH B 2 .   ? 15.388  -3.505  3.440   1.00 40.78 ? 156 HOH A O   1 
HETATM 878 O O   . HOH B 2 .   ? -7.768  -3.618  11.644  1.00 33.83 ? 157 HOH A O   1 
HETATM 879 O O   . HOH B 2 .   ? -12.312 0.683   -15.327 1.00 43.17 ? 158 HOH A O   1 
HETATM 880 O O   . HOH B 2 .   ? 11.915  -15.256 4.464   1.00 37.68 ? 159 HOH A O   1 
HETATM 881 O O   . HOH B 2 .   ? 12.471  0.763   7.127   1.00 37.10 ? 160 HOH A O   1 
HETATM 882 O O   . HOH B 2 .   ? -4.311  -0.560  7.488   1.00 14.28 ? 161 HOH A O   1 
HETATM 883 O O   . HOH B 2 .   ? -2.712  11.861  11.129  1.00 23.25 ? 162 HOH A O   1 
HETATM 884 O O   . HOH B 2 .   ? 14.086  -11.881 7.072   1.00 43.47 ? 163 HOH A O   1 
HETATM 885 O O   . HOH B 2 .   ? -13.317 -0.981  3.696   1.00 22.92 ? 164 HOH A O   1 
HETATM 886 O O   . HOH B 2 .   ? -1.373  7.201   11.740  1.00 15.81 ? 165 HOH A O   1 
HETATM 887 O O   . HOH B 2 .   ? 0.291   -13.075 2.370   1.00 19.08 ? 166 HOH A O   1 
HETATM 888 O O   . HOH B 2 .   ? 0.958   -22.093 13.666  1.00 34.48 ? 167 HOH A O   1 
HETATM 889 O O   . HOH B 2 .   ? 14.046  -13.438 4.861   1.00 46.70 ? 168 HOH A O   1 
HETATM 890 O O   . HOH B 2 .   ? -2.111  -1.284  -10.904 1.00 21.54 ? 169 HOH A O   1 
HETATM 891 O O   . HOH B 2 .   ? -10.310 4.268   -17.247 1.00 43.63 ? 170 HOH A O   1 
HETATM 892 O O   . HOH B 2 .   ? 12.872  -14.697 6.967   1.00 51.50 ? 171 HOH A O   1 
HETATM 893 O O   . HOH B 2 .   ? -6.196  8.502   -18.744 1.00 48.49 ? 172 HOH A O   1 
HETATM 894 O O   . HOH B 2 .   ? 1.845   -22.657 17.069  1.00 49.04 ? 173 HOH A O   1 
HETATM 895 O O   . HOH B 2 .   ? 12.366  -13.106 9.116   1.00 44.88 ? 174 HOH A O   1 
HETATM 896 O O   . HOH B 2 .   ? 0.108   -15.515 13.538  1.00 41.13 ? 175 HOH A O   1 
HETATM 897 O O   . HOH B 2 .   ? 13.367  1.886   -12.823 1.00 34.83 ? 176 HOH A O   1 
HETATM 898 O O   . HOH B 2 .   ? 5.436   16.174  -5.767  1.00 14.50 ? 177 HOH A O   1 
HETATM 899 O O   . HOH B 2 .   ? 12.139  13.260  -9.307  1.00 20.10 ? 178 HOH A O   1 
HETATM 900 O O   . HOH B 2 .   ? -0.709  11.450  -0.249  1.00 13.84 ? 179 HOH A O   1 
HETATM 901 O O   . HOH B 2 .   ? -15.806 -0.744  -0.236  1.00 22.00 ? 180 HOH A O   1 
HETATM 902 O O   . HOH B 2 .   ? 14.829  5.890   -10.203 1.00 40.71 ? 181 HOH A O   1 
HETATM 903 O O   . HOH B 2 .   ? -11.956 4.869   2.056   0.50 21.83 ? 182 HOH A O   1 
HETATM 904 O O   . HOH B 2 .   ? 13.680  3.407   7.384   1.00 44.17 ? 183 HOH A O   1 
HETATM 905 O O   . HOH B 2 .   ? 1.971   13.445  -13.773 1.00 43.75 ? 184 HOH A O   1 
HETATM 906 O O   . HOH B 2 .   ? -5.063  5.538   12.292  1.00 22.37 ? 185 HOH A O   1 
HETATM 907 O O   . HOH B 2 .   ? -8.623  -14.636 10.067  1.00 40.66 ? 186 HOH A O   1 
HETATM 908 O O   . HOH B 2 .   ? 8.156   -17.031 10.768  1.00 46.81 ? 187 HOH A O   1 
HETATM 909 O O   . HOH B 2 .   ? -11.962 -15.697 6.078   1.00 50.72 ? 188 HOH A O   1 
HETATM 910 O O   . HOH B 2 .   ? 0.281   -18.171 4.716   1.00 27.15 ? 189 HOH A O   1 
HETATM 911 O O   . HOH B 2 .   ? -17.969 -6.175  -6.425  1.00 52.35 ? 190 HOH A O   1 
HETATM 912 O O   . HOH B 2 .   ? 2.741   -14.707 2.680   1.00 22.42 ? 191 HOH A O   1 
HETATM 913 O O   . HOH B 2 .   ? 12.629  11.875  -1.075  1.00 20.38 ? 192 HOH A O   1 
HETATM 914 O O   . HOH B 2 .   ? 9.588   10.770  -11.924 1.00 39.08 ? 193 HOH A O   1 
HETATM 915 O O   . HOH B 2 .   ? 12.682  -0.363  9.592   1.00 42.76 ? 194 HOH A O   1 
HETATM 916 O O   . HOH B 2 .   ? 12.063  9.636   -11.979 1.00 41.03 ? 195 HOH A O   1 
HETATM 917 O O   . HOH B 2 .   ? -8.540  13.416  0.363   1.00 28.50 ? 196 HOH A O   1 
HETATM 918 O O   . HOH B 2 .   ? -6.598  -2.039  8.743   1.00 23.08 ? 197 HOH A O   1 
HETATM 919 O O   . HOH B 2 .   ? -12.446 0.152   5.988   1.00 28.33 ? 198 HOH A O   1 
HETATM 920 O O   . HOH B 2 .   ? 4.884   5.989   -14.172 1.00 22.87 ? 199 HOH A O   1 
HETATM 921 O O   . HOH B 2 .   ? 1.037   17.320  -4.870  1.00 20.66 ? 200 HOH A O   1 
HETATM 922 O O   . HOH B 2 .   ? -17.206 0.806   -3.604  1.00 21.65 ? 201 HOH A O   1 
HETATM 923 O O   . HOH B 2 .   ? -4.320  2.667   -15.221 1.00 33.86 ? 202 HOH A O   1 
HETATM 924 O O   . HOH B 2 .   ? -4.770  12.097  -14.926 1.00 24.12 ? 203 HOH A O   1 
HETATM 925 O O   . HOH B 2 .   ? -8.909  9.598   -10.304 1.00 25.75 ? 204 HOH A O   1 
HETATM 926 O O   . HOH B 2 .   ? 1.426   -13.413 14.524  1.00 25.10 ? 205 HOH A O   1 
HETATM 927 O O   . HOH B 2 .   ? -3.557  13.546  -7.768  1.00 20.88 ? 206 HOH A O   1 
HETATM 928 O O   . HOH B 2 .   ? -0.118  -23.085 5.043   1.00 27.80 ? 207 HOH A O   1 
HETATM 929 O O   . HOH B 2 .   ? 7.144   16.256  -9.294  1.00 29.89 ? 208 HOH A O   1 
HETATM 930 O O   . HOH B 2 .   ? 12.380  6.021   -6.454  1.00 29.49 ? 209 HOH A O   1 
HETATM 931 O O   . HOH B 2 .   ? -0.228  -15.028 0.605   1.00 22.24 ? 210 HOH A O   1 
HETATM 932 O O   . HOH B 2 .   ? 1.250   0.455   -15.132 1.00 25.55 ? 211 HOH A O   1 
HETATM 933 O O   . HOH B 2 .   ? -11.820 -7.157  1.621   1.00 32.12 ? 212 HOH A O   1 
HETATM 934 O O   . HOH B 2 .   ? 13.753  -1.515  -1.224  1.00 44.62 ? 213 HOH A O   1 
HETATM 935 O O   . HOH B 2 .   ? -3.265  -18.797 8.128   1.00 32.36 ? 214 HOH A O   1 
HETATM 936 O O   . HOH B 2 .   ? -10.201 -3.678  7.995   1.00 30.13 ? 215 HOH A O   1 
HETATM 937 O O   . HOH B 2 .   ? 10.810  -9.208  9.797   1.00 31.06 ? 216 HOH A O   1 
HETATM 938 O O   . HOH B 2 .   ? 0.093   13.959  0.386   1.00 20.17 ? 217 HOH A O   1 
HETATM 939 O O   . HOH B 2 .   ? 9.306   17.180  -7.859  1.00 16.32 ? 218 HOH A O   1 
HETATM 940 O O   . HOH B 2 .   ? 13.177  5.429   5.659   1.00 22.63 ? 219 HOH A O   1 
HETATM 941 O O   . HOH B 2 .   ? 4.195   -0.481  -15.446 1.00 29.32 ? 220 HOH A O   1 
HETATM 942 O O   . HOH B 2 .   ? 10.018  -14.631 8.980   1.00 31.13 ? 221 HOH A O   1 
HETATM 943 O O   . HOH B 2 .   ? -15.573 -3.445  -4.238  1.00 26.76 ? 222 HOH A O   1 
HETATM 944 O O   . HOH B 2 .   ? -9.318  3.654   11.383  1.00 25.23 ? 223 HOH A O   1 
HETATM 945 O O   . HOH B 2 .   ? -7.816  7.136   -10.701 1.00 29.54 ? 224 HOH A O   1 
HETATM 946 O O   . HOH B 2 .   ? -0.965  15.998  -1.317  1.00 25.14 ? 225 HOH A O   1 
HETATM 947 O O   . HOH B 2 .   ? 1.063   -15.541 4.411   1.00 31.22 ? 226 HOH A O   1 
HETATM 948 O O   . HOH B 2 .   ? 5.012   10.337  -11.039 1.00 24.31 ? 227 HOH A O   1 
HETATM 949 O O   . HOH B 2 .   ? 0.766   -15.089 10.936  1.00 28.89 ? 228 HOH A O   1 
HETATM 950 O O   . HOH B 2 .   ? -8.032  10.008  -12.763 1.00 29.06 ? 229 HOH A O   1 
HETATM 951 O O   . HOH B 2 .   ? 6.321   11.316  9.767   1.00 20.25 ? 230 HOH A O   1 
HETATM 952 O O   . HOH B 2 .   ? 10.466  7.563   7.095   1.00 30.76 ? 231 HOH A O   1 
HETATM 953 O O   . HOH B 2 .   ? 7.874   8.984   -10.252 1.00 32.18 ? 232 HOH A O   1 
HETATM 954 O O   . HOH B 2 .   ? 3.226   9.569   -12.963 1.00 24.55 ? 233 HOH A O   1 
HETATM 955 O O   . HOH B 2 .   ? -7.009  5.878   9.793   1.00 23.01 ? 234 HOH A O   1 
HETATM 956 O O   . HOH B 2 .   ? -4.351  -18.796 2.053   1.00 31.90 ? 235 HOH A O   1 
HETATM 957 O O   . HOH B 2 .   ? 15.728  10.106  -4.082  1.00 33.51 ? 236 HOH A O   1 
HETATM 958 O O   . HOH B 2 .   ? 6.936   -15.031 1.037   1.00 24.22 ? 237 HOH A O   1 
HETATM 959 O O   . HOH B 2 .   ? -11.497 -1.167  8.211   1.00 29.71 ? 238 HOH A O   1 
HETATM 960 O O   . HOH B 2 .   ? 10.135  0.905   8.508   1.00 26.42 ? 239 HOH A O   1 
HETATM 961 O O   . HOH B 2 .   ? -9.520  8.662   -3.727  1.00 27.02 ? 240 HOH A O   1 
HETATM 962 O O   . HOH B 2 .   ? 8.326   5.341   -10.213 1.00 32.66 ? 241 HOH A O   1 
HETATM 963 O O   . HOH B 2 .   ? -9.274  2.774   -8.841  1.00 37.73 ? 242 HOH A O   1 
HETATM 964 O O   . HOH B 2 .   ? 8.553   5.906   10.520  1.00 28.34 ? 243 HOH A O   1 
HETATM 965 O O   . HOH B 2 .   ? 12.449  -10.425 14.683  1.00 26.83 ? 244 HOH A O   1 
HETATM 966 O O   . HOH B 2 .   ? -5.684  -5.817  14.386  1.00 26.70 ? 245 HOH A O   1 
HETATM 967 O O   . HOH B 2 .   ? -2.210  -8.467  13.438  1.00 28.15 ? 246 HOH A O   1 
HETATM 968 O O   . HOH B 2 .   ? 4.669   10.906  11.904  1.00 29.45 ? 247 HOH A O   1 
HETATM 969 O O   . HOH B 2 .   ? -4.841  15.632  -6.609  1.00 33.38 ? 248 HOH A O   1 
HETATM 970 O O   . HOH B 2 .   ? -0.085  -10.224 -5.332  1.00 35.15 ? 249 HOH A O   1 
HETATM 971 O O   . HOH B 2 .   ? 10.301  7.435   -9.087  1.00 30.63 ? 250 HOH A O   1 
HETATM 972 O O   . HOH B 2 .   ? 0.392   -1.686  -16.321 1.00 31.53 ? 251 HOH A O   1 
HETATM 973 O O   . HOH B 2 .   ? 2.090   11.998  12.712  1.00 35.60 ? 252 HOH A O   1 
HETATM 974 O O   . HOH B 2 .   ? 15.201  6.768   -6.185  1.00 40.96 ? 253 HOH A O   1 
HETATM 975 O O   . HOH B 2 .   ? 3.897   -1.766  -10.784 1.00 32.20 ? 254 HOH A O   1 
HETATM 976 O O   . HOH B 2 .   ? -11.708 1.310   -7.086  1.00 28.46 ? 255 HOH A O   1 
HETATM 977 O O   . HOH B 2 .   ? -5.588  -11.925 12.264  1.00 38.87 ? 256 HOH A O   1 
HETATM 978 O O   . HOH B 2 .   ? 1.333   15.701  -7.451  1.00 25.25 ? 257 HOH A O   1 
HETATM 979 O O   . HOH B 2 .   ? -4.505  14.263  -11.419 1.00 32.26 ? 258 HOH A O   1 
HETATM 980 O O   . HOH B 2 .   ? 8.973   -16.358 -4.169  1.00 33.77 ? 259 HOH A O   1 
HETATM 981 O O   . HOH B 2 .   ? 10.211  -6.418  8.544   1.00 47.33 ? 260 HOH A O   1 
HETATM 982 O O   . HOH B 2 .   ? -10.192 -8.924  3.325   1.00 39.77 ? 261 HOH A O   1 
HETATM 983 O O   . HOH B 2 .   ? 12.983  8.378   7.006   1.00 32.47 ? 262 HOH A O   1 
HETATM 984 O O   . HOH B 2 .   ? 3.298   14.810  -11.818 1.00 35.65 ? 263 HOH A O   1 
HETATM 985 O O   . HOH B 2 .   ? -4.189  15.790  8.386   1.00 32.09 ? 264 HOH A O   1 
HETATM 986 O O   . HOH B 2 .   ? -10.590 3.209   -12.979 1.00 34.63 ? 265 HOH A O   1 
HETATM 987 O O   . HOH B 2 .   ? 8.418   -6.343  5.976   1.00 27.27 ? 266 HOH A O   1 
HETATM 988 O O   . HOH B 2 .   ? 1.227   -0.966  -10.604 1.00 35.75 ? 267 HOH A O   1 
# 
